data_5FZU
# 
_entry.id   5FZU 
# 
_audit_conform.dict_name       mmcif_pdbx.dic 
_audit_conform.dict_version    5.397 
_audit_conform.dict_location   http://mmcif.pdb.org/dictionaries/ascii/mmcif_pdbx.dic 
# 
loop_
_database_2.database_id 
_database_2.database_code 
_database_2.pdbx_database_accession 
_database_2.pdbx_DOI 
PDB   5FZU         pdb_00005fzu 10.2210/pdb5fzu/pdb 
PDBE  EBI-66490    ?            ?                   
WWPDB D_1290066490 ?            ?                   
# 
loop_
_pdbx_audit_revision_history.ordinal 
_pdbx_audit_revision_history.data_content_type 
_pdbx_audit_revision_history.major_revision 
_pdbx_audit_revision_history.minor_revision 
_pdbx_audit_revision_history.revision_date 
1 'Structure model' 1 0 2016-07-06 
2 'Structure model' 1 1 2017-03-15 
3 'Structure model' 1 2 2024-01-10 
4 'Structure model' 1 3 2024-10-23 
# 
_pdbx_audit_revision_details.ordinal             1 
_pdbx_audit_revision_details.revision_ordinal    1 
_pdbx_audit_revision_details.data_content_type   'Structure model' 
_pdbx_audit_revision_details.provider            repository 
_pdbx_audit_revision_details.type                'Initial release' 
_pdbx_audit_revision_details.description         ? 
_pdbx_audit_revision_details.details             ? 
# 
loop_
_pdbx_audit_revision_group.ordinal 
_pdbx_audit_revision_group.revision_ordinal 
_pdbx_audit_revision_group.data_content_type 
_pdbx_audit_revision_group.group 
1 2 'Structure model' 'Database references'    
2 3 'Structure model' 'Data collection'        
3 3 'Structure model' 'Database references'    
4 3 'Structure model' Other                    
5 3 'Structure model' 'Refinement description' 
6 4 'Structure model' 'Structure summary'      
# 
loop_
_pdbx_audit_revision_category.ordinal 
_pdbx_audit_revision_category.revision_ordinal 
_pdbx_audit_revision_category.data_content_type 
_pdbx_audit_revision_category.category 
1 3 'Structure model' chem_comp_atom                
2 3 'Structure model' chem_comp_bond                
3 3 'Structure model' database_2                    
4 3 'Structure model' pdbx_database_status          
5 3 'Structure model' pdbx_initial_refinement_model 
6 4 'Structure model' pdbx_entry_details            
7 4 'Structure model' pdbx_modification_feature     
# 
loop_
_pdbx_audit_revision_item.ordinal 
_pdbx_audit_revision_item.revision_ordinal 
_pdbx_audit_revision_item.data_content_type 
_pdbx_audit_revision_item.item 
1 3 'Structure model' '_database_2.pdbx_DOI'                         
2 3 'Structure model' '_database_2.pdbx_database_accession'          
3 3 'Structure model' '_pdbx_database_status.status_code_sf'         
4 4 'Structure model' '_pdbx_entry_details.has_protein_modification' 
# 
_pdbx_database_status.status_code                     REL 
_pdbx_database_status.entry_id                        5FZU 
_pdbx_database_status.deposit_site                    PDBE 
_pdbx_database_status.process_site                    PDBE 
_pdbx_database_status.SG_entry                        . 
_pdbx_database_status.recvd_initial_deposition_date   2016-03-15 
_pdbx_database_status.pdb_format_compatible           Y 
_pdbx_database_status.status_code_sf                  REL 
_pdbx_database_status.status_code_mr                  ? 
_pdbx_database_status.status_code_cs                  ? 
_pdbx_database_status.methods_development_category    ? 
_pdbx_database_status.status_code_nmr_data            ? 
# 
loop_
_pdbx_database_related.db_name 
_pdbx_database_related.db_id 
_pdbx_database_related.content_type 
_pdbx_database_related.details 
PDB 5FZY unspecified 
;CRYSTAL STRUCTURE OF N19D POTATO STI-KUNITZ BI- FUNCTIONAL INHIBITOR OF SERINE AND ASPARTIC PROTEASES IN SPACE GROUP C2221 AND PH 3.5
;
PDB 5FZZ unspecified 
'CRYSTAL STRUCTURE OF POTATO STI-KUNITZ BI-FUNCTIONAL INHIBITOR OF SERINE AND ASPARTIC PROTEASES IN SPACE GROUP P22121 AND PH 7.0' 
PDB 5G00 unspecified 
'CRYSTAL STRUCTURE OF A POTATO STI-KUNITZ BIFUNCTIONAL INHIBITOR OF SERINE AND ASPARTIC PROTEASES IN SPACE GROUP P4322 AND PH 7.4' 
# 
loop_
_audit_author.name 
_audit_author.pdbx_ordinal 
'Guerra, Y.'        1 
'Rudino-Pinero, E.' 2 
# 
_citation.id                        primary 
_citation.title                     
;Structures of a bi-functional Kunitz-type STI family inhibitor of serine and aspartic proteases: Could the aspartic protease inhibition have evolved from a canonical serine protease-binding loop?
;
_citation.journal_abbrev            'J. Struct. Biol.' 
_citation.journal_volume            195 
_citation.page_first                259 
_citation.page_last                 271 
_citation.year                      2016 
_citation.journal_id_ASTM           JSBIEM 
_citation.country                   US 
_citation.journal_id_ISSN           1095-8657 
_citation.journal_id_CSD            0803 
_citation.book_publisher            ? 
_citation.pdbx_database_id_PubMed   27329566 
_citation.pdbx_database_id_DOI      10.1016/j.jsb.2016.06.014 
# 
loop_
_citation_author.citation_id 
_citation_author.name 
_citation_author.ordinal 
_citation_author.identifier_ORCID 
primary 'Guerra, Y.'        1 ? 
primary 'Valiente, P.A.'    2 ? 
primary 'Pons, T.'          3 ? 
primary 'Berry, C.'         4 ? 
primary 'Rudino-Pinera, E.' 5 ? 
# 
loop_
_entity.id 
_entity.type 
_entity.src_method 
_entity.pdbx_description 
_entity.formula_weight 
_entity.pdbx_number_of_molecules 
_entity.pdbx_ec 
_entity.pdbx_mutation 
_entity.pdbx_fragment 
_entity.details 
1 polymer man 'KTI-A PROTEIN' 20527.490 1  ? YES ? ? 
2 water   nat water           18.015    33 ? ?   ? ? 
# 
_entity_poly.entity_id                      1 
_entity_poly.type                           'polypeptide(L)' 
_entity_poly.nstd_linkage                   no 
_entity_poly.nstd_monomer                   no 
_entity_poly.pdbx_seq_one_letter_code       
;ESPLPKPVLDTNGKELNPDSSYRIISIGRGALGGDVYLGKSPNSDAPCPDGVFRYNSDVGPSGTPVRFIPLSTNIFEDQL
LNIQFNIPTVKLCVSYTIWKVGNLNAYFRTMLLETGGTIGQADNSYFKIVKSSKIGYNLLSCPFTSIICLRCPEDQFCAK
VGVVIQNGKRRLALVNENPLDVLFQEV
;
_entity_poly.pdbx_seq_one_letter_code_can   
;ESPLPKPVLDTNGKELNPDSSYRIISIGRGALGGDVYLGKSPNSDAPCPDGVFRYNSDVGPSGTPVRFIPLSTNIFEDQL
LNIQFNIPTVKLCVSYTIWKVGNLNAYFRTMLLETGGTIGQADNSYFKIVKSSKIGYNLLSCPFTSIICLRCPEDQFCAK
VGVVIQNGKRRLALVNENPLDVLFQEV
;
_entity_poly.pdbx_strand_id                 A 
_entity_poly.pdbx_target_identifier         ? 
# 
_pdbx_entity_nonpoly.entity_id   2 
_pdbx_entity_nonpoly.name        water 
_pdbx_entity_nonpoly.comp_id     HOH 
# 
loop_
_entity_poly_seq.entity_id 
_entity_poly_seq.num 
_entity_poly_seq.mon_id 
_entity_poly_seq.hetero 
1 1   GLU n 
1 2   SER n 
1 3   PRO n 
1 4   LEU n 
1 5   PRO n 
1 6   LYS n 
1 7   PRO n 
1 8   VAL n 
1 9   LEU n 
1 10  ASP n 
1 11  THR n 
1 12  ASN n 
1 13  GLY n 
1 14  LYS n 
1 15  GLU n 
1 16  LEU n 
1 17  ASN n 
1 18  PRO n 
1 19  ASP n 
1 20  SER n 
1 21  SER n 
1 22  TYR n 
1 23  ARG n 
1 24  ILE n 
1 25  ILE n 
1 26  SER n 
1 27  ILE n 
1 28  GLY n 
1 29  ARG n 
1 30  GLY n 
1 31  ALA n 
1 32  LEU n 
1 33  GLY n 
1 34  GLY n 
1 35  ASP n 
1 36  VAL n 
1 37  TYR n 
1 38  LEU n 
1 39  GLY n 
1 40  LYS n 
1 41  SER n 
1 42  PRO n 
1 43  ASN n 
1 44  SER n 
1 45  ASP n 
1 46  ALA n 
1 47  PRO n 
1 48  CYS n 
1 49  PRO n 
1 50  ASP n 
1 51  GLY n 
1 52  VAL n 
1 53  PHE n 
1 54  ARG n 
1 55  TYR n 
1 56  ASN n 
1 57  SER n 
1 58  ASP n 
1 59  VAL n 
1 60  GLY n 
1 61  PRO n 
1 62  SER n 
1 63  GLY n 
1 64  THR n 
1 65  PRO n 
1 66  VAL n 
1 67  ARG n 
1 68  PHE n 
1 69  ILE n 
1 70  PRO n 
1 71  LEU n 
1 72  SER n 
1 73  THR n 
1 74  ASN n 
1 75  ILE n 
1 76  PHE n 
1 77  GLU n 
1 78  ASP n 
1 79  GLN n 
1 80  LEU n 
1 81  LEU n 
1 82  ASN n 
1 83  ILE n 
1 84  GLN n 
1 85  PHE n 
1 86  ASN n 
1 87  ILE n 
1 88  PRO n 
1 89  THR n 
1 90  VAL n 
1 91  LYS n 
1 92  LEU n 
1 93  CYS n 
1 94  VAL n 
1 95  SER n 
1 96  TYR n 
1 97  THR n 
1 98  ILE n 
1 99  TRP n 
1 100 LYS n 
1 101 VAL n 
1 102 GLY n 
1 103 ASN n 
1 104 LEU n 
1 105 ASN n 
1 106 ALA n 
1 107 TYR n 
1 108 PHE n 
1 109 ARG n 
1 110 THR n 
1 111 MET n 
1 112 LEU n 
1 113 LEU n 
1 114 GLU n 
1 115 THR n 
1 116 GLY n 
1 117 GLY n 
1 118 THR n 
1 119 ILE n 
1 120 GLY n 
1 121 GLN n 
1 122 ALA n 
1 123 ASP n 
1 124 ASN n 
1 125 SER n 
1 126 TYR n 
1 127 PHE n 
1 128 LYS n 
1 129 ILE n 
1 130 VAL n 
1 131 LYS n 
1 132 SER n 
1 133 SER n 
1 134 LYS n 
1 135 ILE n 
1 136 GLY n 
1 137 TYR n 
1 138 ASN n 
1 139 LEU n 
1 140 LEU n 
1 141 SER n 
1 142 CYS n 
1 143 PRO n 
1 144 PHE n 
1 145 THR n 
1 146 SER n 
1 147 ILE n 
1 148 ILE n 
1 149 CYS n 
1 150 LEU n 
1 151 ARG n 
1 152 CYS n 
1 153 PRO n 
1 154 GLU n 
1 155 ASP n 
1 156 GLN n 
1 157 PHE n 
1 158 CYS n 
1 159 ALA n 
1 160 LYS n 
1 161 VAL n 
1 162 GLY n 
1 163 VAL n 
1 164 VAL n 
1 165 ILE n 
1 166 GLN n 
1 167 ASN n 
1 168 GLY n 
1 169 LYS n 
1 170 ARG n 
1 171 ARG n 
1 172 LEU n 
1 173 ALA n 
1 174 LEU n 
1 175 VAL n 
1 176 ASN n 
1 177 GLU n 
1 178 ASN n 
1 179 PRO n 
1 180 LEU n 
1 181 ASP n 
1 182 VAL n 
1 183 LEU n 
1 184 PHE n 
1 185 GLN n 
1 186 GLU n 
1 187 VAL n 
# 
_entity_src_gen.entity_id                          1 
_entity_src_gen.pdbx_src_id                        1 
_entity_src_gen.pdbx_alt_source_flag               sample 
_entity_src_gen.pdbx_seq_type                      ? 
_entity_src_gen.pdbx_beg_seq_num                   ? 
_entity_src_gen.pdbx_end_seq_num                   ? 
_entity_src_gen.gene_src_common_name               POTATO 
_entity_src_gen.gene_src_genus                     ? 
_entity_src_gen.pdbx_gene_src_gene                 ? 
_entity_src_gen.gene_src_species                   ? 
_entity_src_gen.gene_src_strain                    ? 
_entity_src_gen.gene_src_tissue                    ? 
_entity_src_gen.gene_src_tissue_fraction           ? 
_entity_src_gen.gene_src_details                   ? 
_entity_src_gen.pdbx_gene_src_fragment             ? 
_entity_src_gen.pdbx_gene_src_scientific_name      'SOLANUM TUBEROSUM' 
_entity_src_gen.pdbx_gene_src_ncbi_taxonomy_id     4113 
_entity_src_gen.pdbx_gene_src_variant              ESTIMA 
_entity_src_gen.pdbx_gene_src_cell_line            ? 
_entity_src_gen.pdbx_gene_src_atcc                 ? 
_entity_src_gen.pdbx_gene_src_organ                ? 
_entity_src_gen.pdbx_gene_src_organelle            ? 
_entity_src_gen.pdbx_gene_src_cell                 ? 
_entity_src_gen.pdbx_gene_src_cellular_location    ? 
_entity_src_gen.host_org_common_name               ? 
_entity_src_gen.pdbx_host_org_scientific_name      'KOMAGATAELLA PASTORIS' 
_entity_src_gen.pdbx_host_org_ncbi_taxonomy_id     644223 
_entity_src_gen.host_org_genus                     ? 
_entity_src_gen.pdbx_host_org_gene                 ? 
_entity_src_gen.pdbx_host_org_organ                ? 
_entity_src_gen.host_org_species                   ? 
_entity_src_gen.pdbx_host_org_tissue               ? 
_entity_src_gen.pdbx_host_org_tissue_fraction      ? 
_entity_src_gen.pdbx_host_org_strain               GS115 
_entity_src_gen.pdbx_host_org_variant              ? 
_entity_src_gen.pdbx_host_org_cell_line            ? 
_entity_src_gen.pdbx_host_org_atcc                 ? 
_entity_src_gen.pdbx_host_org_culture_collection   ? 
_entity_src_gen.pdbx_host_org_cell                 ? 
_entity_src_gen.pdbx_host_org_organelle            ? 
_entity_src_gen.pdbx_host_org_cellular_location    ? 
_entity_src_gen.pdbx_host_org_vector_type          ? 
_entity_src_gen.pdbx_host_org_vector               ? 
_entity_src_gen.host_org_details                   ? 
_entity_src_gen.expression_system_id               ? 
_entity_src_gen.plasmid_name                       PPICZALPHAC 
_entity_src_gen.plasmid_details                    ? 
_entity_src_gen.pdbx_description                   ? 
# 
loop_
_chem_comp.id 
_chem_comp.type 
_chem_comp.mon_nstd_flag 
_chem_comp.name 
_chem_comp.pdbx_synonyms 
_chem_comp.formula 
_chem_comp.formula_weight 
ALA 'L-peptide linking' y ALANINE         ? 'C3 H7 N O2'     89.093  
ARG 'L-peptide linking' y ARGININE        ? 'C6 H15 N4 O2 1' 175.209 
ASN 'L-peptide linking' y ASPARAGINE      ? 'C4 H8 N2 O3'    132.118 
ASP 'L-peptide linking' y 'ASPARTIC ACID' ? 'C4 H7 N O4'     133.103 
CYS 'L-peptide linking' y CYSTEINE        ? 'C3 H7 N O2 S'   121.158 
GLN 'L-peptide linking' y GLUTAMINE       ? 'C5 H10 N2 O3'   146.144 
GLU 'L-peptide linking' y 'GLUTAMIC ACID' ? 'C5 H9 N O4'     147.129 
GLY 'peptide linking'   y GLYCINE         ? 'C2 H5 N O2'     75.067  
HOH non-polymer         . WATER           ? 'H2 O'           18.015  
ILE 'L-peptide linking' y ISOLEUCINE      ? 'C6 H13 N O2'    131.173 
LEU 'L-peptide linking' y LEUCINE         ? 'C6 H13 N O2'    131.173 
LYS 'L-peptide linking' y LYSINE          ? 'C6 H15 N2 O2 1' 147.195 
MET 'L-peptide linking' y METHIONINE      ? 'C5 H11 N O2 S'  149.211 
PHE 'L-peptide linking' y PHENYLALANINE   ? 'C9 H11 N O2'    165.189 
PRO 'L-peptide linking' y PROLINE         ? 'C5 H9 N O2'     115.130 
SER 'L-peptide linking' y SERINE          ? 'C3 H7 N O3'     105.093 
THR 'L-peptide linking' y THREONINE       ? 'C4 H9 N O3'     119.119 
TRP 'L-peptide linking' y TRYPTOPHAN      ? 'C11 H12 N2 O2'  204.225 
TYR 'L-peptide linking' y TYROSINE        ? 'C9 H11 N O3'    181.189 
VAL 'L-peptide linking' y VALINE          ? 'C5 H11 N O2'    117.146 
# 
loop_
_pdbx_poly_seq_scheme.asym_id 
_pdbx_poly_seq_scheme.entity_id 
_pdbx_poly_seq_scheme.seq_id 
_pdbx_poly_seq_scheme.mon_id 
_pdbx_poly_seq_scheme.ndb_seq_num 
_pdbx_poly_seq_scheme.pdb_seq_num 
_pdbx_poly_seq_scheme.auth_seq_num 
_pdbx_poly_seq_scheme.pdb_mon_id 
_pdbx_poly_seq_scheme.auth_mon_id 
_pdbx_poly_seq_scheme.pdb_strand_id 
_pdbx_poly_seq_scheme.pdb_ins_code 
_pdbx_poly_seq_scheme.hetero 
A 1 1   GLU 1   1   ?   ?   ?   A . n 
A 1 2   SER 2   2   ?   ?   ?   A . n 
A 1 3   PRO 3   3   3   PRO PRO A . n 
A 1 4   LEU 4   4   4   LEU LEU A . n 
A 1 5   PRO 5   5   5   PRO PRO A . n 
A 1 6   LYS 6   6   6   LYS LYS A . n 
A 1 7   PRO 7   7   7   PRO PRO A . n 
A 1 8   VAL 8   8   8   VAL VAL A . n 
A 1 9   LEU 9   9   9   LEU LEU A . n 
A 1 10  ASP 10  10  10  ASP ASP A . n 
A 1 11  THR 11  11  11  THR THR A . n 
A 1 12  ASN 12  12  12  ASN ASN A . n 
A 1 13  GLY 13  13  13  GLY GLY A . n 
A 1 14  LYS 14  14  14  LYS LYS A . n 
A 1 15  GLU 15  15  15  GLU GLU A . n 
A 1 16  LEU 16  16  16  LEU LEU A . n 
A 1 17  ASN 17  17  17  ASN ASN A . n 
A 1 18  PRO 18  18  18  PRO PRO A . n 
A 1 19  ASP 19  19  19  ASP ASP A . n 
A 1 20  SER 20  20  20  SER SER A . n 
A 1 21  SER 21  21  21  SER SER A . n 
A 1 22  TYR 22  22  22  TYR TYR A . n 
A 1 23  ARG 23  23  23  ARG ARG A . n 
A 1 24  ILE 24  24  24  ILE ILE A . n 
A 1 25  ILE 25  25  25  ILE ILE A . n 
A 1 26  SER 26  26  26  SER SER A . n 
A 1 27  ILE 27  27  27  ILE ILE A . n 
A 1 28  GLY 28  28  28  GLY GLY A . n 
A 1 29  ARG 29  29  29  ARG ARG A . n 
A 1 30  GLY 30  30  30  GLY GLY A . n 
A 1 31  ALA 31  31  31  ALA ALA A . n 
A 1 32  LEU 32  32  32  LEU LEU A . n 
A 1 33  GLY 33  33  33  GLY GLY A . n 
A 1 34  GLY 34  34  34  GLY GLY A . n 
A 1 35  ASP 35  35  35  ASP ASP A . n 
A 1 36  VAL 36  36  36  VAL VAL A . n 
A 1 37  TYR 37  37  37  TYR TYR A . n 
A 1 38  LEU 38  38  38  LEU LEU A . n 
A 1 39  GLY 39  39  39  GLY GLY A . n 
A 1 40  LYS 40  40  40  LYS LYS A . n 
A 1 41  SER 41  41  41  SER SER A . n 
A 1 42  PRO 42  42  42  PRO PRO A . n 
A 1 43  ASN 43  43  43  ASN ASN A . n 
A 1 44  SER 44  44  44  SER SER A . n 
A 1 45  ASP 45  45  45  ASP ASP A . n 
A 1 46  ALA 46  46  46  ALA ALA A . n 
A 1 47  PRO 47  47  47  PRO PRO A . n 
A 1 48  CYS 48  48  48  CYS CYS A . n 
A 1 49  PRO 49  49  49  PRO PRO A . n 
A 1 50  ASP 50  50  50  ASP ASP A . n 
A 1 51  GLY 51  51  51  GLY GLY A . n 
A 1 52  VAL 52  52  52  VAL VAL A . n 
A 1 53  PHE 53  53  53  PHE PHE A . n 
A 1 54  ARG 54  54  54  ARG ARG A . n 
A 1 55  TYR 55  55  55  TYR TYR A . n 
A 1 56  ASN 56  56  56  ASN ASN A . n 
A 1 57  SER 57  57  57  SER SER A . n 
A 1 58  ASP 58  58  58  ASP ASP A . n 
A 1 59  VAL 59  59  59  VAL VAL A . n 
A 1 60  GLY 60  60  60  GLY GLY A . n 
A 1 61  PRO 61  61  61  PRO PRO A . n 
A 1 62  SER 62  62  62  SER SER A . n 
A 1 63  GLY 63  63  63  GLY GLY A . n 
A 1 64  THR 64  64  64  THR THR A . n 
A 1 65  PRO 65  65  65  PRO PRO A . n 
A 1 66  VAL 66  66  66  VAL VAL A . n 
A 1 67  ARG 67  67  67  ARG ARG A . n 
A 1 68  PHE 68  68  68  PHE PHE A . n 
A 1 69  ILE 69  69  69  ILE ILE A . n 
A 1 70  PRO 70  70  70  PRO PRO A . n 
A 1 71  LEU 71  71  71  LEU LEU A . n 
A 1 72  SER 72  72  72  SER SER A . n 
A 1 73  THR 73  73  73  THR THR A . n 
A 1 74  ASN 74  74  74  ASN ASN A . n 
A 1 75  ILE 75  75  75  ILE ILE A . n 
A 1 76  PHE 76  76  76  PHE PHE A . n 
A 1 77  GLU 77  77  77  GLU GLU A . n 
A 1 78  ASP 78  78  78  ASP ASP A . n 
A 1 79  GLN 79  79  79  GLN GLN A . n 
A 1 80  LEU 80  80  80  LEU LEU A . n 
A 1 81  LEU 81  81  81  LEU LEU A . n 
A 1 82  ASN 82  82  82  ASN ASN A . n 
A 1 83  ILE 83  83  83  ILE ILE A . n 
A 1 84  GLN 84  84  84  GLN GLN A . n 
A 1 85  PHE 85  85  85  PHE PHE A . n 
A 1 86  ASN 86  86  86  ASN ASN A . n 
A 1 87  ILE 87  87  87  ILE ILE A . n 
A 1 88  PRO 88  88  88  PRO PRO A . n 
A 1 89  THR 89  89  89  THR THR A . n 
A 1 90  VAL 90  90  90  VAL VAL A . n 
A 1 91  LYS 91  91  91  LYS LYS A . n 
A 1 92  LEU 92  92  92  LEU LEU A . n 
A 1 93  CYS 93  93  93  CYS CYS A . n 
A 1 94  VAL 94  94  94  VAL VAL A . n 
A 1 95  SER 95  95  95  SER SER A . n 
A 1 96  TYR 96  96  96  TYR TYR A . n 
A 1 97  THR 97  97  97  THR THR A . n 
A 1 98  ILE 98  98  98  ILE ILE A . n 
A 1 99  TRP 99  99  99  TRP TRP A . n 
A 1 100 LYS 100 100 100 LYS LYS A . n 
A 1 101 VAL 101 101 101 VAL VAL A . n 
A 1 102 GLY 102 102 102 GLY GLY A . n 
A 1 103 ASN 103 103 103 ASN ASN A . n 
A 1 104 LEU 104 104 104 LEU LEU A . n 
A 1 105 ASN 105 105 105 ASN ASN A . n 
A 1 106 ALA 106 106 106 ALA ALA A . n 
A 1 107 TYR 107 107 107 TYR TYR A . n 
A 1 108 PHE 108 108 108 PHE PHE A . n 
A 1 109 ARG 109 109 109 ARG ARG A . n 
A 1 110 THR 110 110 110 THR THR A . n 
A 1 111 MET 111 111 111 MET MET A . n 
A 1 112 LEU 112 112 112 LEU LEU A . n 
A 1 113 LEU 113 113 113 LEU LEU A . n 
A 1 114 GLU 114 114 114 GLU GLU A . n 
A 1 115 THR 115 115 115 THR THR A . n 
A 1 116 GLY 116 116 116 GLY GLY A . n 
A 1 117 GLY 117 117 117 GLY GLY A . n 
A 1 118 THR 118 118 118 THR THR A . n 
A 1 119 ILE 119 119 119 ILE ILE A . n 
A 1 120 GLY 120 120 120 GLY GLY A . n 
A 1 121 GLN 121 121 121 GLN GLN A . n 
A 1 122 ALA 122 122 122 ALA ALA A . n 
A 1 123 ASP 123 123 123 ASP ASP A . n 
A 1 124 ASN 124 124 124 ASN ASN A . n 
A 1 125 SER 125 125 125 SER SER A . n 
A 1 126 TYR 126 126 126 TYR TYR A . n 
A 1 127 PHE 127 127 127 PHE PHE A . n 
A 1 128 LYS 128 128 128 LYS LYS A . n 
A 1 129 ILE 129 129 129 ILE ILE A . n 
A 1 130 VAL 130 130 130 VAL VAL A . n 
A 1 131 LYS 131 131 131 LYS LYS A . n 
A 1 132 SER 132 132 132 SER SER A . n 
A 1 133 SER 133 133 133 SER SER A . n 
A 1 134 LYS 134 134 134 LYS LYS A . n 
A 1 135 ILE 135 135 135 ILE ILE A . n 
A 1 136 GLY 136 136 136 GLY GLY A . n 
A 1 137 TYR 137 137 137 TYR TYR A . n 
A 1 138 ASN 138 138 138 ASN ASN A . n 
A 1 139 LEU 139 139 139 LEU LEU A . n 
A 1 140 LEU 140 140 140 LEU LEU A . n 
A 1 141 SER 141 141 141 SER SER A . n 
A 1 142 CYS 142 142 142 CYS CYS A . n 
A 1 143 PRO 143 143 143 PRO PRO A . n 
A 1 144 PHE 144 144 144 PHE PHE A . n 
A 1 145 THR 145 145 145 THR THR A . n 
A 1 146 SER 146 146 146 SER SER A . n 
A 1 147 ILE 147 147 147 ILE ILE A . n 
A 1 148 ILE 148 148 148 ILE ILE A . n 
A 1 149 CYS 149 149 149 CYS CYS A . n 
A 1 150 LEU 150 150 150 LEU LEU A . n 
A 1 151 ARG 151 151 151 ARG ARG A . n 
A 1 152 CYS 152 152 152 CYS CYS A . n 
A 1 153 PRO 153 153 153 PRO PRO A . n 
A 1 154 GLU 154 154 154 GLU GLU A . n 
A 1 155 ASP 155 155 155 ASP ASP A . n 
A 1 156 GLN 156 156 156 GLN GLN A . n 
A 1 157 PHE 157 157 157 PHE PHE A . n 
A 1 158 CYS 158 158 158 CYS CYS A . n 
A 1 159 ALA 159 159 159 ALA ALA A . n 
A 1 160 LYS 160 160 160 LYS LYS A . n 
A 1 161 VAL 161 161 161 VAL VAL A . n 
A 1 162 GLY 162 162 162 GLY GLY A . n 
A 1 163 VAL 163 163 163 VAL VAL A . n 
A 1 164 VAL 164 164 164 VAL VAL A . n 
A 1 165 ILE 165 165 165 ILE ILE A . n 
A 1 166 GLN 166 166 166 GLN GLN A . n 
A 1 167 ASN 167 167 167 ASN ASN A . n 
A 1 168 GLY 168 168 168 GLY GLY A . n 
A 1 169 LYS 169 169 169 LYS LYS A . n 
A 1 170 ARG 170 170 170 ARG ARG A . n 
A 1 171 ARG 171 171 171 ARG ARG A . n 
A 1 172 LEU 172 172 172 LEU LEU A . n 
A 1 173 ALA 173 173 173 ALA ALA A . n 
A 1 174 LEU 174 174 174 LEU LEU A . n 
A 1 175 VAL 175 175 175 VAL VAL A . n 
A 1 176 ASN 176 176 176 ASN ASN A . n 
A 1 177 GLU 177 177 177 GLU GLU A . n 
A 1 178 ASN 178 178 178 ASN ASN A . n 
A 1 179 PRO 179 179 179 PRO PRO A . n 
A 1 180 LEU 180 180 180 LEU LEU A . n 
A 1 181 ASP 181 181 181 ASP ASP A . n 
A 1 182 VAL 182 182 182 VAL VAL A . n 
A 1 183 LEU 183 183 183 LEU LEU A . n 
A 1 184 PHE 184 184 184 PHE PHE A . n 
A 1 185 GLN 185 185 185 GLN GLN A . n 
A 1 186 GLU 186 186 186 GLU GLU A . n 
A 1 187 VAL 187 187 187 VAL VAL A . n 
# 
loop_
_pdbx_nonpoly_scheme.asym_id 
_pdbx_nonpoly_scheme.entity_id 
_pdbx_nonpoly_scheme.mon_id 
_pdbx_nonpoly_scheme.ndb_seq_num 
_pdbx_nonpoly_scheme.pdb_seq_num 
_pdbx_nonpoly_scheme.auth_seq_num 
_pdbx_nonpoly_scheme.pdb_mon_id 
_pdbx_nonpoly_scheme.auth_mon_id 
_pdbx_nonpoly_scheme.pdb_strand_id 
_pdbx_nonpoly_scheme.pdb_ins_code 
B 2 HOH 1  2001 2001 HOH HOH A . 
B 2 HOH 2  2002 2002 HOH HOH A . 
B 2 HOH 3  2003 2003 HOH HOH A . 
B 2 HOH 4  2004 2004 HOH HOH A . 
B 2 HOH 5  2005 2005 HOH HOH A . 
B 2 HOH 6  2006 2006 HOH HOH A . 
B 2 HOH 7  2007 2007 HOH HOH A . 
B 2 HOH 8  2008 2008 HOH HOH A . 
B 2 HOH 9  2009 2009 HOH HOH A . 
B 2 HOH 10 2010 2010 HOH HOH A . 
B 2 HOH 11 2011 2011 HOH HOH A . 
B 2 HOH 12 2012 2012 HOH HOH A . 
B 2 HOH 13 2013 2013 HOH HOH A . 
B 2 HOH 14 2014 2014 HOH HOH A . 
B 2 HOH 15 2015 2015 HOH HOH A . 
B 2 HOH 16 2016 2016 HOH HOH A . 
B 2 HOH 17 2017 2017 HOH HOH A . 
B 2 HOH 18 2018 2018 HOH HOH A . 
B 2 HOH 19 2019 2019 HOH HOH A . 
B 2 HOH 20 2020 2020 HOH HOH A . 
B 2 HOH 21 2021 2021 HOH HOH A . 
B 2 HOH 22 2022 2022 HOH HOH A . 
B 2 HOH 23 2023 2023 HOH HOH A . 
B 2 HOH 24 2024 2024 HOH HOH A . 
B 2 HOH 25 2025 2025 HOH HOH A . 
B 2 HOH 26 2026 2026 HOH HOH A . 
B 2 HOH 27 2027 2027 HOH HOH A . 
B 2 HOH 28 2028 2028 HOH HOH A . 
B 2 HOH 29 2029 2029 HOH HOH A . 
B 2 HOH 30 2030 2030 HOH HOH A . 
B 2 HOH 31 2031 2031 HOH HOH A . 
B 2 HOH 32 2032 2032 HOH HOH A . 
B 2 HOH 33 2033 2033 HOH HOH A . 
# 
loop_
_software.name 
_software.classification 
_software.version 
_software.citation_id 
_software.pdbx_ordinal 
PHENIX refinement       '(PHENIX.REFINE)' ? 1 
XDS    'data reduction' .                 ? 2 
XSCALE 'data scaling'   .                 ? 3 
PHASER phasing          .                 ? 4 
# 
_cell.entry_id           5FZU 
_cell.length_a           77.140 
_cell.length_b           77.140 
_cell.length_c           94.140 
_cell.angle_alpha        90.00 
_cell.angle_beta         90.00 
_cell.angle_gamma        90.00 
_cell.Z_PDB              8 
_cell.pdbx_unique_axis   ? 
# 
_symmetry.entry_id                         5FZU 
_symmetry.space_group_name_H-M             'P 43 2 2' 
_symmetry.pdbx_full_space_group_name_H-M   ? 
_symmetry.cell_setting                     ? 
_symmetry.Int_Tables_number                95 
# 
_exptl.entry_id          5FZU 
_exptl.method            'X-RAY DIFFRACTION' 
_exptl.crystals_number   1 
# 
_exptl_crystal.id                    1 
_exptl_crystal.density_meas          ? 
_exptl_crystal.density_Matthews      3.42 
_exptl_crystal.density_percent_sol   63.99 
_exptl_crystal.description           NONE 
# 
_exptl_crystal_grow.crystal_id      1 
_exptl_crystal_grow.method          ? 
_exptl_crystal_grow.temp            ? 
_exptl_crystal_grow.temp_details    ? 
_exptl_crystal_grow.pH              7.2 
_exptl_crystal_grow.pdbx_pH_range   ? 
_exptl_crystal_grow.pdbx_details    '20 % (W/V) PEG 8000, 0.1 M HEPES PH 7.5, 30 MM GYCYL-GLYCYL-GLYCINE' 
# 
_diffrn.id                     1 
_diffrn.ambient_temp           100 
_diffrn.ambient_temp_details   ? 
_diffrn.crystal_id             1 
# 
_diffrn_detector.diffrn_id              1 
_diffrn_detector.detector               CCD 
_diffrn_detector.type                   'MARMOSAIC 325 mm CCD' 
_diffrn_detector.pdbx_collection_date   2016-01-17 
_diffrn_detector.details                'SI (111) DOUBLE CRYSTAL' 
# 
_diffrn_radiation.diffrn_id                        1 
_diffrn_radiation.wavelength_id                    1 
_diffrn_radiation.pdbx_monochromatic_or_laue_m_l   M 
_diffrn_radiation.monochromator                    ? 
_diffrn_radiation.pdbx_diffrn_protocol             'SINGLE WAVELENGTH' 
_diffrn_radiation.pdbx_scattering_type             x-ray 
# 
_diffrn_radiation_wavelength.id           1 
_diffrn_radiation_wavelength.wavelength   1.1807 
_diffrn_radiation_wavelength.wt           1.0 
# 
_diffrn_source.diffrn_id                   1 
_diffrn_source.source                      SYNCHROTRON 
_diffrn_source.type                        'SSRL BEAMLINE BL14-1' 
_diffrn_source.pdbx_synchrotron_site       SSRL 
_diffrn_source.pdbx_synchrotron_beamline   BL14-1 
_diffrn_source.pdbx_wavelength             1.1807 
_diffrn_source.pdbx_wavelength_list        ? 
# 
_reflns.pdbx_diffrn_id               1 
_reflns.pdbx_ordinal                 1 
_reflns.entry_id                     5FZU 
_reflns.observed_criterion_sigma_I   0.0 
_reflns.observed_criterion_sigma_F   ? 
_reflns.d_resolution_low             32.00 
_reflns.d_resolution_high            2.43 
_reflns.number_obs                   11223 
_reflns.number_all                   ? 
_reflns.percent_possible_obs         99.9 
_reflns.pdbx_Rmerge_I_obs            0.05 
_reflns.pdbx_Rsym_value              ? 
_reflns.pdbx_netI_over_sigmaI        42.13 
_reflns.B_iso_Wilson_estimate        56.77 
_reflns.pdbx_redundancy              16.4 
# 
_reflns_shell.pdbx_diffrn_id         1 
_reflns_shell.pdbx_ordinal           1 
_reflns_shell.d_res_high             2.43 
_reflns_shell.d_res_low              2.53 
_reflns_shell.percent_possible_all   100.0 
_reflns_shell.Rmerge_I_obs           0.63 
_reflns_shell.pdbx_Rsym_value        ? 
_reflns_shell.meanI_over_sigI_obs    5.21 
_reflns_shell.pdbx_redundancy        16.95 
# 
_refine.pdbx_refine_id                           'X-RAY DIFFRACTION' 
_refine.entry_id                                 5FZU 
_refine.pdbx_diffrn_id                           1 
_refine.pdbx_TLS_residual_ADP_flag               ? 
_refine.ls_number_reflns_obs                     11198 
_refine.ls_number_reflns_all                     ? 
_refine.pdbx_ls_sigma_I                          ? 
_refine.pdbx_ls_sigma_F                          1.36 
_refine.pdbx_data_cutoff_high_absF               ? 
_refine.pdbx_data_cutoff_low_absF                ? 
_refine.pdbx_data_cutoff_high_rms_absF           ? 
_refine.ls_d_res_low                             19.889 
_refine.ls_d_res_high                            2.430 
_refine.ls_percent_reflns_obs                    99.95 
_refine.ls_R_factor_obs                          0.2005 
_refine.ls_R_factor_all                          ? 
_refine.ls_R_factor_R_work                       0.1985 
_refine.ls_R_factor_R_free                       0.2375 
_refine.ls_R_factor_R_free_error                 ? 
_refine.ls_R_factor_R_free_error_details         ? 
_refine.ls_percent_reflns_R_free                 5.0 
_refine.ls_number_reflns_R_free                  559 
_refine.ls_number_parameters                     ? 
_refine.ls_number_restraints                     ? 
_refine.occupancy_min                            ? 
_refine.occupancy_max                            ? 
_refine.correlation_coeff_Fo_to_Fc               ? 
_refine.correlation_coeff_Fo_to_Fc_free          ? 
_refine.B_iso_mean                               58.10 
_refine.aniso_B[1][1]                            ? 
_refine.aniso_B[2][2]                            ? 
_refine.aniso_B[3][3]                            ? 
_refine.aniso_B[1][2]                            ? 
_refine.aniso_B[1][3]                            ? 
_refine.aniso_B[2][3]                            ? 
_refine.solvent_model_details                    'FLAT BULK SOLVENT MODEL' 
_refine.solvent_model_param_ksol                 ? 
_refine.solvent_model_param_bsol                 ? 
_refine.pdbx_solvent_vdw_probe_radii             1.11 
_refine.pdbx_solvent_ion_probe_radii             ? 
_refine.pdbx_solvent_shrinkage_radii             0.90 
_refine.pdbx_ls_cross_valid_method               ? 
_refine.details                                  ? 
_refine.pdbx_starting_model                      'PDB ENTRY 5FNW' 
_refine.pdbx_method_to_determine_struct          'MOLECULAR REPLACEMENT' 
_refine.pdbx_isotropic_thermal_model             ? 
_refine.pdbx_stereochemistry_target_values       ML 
_refine.pdbx_stereochem_target_val_spec_case     ? 
_refine.pdbx_R_Free_selection_details            ? 
_refine.pdbx_overall_ESU_R                       ? 
_refine.pdbx_overall_ESU_R_Free                  ? 
_refine.overall_SU_ML                            0.36 
_refine.pdbx_overall_phase_error                 27.10 
_refine.overall_SU_B                             ? 
_refine.overall_SU_R_Cruickshank_DPI             ? 
_refine.pdbx_overall_SU_R_free_Cruickshank_DPI   ? 
_refine.pdbx_overall_SU_R_Blow_DPI               ? 
_refine.pdbx_overall_SU_R_free_Blow_DPI          ? 
# 
_refine_hist.pdbx_refine_id                   'X-RAY DIFFRACTION' 
_refine_hist.cycle_id                         LAST 
_refine_hist.pdbx_number_atoms_protein        1427 
_refine_hist.pdbx_number_atoms_nucleic_acid   0 
_refine_hist.pdbx_number_atoms_ligand         0 
_refine_hist.number_atoms_solvent             33 
_refine_hist.number_atoms_total               1460 
_refine_hist.d_res_high                       2.430 
_refine_hist.d_res_low                        19.889 
# 
loop_
_refine_ls_restr.type 
_refine_ls_restr.dev_ideal 
_refine_ls_restr.dev_ideal_target 
_refine_ls_restr.weight 
_refine_ls_restr.number 
_refine_ls_restr.pdbx_refine_id 
_refine_ls_restr.pdbx_restraint_function 
f_bond_d           0.009  ? ? 1461 'X-RAY DIFFRACTION' ? 
f_angle_d          1.224  ? ? 1982 'X-RAY DIFFRACTION' ? 
f_dihedral_angle_d 14.597 ? ? 544  'X-RAY DIFFRACTION' ? 
f_chiral_restr     0.044  ? ? 226  'X-RAY DIFFRACTION' ? 
f_plane_restr      0.007  ? ? 258  'X-RAY DIFFRACTION' ? 
# 
loop_
_refine_ls_shell.pdbx_refine_id 
_refine_ls_shell.pdbx_total_number_of_bins_used 
_refine_ls_shell.d_res_high 
_refine_ls_shell.d_res_low 
_refine_ls_shell.number_reflns_R_work 
_refine_ls_shell.R_factor_R_work 
_refine_ls_shell.percent_reflns_obs 
_refine_ls_shell.R_factor_R_free 
_refine_ls_shell.R_factor_R_free_error 
_refine_ls_shell.percent_reflns_R_free 
_refine_ls_shell.number_reflns_R_free 
_refine_ls_shell.number_reflns_all 
_refine_ls_shell.R_factor_all 
'X-RAY DIFFRACTION' . 2.4302 2.6743  2590 0.3034 100.00 0.3593 . . 132 . . 
'X-RAY DIFFRACTION' . 2.6743 3.0600  2608 0.2816 100.00 0.3707 . . 143 . . 
'X-RAY DIFFRACTION' . 3.0600 3.8507  2659 0.2199 100.00 0.2920 . . 130 . . 
'X-RAY DIFFRACTION' . 3.8507 19.8896 2782 0.1525 100.00 0.1701 . . 154 . . 
# 
_struct.entry_id                  5FZU 
_struct.title                     
;CRYSTAL STRUCTURE OF N19D POTATO STI-KUNITZ BI-FUNCTIONAL INHIBITOR OF SERINE AND ASPARTIC PROTEASES IN SPACE GROUP P4322 AND PH 7.2
;
_struct.pdbx_model_details        ? 
_struct.pdbx_CASP_flag            ? 
_struct.pdbx_model_type_details   ? 
# 
_struct_keywords.entry_id        5FZU 
_struct_keywords.pdbx_keywords   'HYDROLASE INHIBITOR' 
_struct_keywords.text            
'HYDROLASE, PROTEASES, PROTEASE INHIBITOR, BI-FUNCTIONAL PROTEASE INHIBITOR, HYDROLASE INHIBITOR, KUNITZ-TYPE INHIBITOR' 
# 
loop_
_struct_asym.id 
_struct_asym.pdbx_blank_PDB_chainid_flag 
_struct_asym.pdbx_modified 
_struct_asym.entity_id 
_struct_asym.details 
A N N 1 ? 
B N N 2 ? 
# 
_struct_ref.id                         1 
_struct_ref.db_name                    UNP 
_struct_ref.db_code                    A0A097H118_SOLTU 
_struct_ref.entity_id                  1 
_struct_ref.pdbx_seq_one_letter_code   ? 
_struct_ref.pdbx_align_begin           ? 
_struct_ref.pdbx_db_accession          A0A097H118 
_struct_ref.pdbx_db_isoform            ? 
# 
_struct_ref_seq.align_id                      1 
_struct_ref_seq.ref_id                        1 
_struct_ref_seq.pdbx_PDB_id_code              5FZU 
_struct_ref_seq.pdbx_strand_id                A 
_struct_ref_seq.seq_align_beg                 1 
_struct_ref_seq.pdbx_seq_align_beg_ins_code   ? 
_struct_ref_seq.seq_align_end                 187 
_struct_ref_seq.pdbx_seq_align_end_ins_code   ? 
_struct_ref_seq.pdbx_db_accession             A0A097H118 
_struct_ref_seq.db_align_beg                  32 
_struct_ref_seq.pdbx_db_align_beg_ins_code    ? 
_struct_ref_seq.db_align_end                  218 
_struct_ref_seq.pdbx_db_align_end_ins_code    ? 
_struct_ref_seq.pdbx_auth_seq_align_beg       1 
_struct_ref_seq.pdbx_auth_seq_align_end       187 
# 
loop_
_struct_ref_seq_dif.align_id 
_struct_ref_seq_dif.pdbx_pdb_id_code 
_struct_ref_seq_dif.mon_id 
_struct_ref_seq_dif.pdbx_pdb_strand_id 
_struct_ref_seq_dif.seq_num 
_struct_ref_seq_dif.pdbx_pdb_ins_code 
_struct_ref_seq_dif.pdbx_seq_db_name 
_struct_ref_seq_dif.pdbx_seq_db_accession_code 
_struct_ref_seq_dif.db_mon_id 
_struct_ref_seq_dif.pdbx_seq_db_seq_num 
_struct_ref_seq_dif.details 
_struct_ref_seq_dif.pdbx_auth_seq_num 
_struct_ref_seq_dif.pdbx_ordinal 
1 5FZU ASP A 19  ? UNP A0A097H11 ASN 50  'engineered mutation' 19  1 
1 5FZU ASP A 123 ? UNP A0A097H11 ASN 154 conflict              123 2 
# 
_pdbx_struct_assembly.id                   1 
_pdbx_struct_assembly.details              author_and_software_defined_assembly 
_pdbx_struct_assembly.method_details       PISA 
_pdbx_struct_assembly.oligomeric_details   dimeric 
_pdbx_struct_assembly.oligomeric_count     2 
# 
loop_
_pdbx_struct_assembly_prop.biol_id 
_pdbx_struct_assembly_prop.type 
_pdbx_struct_assembly_prop.value 
_pdbx_struct_assembly_prop.details 
1 'ABSA (A^2)' 2240  ? 
1 MORE         -21.2 ? 
1 'SSA (A^2)'  17560 ? 
# 
_pdbx_struct_assembly_gen.assembly_id       1 
_pdbx_struct_assembly_gen.oper_expression   1,2 
_pdbx_struct_assembly_gen.asym_id_list      A,B 
# 
loop_
_pdbx_struct_oper_list.id 
_pdbx_struct_oper_list.type 
_pdbx_struct_oper_list.name 
_pdbx_struct_oper_list.symmetry_operation 
_pdbx_struct_oper_list.matrix[1][1] 
_pdbx_struct_oper_list.matrix[1][2] 
_pdbx_struct_oper_list.matrix[1][3] 
_pdbx_struct_oper_list.vector[1] 
_pdbx_struct_oper_list.matrix[2][1] 
_pdbx_struct_oper_list.matrix[2][2] 
_pdbx_struct_oper_list.matrix[2][3] 
_pdbx_struct_oper_list.vector[2] 
_pdbx_struct_oper_list.matrix[3][1] 
_pdbx_struct_oper_list.matrix[3][2] 
_pdbx_struct_oper_list.matrix[3][3] 
_pdbx_struct_oper_list.vector[3] 
1 'identity operation'         1_555 x,y,z        1.0000000000  0.0000000000 0.0000000000 0.0000000000   0.0000000000 1.0000000000  0.0000000000 0.0000000000   0.0000000000 0.0000000000 1.0000000000 0.0000000000  
2 'crystal symmetry operation' 8_554 -y,-x,-z-1/4 -0.4924316806 0.0737024249 0.8672248800 -21.6076496183 0.0737024249 -0.9892978990 0.1259270410 -20.8234710746 0.8672248800 0.1259270410 0.4817295796 14.4162131462 
# 
_struct_biol.id   1 
# 
loop_
_struct_conf.conf_type_id 
_struct_conf.id 
_struct_conf.pdbx_PDB_helix_id 
_struct_conf.beg_label_comp_id 
_struct_conf.beg_label_asym_id 
_struct_conf.beg_label_seq_id 
_struct_conf.pdbx_beg_PDB_ins_code 
_struct_conf.end_label_comp_id 
_struct_conf.end_label_asym_id 
_struct_conf.end_label_seq_id 
_struct_conf.pdbx_end_PDB_ins_code 
_struct_conf.beg_auth_comp_id 
_struct_conf.beg_auth_asym_id 
_struct_conf.beg_auth_seq_id 
_struct_conf.end_auth_comp_id 
_struct_conf.end_auth_asym_id 
_struct_conf.end_auth_seq_id 
_struct_conf.pdbx_PDB_helix_class 
_struct_conf.details 
_struct_conf.pdbx_PDB_helix_length 
HELX_P HELX_P1 1 ARG A 29 ? GLY A 33 ? ARG A 29 GLY A 33 5 ? 5 
HELX_P HELX_P2 2 VAL A 90 ? VAL A 94 ? VAL A 90 VAL A 94 5 ? 5 
# 
_struct_conf_type.id          HELX_P 
_struct_conf_type.criteria    ? 
_struct_conf_type.reference   ? 
# 
loop_
_struct_conn.id 
_struct_conn.conn_type_id 
_struct_conn.pdbx_leaving_atom_flag 
_struct_conn.pdbx_PDB_id 
_struct_conn.ptnr1_label_asym_id 
_struct_conn.ptnr1_label_comp_id 
_struct_conn.ptnr1_label_seq_id 
_struct_conn.ptnr1_label_atom_id 
_struct_conn.pdbx_ptnr1_label_alt_id 
_struct_conn.pdbx_ptnr1_PDB_ins_code 
_struct_conn.pdbx_ptnr1_standard_comp_id 
_struct_conn.ptnr1_symmetry 
_struct_conn.ptnr2_label_asym_id 
_struct_conn.ptnr2_label_comp_id 
_struct_conn.ptnr2_label_seq_id 
_struct_conn.ptnr2_label_atom_id 
_struct_conn.pdbx_ptnr2_label_alt_id 
_struct_conn.pdbx_ptnr2_PDB_ins_code 
_struct_conn.ptnr1_auth_asym_id 
_struct_conn.ptnr1_auth_comp_id 
_struct_conn.ptnr1_auth_seq_id 
_struct_conn.ptnr2_auth_asym_id 
_struct_conn.ptnr2_auth_comp_id 
_struct_conn.ptnr2_auth_seq_id 
_struct_conn.ptnr2_symmetry 
_struct_conn.pdbx_ptnr3_label_atom_id 
_struct_conn.pdbx_ptnr3_label_seq_id 
_struct_conn.pdbx_ptnr3_label_comp_id 
_struct_conn.pdbx_ptnr3_label_asym_id 
_struct_conn.pdbx_ptnr3_label_alt_id 
_struct_conn.pdbx_ptnr3_PDB_ins_code 
_struct_conn.details 
_struct_conn.pdbx_dist_value 
_struct_conn.pdbx_value_order 
_struct_conn.pdbx_role 
disulf1 disulf ? ? A CYS 48  SG ? ? ? 1_555 A CYS 93  SG ? ? A CYS 48  A CYS 93  1_555 ? ? ? ? ? ? ? 2.045 ? ? 
disulf2 disulf ? ? A CYS 142 SG ? ? ? 1_555 A CYS 158 SG ? ? A CYS 142 A CYS 158 1_555 ? ? ? ? ? ? ? 2.049 ? ? 
disulf3 disulf ? ? A CYS 149 SG ? ? ? 1_555 A CYS 152 SG ? ? A CYS 149 A CYS 152 1_555 ? ? ? ? ? ? ? 2.041 ? ? 
# 
_struct_conn_type.id          disulf 
_struct_conn_type.criteria    ? 
_struct_conn_type.reference   ? 
# 
loop_
_pdbx_modification_feature.ordinal 
_pdbx_modification_feature.label_comp_id 
_pdbx_modification_feature.label_asym_id 
_pdbx_modification_feature.label_seq_id 
_pdbx_modification_feature.label_alt_id 
_pdbx_modification_feature.modified_residue_label_comp_id 
_pdbx_modification_feature.modified_residue_label_asym_id 
_pdbx_modification_feature.modified_residue_label_seq_id 
_pdbx_modification_feature.modified_residue_label_alt_id 
_pdbx_modification_feature.auth_comp_id 
_pdbx_modification_feature.auth_asym_id 
_pdbx_modification_feature.auth_seq_id 
_pdbx_modification_feature.PDB_ins_code 
_pdbx_modification_feature.symmetry 
_pdbx_modification_feature.modified_residue_auth_comp_id 
_pdbx_modification_feature.modified_residue_auth_asym_id 
_pdbx_modification_feature.modified_residue_auth_seq_id 
_pdbx_modification_feature.modified_residue_PDB_ins_code 
_pdbx_modification_feature.modified_residue_symmetry 
_pdbx_modification_feature.comp_id_linking_atom 
_pdbx_modification_feature.modified_residue_id_linking_atom 
_pdbx_modification_feature.modified_residue_id 
_pdbx_modification_feature.ref_pcm_id 
_pdbx_modification_feature.ref_comp_id 
_pdbx_modification_feature.type 
_pdbx_modification_feature.category 
1 CYS A 48  ? CYS A 93  ? CYS A 48  ? 1_555 CYS A 93  ? 1_555 SG SG . . . None 'Disulfide bridge' 
2 CYS A 142 ? CYS A 158 ? CYS A 142 ? 1_555 CYS A 158 ? 1_555 SG SG . . . None 'Disulfide bridge' 
3 CYS A 149 ? CYS A 152 ? CYS A 149 ? 1_555 CYS A 152 ? 1_555 SG SG . . . None 'Disulfide bridge' 
# 
loop_
_struct_sheet.id 
_struct_sheet.type 
_struct_sheet.number_strands 
_struct_sheet.details 
AA ? 2 ? 
AB ? 6 ? 
AC ? 2 ? 
AD ? 2 ? 
# 
loop_
_struct_sheet_order.sheet_id 
_struct_sheet_order.range_id_1 
_struct_sheet_order.range_id_2 
_struct_sheet_order.offset 
_struct_sheet_order.sense 
AA 1 2 ? anti-parallel 
AB 1 2 ? anti-parallel 
AB 2 3 ? anti-parallel 
AB 3 4 ? anti-parallel 
AB 4 5 ? anti-parallel 
AB 5 6 ? anti-parallel 
AC 1 2 ? anti-parallel 
AD 1 2 ? anti-parallel 
# 
loop_
_struct_sheet_range.sheet_id 
_struct_sheet_range.id 
_struct_sheet_range.beg_label_comp_id 
_struct_sheet_range.beg_label_asym_id 
_struct_sheet_range.beg_label_seq_id 
_struct_sheet_range.pdbx_beg_PDB_ins_code 
_struct_sheet_range.end_label_comp_id 
_struct_sheet_range.end_label_asym_id 
_struct_sheet_range.end_label_seq_id 
_struct_sheet_range.pdbx_end_PDB_ins_code 
_struct_sheet_range.beg_auth_comp_id 
_struct_sheet_range.beg_auth_asym_id 
_struct_sheet_range.beg_auth_seq_id 
_struct_sheet_range.end_auth_comp_id 
_struct_sheet_range.end_auth_asym_id 
_struct_sheet_range.end_auth_seq_id 
AA 1 TYR A 22  ? SER A 26  ? TYR A 22  SER A 26  
AA 2 VAL A 182 ? GLU A 186 ? VAL A 182 GLU A 186 
AB 1 VAL A 36  ? GLY A 39  ? VAL A 36  GLY A 39  
AB 2 GLY A 51  ? ARG A 54  ? GLY A 51  ARG A 54  
AB 3 LYS A 169 ? VAL A 175 ? LYS A 169 VAL A 175 
AB 4 ALA A 159 ? GLN A 166 ? ALA A 159 GLN A 166 
AB 5 TYR A 137 ? SER A 141 ? TYR A 137 SER A 141 
AB 6 PHE A 127 ? LYS A 131 ? PHE A 127 LYS A 131 
AC 1 VAL A 66  ? PRO A 70  ? VAL A 66  PRO A 70  
AC 2 LEU A 81  ? PHE A 85  ? LEU A 81  PHE A 85  
AD 1 TRP A 99  ? ASN A 105 ? TRP A 99  ASN A 105 
AD 2 THR A 110 ? THR A 115 ? THR A 110 THR A 115 
# 
loop_
_pdbx_struct_sheet_hbond.sheet_id 
_pdbx_struct_sheet_hbond.range_id_1 
_pdbx_struct_sheet_hbond.range_id_2 
_pdbx_struct_sheet_hbond.range_1_label_atom_id 
_pdbx_struct_sheet_hbond.range_1_label_comp_id 
_pdbx_struct_sheet_hbond.range_1_label_asym_id 
_pdbx_struct_sheet_hbond.range_1_label_seq_id 
_pdbx_struct_sheet_hbond.range_1_PDB_ins_code 
_pdbx_struct_sheet_hbond.range_1_auth_atom_id 
_pdbx_struct_sheet_hbond.range_1_auth_comp_id 
_pdbx_struct_sheet_hbond.range_1_auth_asym_id 
_pdbx_struct_sheet_hbond.range_1_auth_seq_id 
_pdbx_struct_sheet_hbond.range_2_label_atom_id 
_pdbx_struct_sheet_hbond.range_2_label_comp_id 
_pdbx_struct_sheet_hbond.range_2_label_asym_id 
_pdbx_struct_sheet_hbond.range_2_label_seq_id 
_pdbx_struct_sheet_hbond.range_2_PDB_ins_code 
_pdbx_struct_sheet_hbond.range_2_auth_atom_id 
_pdbx_struct_sheet_hbond.range_2_auth_comp_id 
_pdbx_struct_sheet_hbond.range_2_auth_asym_id 
_pdbx_struct_sheet_hbond.range_2_auth_seq_id 
AA 1 2 N ILE A 25  ? N ILE A 25  O LEU A 183 ? O LEU A 183 
AB 1 2 N GLY A 39  ? N GLY A 39  O GLY A 51  ? O GLY A 51  
AB 2 3 N ARG A 54  ? N ARG A 54  O ARG A 170 ? O ARG A 170 
AB 3 4 N VAL A 175 ? N VAL A 175 O LYS A 160 ? O LYS A 160 
AB 4 5 N VAL A 161 ? N VAL A 161 O LEU A 139 ? O LEU A 139 
AB 5 6 N LEU A 140 ? N LEU A 140 O LYS A 128 ? O LYS A 128 
AC 1 2 N ILE A 69  ? N ILE A 69  O ASN A 82  ? O ASN A 82  
AD 1 2 N ASN A 105 ? N ASN A 105 O THR A 110 ? O THR A 110 
# 
_pdbx_entry_details.entry_id                   5FZU 
_pdbx_entry_details.compound_details           ? 
_pdbx_entry_details.source_details             ? 
_pdbx_entry_details.nonpolymer_details         ? 
_pdbx_entry_details.sequence_details           'THIS DEPOSIT HAS A MUTATION IN RESIDUE 19 FROM N TO D.' 
_pdbx_entry_details.has_ligand_of_interest     ? 
_pdbx_entry_details.has_protein_modification   Y 
# 
loop_
_pdbx_validate_torsion.id 
_pdbx_validate_torsion.PDB_model_num 
_pdbx_validate_torsion.auth_comp_id 
_pdbx_validate_torsion.auth_asym_id 
_pdbx_validate_torsion.auth_seq_id 
_pdbx_validate_torsion.PDB_ins_code 
_pdbx_validate_torsion.label_alt_id 
_pdbx_validate_torsion.phi 
_pdbx_validate_torsion.psi 
1 1 ASP A 10  ? ? -79.82  -169.21 
2 1 GLU A 15  ? ? -48.05  161.20  
3 1 SER A 72  ? ? -64.20  -149.90 
4 1 TYR A 96  ? ? -96.15  55.70   
5 1 ASP A 123 ? ? -124.37 -135.89 
6 1 LYS A 134 ? ? -92.17  -87.05  
7 1 PRO A 153 ? ? -51.91  106.00  
# 
_pdbx_struct_special_symmetry.id              1 
_pdbx_struct_special_symmetry.PDB_model_num   1 
_pdbx_struct_special_symmetry.auth_asym_id    A 
_pdbx_struct_special_symmetry.auth_comp_id    HOH 
_pdbx_struct_special_symmetry.auth_seq_id     2021 
_pdbx_struct_special_symmetry.PDB_ins_code    ? 
_pdbx_struct_special_symmetry.label_asym_id   B 
_pdbx_struct_special_symmetry.label_comp_id   HOH 
_pdbx_struct_special_symmetry.label_seq_id    . 
# 
loop_
_pdbx_unobs_or_zero_occ_residues.id 
_pdbx_unobs_or_zero_occ_residues.PDB_model_num 
_pdbx_unobs_or_zero_occ_residues.polymer_flag 
_pdbx_unobs_or_zero_occ_residues.occupancy_flag 
_pdbx_unobs_or_zero_occ_residues.auth_asym_id 
_pdbx_unobs_or_zero_occ_residues.auth_comp_id 
_pdbx_unobs_or_zero_occ_residues.auth_seq_id 
_pdbx_unobs_or_zero_occ_residues.PDB_ins_code 
_pdbx_unobs_or_zero_occ_residues.label_asym_id 
_pdbx_unobs_or_zero_occ_residues.label_comp_id 
_pdbx_unobs_or_zero_occ_residues.label_seq_id 
1 1 Y 1 A GLU 1 ? A GLU 1 
2 1 Y 1 A SER 2 ? A SER 2 
# 
loop_
_chem_comp_atom.comp_id 
_chem_comp_atom.atom_id 
_chem_comp_atom.type_symbol 
_chem_comp_atom.pdbx_aromatic_flag 
_chem_comp_atom.pdbx_stereo_config 
_chem_comp_atom.pdbx_ordinal 
ALA N    N N N 1   
ALA CA   C N S 2   
ALA C    C N N 3   
ALA O    O N N 4   
ALA CB   C N N 5   
ALA OXT  O N N 6   
ALA H    H N N 7   
ALA H2   H N N 8   
ALA HA   H N N 9   
ALA HB1  H N N 10  
ALA HB2  H N N 11  
ALA HB3  H N N 12  
ALA HXT  H N N 13  
ARG N    N N N 14  
ARG CA   C N S 15  
ARG C    C N N 16  
ARG O    O N N 17  
ARG CB   C N N 18  
ARG CG   C N N 19  
ARG CD   C N N 20  
ARG NE   N N N 21  
ARG CZ   C N N 22  
ARG NH1  N N N 23  
ARG NH2  N N N 24  
ARG OXT  O N N 25  
ARG H    H N N 26  
ARG H2   H N N 27  
ARG HA   H N N 28  
ARG HB2  H N N 29  
ARG HB3  H N N 30  
ARG HG2  H N N 31  
ARG HG3  H N N 32  
ARG HD2  H N N 33  
ARG HD3  H N N 34  
ARG HE   H N N 35  
ARG HH11 H N N 36  
ARG HH12 H N N 37  
ARG HH21 H N N 38  
ARG HH22 H N N 39  
ARG HXT  H N N 40  
ASN N    N N N 41  
ASN CA   C N S 42  
ASN C    C N N 43  
ASN O    O N N 44  
ASN CB   C N N 45  
ASN CG   C N N 46  
ASN OD1  O N N 47  
ASN ND2  N N N 48  
ASN OXT  O N N 49  
ASN H    H N N 50  
ASN H2   H N N 51  
ASN HA   H N N 52  
ASN HB2  H N N 53  
ASN HB3  H N N 54  
ASN HD21 H N N 55  
ASN HD22 H N N 56  
ASN HXT  H N N 57  
ASP N    N N N 58  
ASP CA   C N S 59  
ASP C    C N N 60  
ASP O    O N N 61  
ASP CB   C N N 62  
ASP CG   C N N 63  
ASP OD1  O N N 64  
ASP OD2  O N N 65  
ASP OXT  O N N 66  
ASP H    H N N 67  
ASP H2   H N N 68  
ASP HA   H N N 69  
ASP HB2  H N N 70  
ASP HB3  H N N 71  
ASP HD2  H N N 72  
ASP HXT  H N N 73  
CYS N    N N N 74  
CYS CA   C N R 75  
CYS C    C N N 76  
CYS O    O N N 77  
CYS CB   C N N 78  
CYS SG   S N N 79  
CYS OXT  O N N 80  
CYS H    H N N 81  
CYS H2   H N N 82  
CYS HA   H N N 83  
CYS HB2  H N N 84  
CYS HB3  H N N 85  
CYS HG   H N N 86  
CYS HXT  H N N 87  
GLN N    N N N 88  
GLN CA   C N S 89  
GLN C    C N N 90  
GLN O    O N N 91  
GLN CB   C N N 92  
GLN CG   C N N 93  
GLN CD   C N N 94  
GLN OE1  O N N 95  
GLN NE2  N N N 96  
GLN OXT  O N N 97  
GLN H    H N N 98  
GLN H2   H N N 99  
GLN HA   H N N 100 
GLN HB2  H N N 101 
GLN HB3  H N N 102 
GLN HG2  H N N 103 
GLN HG3  H N N 104 
GLN HE21 H N N 105 
GLN HE22 H N N 106 
GLN HXT  H N N 107 
GLU N    N N N 108 
GLU CA   C N S 109 
GLU C    C N N 110 
GLU O    O N N 111 
GLU CB   C N N 112 
GLU CG   C N N 113 
GLU CD   C N N 114 
GLU OE1  O N N 115 
GLU OE2  O N N 116 
GLU OXT  O N N 117 
GLU H    H N N 118 
GLU H2   H N N 119 
GLU HA   H N N 120 
GLU HB2  H N N 121 
GLU HB3  H N N 122 
GLU HG2  H N N 123 
GLU HG3  H N N 124 
GLU HE2  H N N 125 
GLU HXT  H N N 126 
GLY N    N N N 127 
GLY CA   C N N 128 
GLY C    C N N 129 
GLY O    O N N 130 
GLY OXT  O N N 131 
GLY H    H N N 132 
GLY H2   H N N 133 
GLY HA2  H N N 134 
GLY HA3  H N N 135 
GLY HXT  H N N 136 
HOH O    O N N 137 
HOH H1   H N N 138 
HOH H2   H N N 139 
ILE N    N N N 140 
ILE CA   C N S 141 
ILE C    C N N 142 
ILE O    O N N 143 
ILE CB   C N S 144 
ILE CG1  C N N 145 
ILE CG2  C N N 146 
ILE CD1  C N N 147 
ILE OXT  O N N 148 
ILE H    H N N 149 
ILE H2   H N N 150 
ILE HA   H N N 151 
ILE HB   H N N 152 
ILE HG12 H N N 153 
ILE HG13 H N N 154 
ILE HG21 H N N 155 
ILE HG22 H N N 156 
ILE HG23 H N N 157 
ILE HD11 H N N 158 
ILE HD12 H N N 159 
ILE HD13 H N N 160 
ILE HXT  H N N 161 
LEU N    N N N 162 
LEU CA   C N S 163 
LEU C    C N N 164 
LEU O    O N N 165 
LEU CB   C N N 166 
LEU CG   C N N 167 
LEU CD1  C N N 168 
LEU CD2  C N N 169 
LEU OXT  O N N 170 
LEU H    H N N 171 
LEU H2   H N N 172 
LEU HA   H N N 173 
LEU HB2  H N N 174 
LEU HB3  H N N 175 
LEU HG   H N N 176 
LEU HD11 H N N 177 
LEU HD12 H N N 178 
LEU HD13 H N N 179 
LEU HD21 H N N 180 
LEU HD22 H N N 181 
LEU HD23 H N N 182 
LEU HXT  H N N 183 
LYS N    N N N 184 
LYS CA   C N S 185 
LYS C    C N N 186 
LYS O    O N N 187 
LYS CB   C N N 188 
LYS CG   C N N 189 
LYS CD   C N N 190 
LYS CE   C N N 191 
LYS NZ   N N N 192 
LYS OXT  O N N 193 
LYS H    H N N 194 
LYS H2   H N N 195 
LYS HA   H N N 196 
LYS HB2  H N N 197 
LYS HB3  H N N 198 
LYS HG2  H N N 199 
LYS HG3  H N N 200 
LYS HD2  H N N 201 
LYS HD3  H N N 202 
LYS HE2  H N N 203 
LYS HE3  H N N 204 
LYS HZ1  H N N 205 
LYS HZ2  H N N 206 
LYS HZ3  H N N 207 
LYS HXT  H N N 208 
MET N    N N N 209 
MET CA   C N S 210 
MET C    C N N 211 
MET O    O N N 212 
MET CB   C N N 213 
MET CG   C N N 214 
MET SD   S N N 215 
MET CE   C N N 216 
MET OXT  O N N 217 
MET H    H N N 218 
MET H2   H N N 219 
MET HA   H N N 220 
MET HB2  H N N 221 
MET HB3  H N N 222 
MET HG2  H N N 223 
MET HG3  H N N 224 
MET HE1  H N N 225 
MET HE2  H N N 226 
MET HE3  H N N 227 
MET HXT  H N N 228 
PHE N    N N N 229 
PHE CA   C N S 230 
PHE C    C N N 231 
PHE O    O N N 232 
PHE CB   C N N 233 
PHE CG   C Y N 234 
PHE CD1  C Y N 235 
PHE CD2  C Y N 236 
PHE CE1  C Y N 237 
PHE CE2  C Y N 238 
PHE CZ   C Y N 239 
PHE OXT  O N N 240 
PHE H    H N N 241 
PHE H2   H N N 242 
PHE HA   H N N 243 
PHE HB2  H N N 244 
PHE HB3  H N N 245 
PHE HD1  H N N 246 
PHE HD2  H N N 247 
PHE HE1  H N N 248 
PHE HE2  H N N 249 
PHE HZ   H N N 250 
PHE HXT  H N N 251 
PRO N    N N N 252 
PRO CA   C N S 253 
PRO C    C N N 254 
PRO O    O N N 255 
PRO CB   C N N 256 
PRO CG   C N N 257 
PRO CD   C N N 258 
PRO OXT  O N N 259 
PRO H    H N N 260 
PRO HA   H N N 261 
PRO HB2  H N N 262 
PRO HB3  H N N 263 
PRO HG2  H N N 264 
PRO HG3  H N N 265 
PRO HD2  H N N 266 
PRO HD3  H N N 267 
PRO HXT  H N N 268 
SER N    N N N 269 
SER CA   C N S 270 
SER C    C N N 271 
SER O    O N N 272 
SER CB   C N N 273 
SER OG   O N N 274 
SER OXT  O N N 275 
SER H    H N N 276 
SER H2   H N N 277 
SER HA   H N N 278 
SER HB2  H N N 279 
SER HB3  H N N 280 
SER HG   H N N 281 
SER HXT  H N N 282 
THR N    N N N 283 
THR CA   C N S 284 
THR C    C N N 285 
THR O    O N N 286 
THR CB   C N R 287 
THR OG1  O N N 288 
THR CG2  C N N 289 
THR OXT  O N N 290 
THR H    H N N 291 
THR H2   H N N 292 
THR HA   H N N 293 
THR HB   H N N 294 
THR HG1  H N N 295 
THR HG21 H N N 296 
THR HG22 H N N 297 
THR HG23 H N N 298 
THR HXT  H N N 299 
TRP N    N N N 300 
TRP CA   C N S 301 
TRP C    C N N 302 
TRP O    O N N 303 
TRP CB   C N N 304 
TRP CG   C Y N 305 
TRP CD1  C Y N 306 
TRP CD2  C Y N 307 
TRP NE1  N Y N 308 
TRP CE2  C Y N 309 
TRP CE3  C Y N 310 
TRP CZ2  C Y N 311 
TRP CZ3  C Y N 312 
TRP CH2  C Y N 313 
TRP OXT  O N N 314 
TRP H    H N N 315 
TRP H2   H N N 316 
TRP HA   H N N 317 
TRP HB2  H N N 318 
TRP HB3  H N N 319 
TRP HD1  H N N 320 
TRP HE1  H N N 321 
TRP HE3  H N N 322 
TRP HZ2  H N N 323 
TRP HZ3  H N N 324 
TRP HH2  H N N 325 
TRP HXT  H N N 326 
TYR N    N N N 327 
TYR CA   C N S 328 
TYR C    C N N 329 
TYR O    O N N 330 
TYR CB   C N N 331 
TYR CG   C Y N 332 
TYR CD1  C Y N 333 
TYR CD2  C Y N 334 
TYR CE1  C Y N 335 
TYR CE2  C Y N 336 
TYR CZ   C Y N 337 
TYR OH   O N N 338 
TYR OXT  O N N 339 
TYR H    H N N 340 
TYR H2   H N N 341 
TYR HA   H N N 342 
TYR HB2  H N N 343 
TYR HB3  H N N 344 
TYR HD1  H N N 345 
TYR HD2  H N N 346 
TYR HE1  H N N 347 
TYR HE2  H N N 348 
TYR HH   H N N 349 
TYR HXT  H N N 350 
VAL N    N N N 351 
VAL CA   C N S 352 
VAL C    C N N 353 
VAL O    O N N 354 
VAL CB   C N N 355 
VAL CG1  C N N 356 
VAL CG2  C N N 357 
VAL OXT  O N N 358 
VAL H    H N N 359 
VAL H2   H N N 360 
VAL HA   H N N 361 
VAL HB   H N N 362 
VAL HG11 H N N 363 
VAL HG12 H N N 364 
VAL HG13 H N N 365 
VAL HG21 H N N 366 
VAL HG22 H N N 367 
VAL HG23 H N N 368 
VAL HXT  H N N 369 
# 
loop_
_chem_comp_bond.comp_id 
_chem_comp_bond.atom_id_1 
_chem_comp_bond.atom_id_2 
_chem_comp_bond.value_order 
_chem_comp_bond.pdbx_aromatic_flag 
_chem_comp_bond.pdbx_stereo_config 
_chem_comp_bond.pdbx_ordinal 
ALA N   CA   sing N N 1   
ALA N   H    sing N N 2   
ALA N   H2   sing N N 3   
ALA CA  C    sing N N 4   
ALA CA  CB   sing N N 5   
ALA CA  HA   sing N N 6   
ALA C   O    doub N N 7   
ALA C   OXT  sing N N 8   
ALA CB  HB1  sing N N 9   
ALA CB  HB2  sing N N 10  
ALA CB  HB3  sing N N 11  
ALA OXT HXT  sing N N 12  
ARG N   CA   sing N N 13  
ARG N   H    sing N N 14  
ARG N   H2   sing N N 15  
ARG CA  C    sing N N 16  
ARG CA  CB   sing N N 17  
ARG CA  HA   sing N N 18  
ARG C   O    doub N N 19  
ARG C   OXT  sing N N 20  
ARG CB  CG   sing N N 21  
ARG CB  HB2  sing N N 22  
ARG CB  HB3  sing N N 23  
ARG CG  CD   sing N N 24  
ARG CG  HG2  sing N N 25  
ARG CG  HG3  sing N N 26  
ARG CD  NE   sing N N 27  
ARG CD  HD2  sing N N 28  
ARG CD  HD3  sing N N 29  
ARG NE  CZ   sing N N 30  
ARG NE  HE   sing N N 31  
ARG CZ  NH1  sing N N 32  
ARG CZ  NH2  doub N N 33  
ARG NH1 HH11 sing N N 34  
ARG NH1 HH12 sing N N 35  
ARG NH2 HH21 sing N N 36  
ARG NH2 HH22 sing N N 37  
ARG OXT HXT  sing N N 38  
ASN N   CA   sing N N 39  
ASN N   H    sing N N 40  
ASN N   H2   sing N N 41  
ASN CA  C    sing N N 42  
ASN CA  CB   sing N N 43  
ASN CA  HA   sing N N 44  
ASN C   O    doub N N 45  
ASN C   OXT  sing N N 46  
ASN CB  CG   sing N N 47  
ASN CB  HB2  sing N N 48  
ASN CB  HB3  sing N N 49  
ASN CG  OD1  doub N N 50  
ASN CG  ND2  sing N N 51  
ASN ND2 HD21 sing N N 52  
ASN ND2 HD22 sing N N 53  
ASN OXT HXT  sing N N 54  
ASP N   CA   sing N N 55  
ASP N   H    sing N N 56  
ASP N   H2   sing N N 57  
ASP CA  C    sing N N 58  
ASP CA  CB   sing N N 59  
ASP CA  HA   sing N N 60  
ASP C   O    doub N N 61  
ASP C   OXT  sing N N 62  
ASP CB  CG   sing N N 63  
ASP CB  HB2  sing N N 64  
ASP CB  HB3  sing N N 65  
ASP CG  OD1  doub N N 66  
ASP CG  OD2  sing N N 67  
ASP OD2 HD2  sing N N 68  
ASP OXT HXT  sing N N 69  
CYS N   CA   sing N N 70  
CYS N   H    sing N N 71  
CYS N   H2   sing N N 72  
CYS CA  C    sing N N 73  
CYS CA  CB   sing N N 74  
CYS CA  HA   sing N N 75  
CYS C   O    doub N N 76  
CYS C   OXT  sing N N 77  
CYS CB  SG   sing N N 78  
CYS CB  HB2  sing N N 79  
CYS CB  HB3  sing N N 80  
CYS SG  HG   sing N N 81  
CYS OXT HXT  sing N N 82  
GLN N   CA   sing N N 83  
GLN N   H    sing N N 84  
GLN N   H2   sing N N 85  
GLN CA  C    sing N N 86  
GLN CA  CB   sing N N 87  
GLN CA  HA   sing N N 88  
GLN C   O    doub N N 89  
GLN C   OXT  sing N N 90  
GLN CB  CG   sing N N 91  
GLN CB  HB2  sing N N 92  
GLN CB  HB3  sing N N 93  
GLN CG  CD   sing N N 94  
GLN CG  HG2  sing N N 95  
GLN CG  HG3  sing N N 96  
GLN CD  OE1  doub N N 97  
GLN CD  NE2  sing N N 98  
GLN NE2 HE21 sing N N 99  
GLN NE2 HE22 sing N N 100 
GLN OXT HXT  sing N N 101 
GLU N   CA   sing N N 102 
GLU N   H    sing N N 103 
GLU N   H2   sing N N 104 
GLU CA  C    sing N N 105 
GLU CA  CB   sing N N 106 
GLU CA  HA   sing N N 107 
GLU C   O    doub N N 108 
GLU C   OXT  sing N N 109 
GLU CB  CG   sing N N 110 
GLU CB  HB2  sing N N 111 
GLU CB  HB3  sing N N 112 
GLU CG  CD   sing N N 113 
GLU CG  HG2  sing N N 114 
GLU CG  HG3  sing N N 115 
GLU CD  OE1  doub N N 116 
GLU CD  OE2  sing N N 117 
GLU OE2 HE2  sing N N 118 
GLU OXT HXT  sing N N 119 
GLY N   CA   sing N N 120 
GLY N   H    sing N N 121 
GLY N   H2   sing N N 122 
GLY CA  C    sing N N 123 
GLY CA  HA2  sing N N 124 
GLY CA  HA3  sing N N 125 
GLY C   O    doub N N 126 
GLY C   OXT  sing N N 127 
GLY OXT HXT  sing N N 128 
HOH O   H1   sing N N 129 
HOH O   H2   sing N N 130 
ILE N   CA   sing N N 131 
ILE N   H    sing N N 132 
ILE N   H2   sing N N 133 
ILE CA  C    sing N N 134 
ILE CA  CB   sing N N 135 
ILE CA  HA   sing N N 136 
ILE C   O    doub N N 137 
ILE C   OXT  sing N N 138 
ILE CB  CG1  sing N N 139 
ILE CB  CG2  sing N N 140 
ILE CB  HB   sing N N 141 
ILE CG1 CD1  sing N N 142 
ILE CG1 HG12 sing N N 143 
ILE CG1 HG13 sing N N 144 
ILE CG2 HG21 sing N N 145 
ILE CG2 HG22 sing N N 146 
ILE CG2 HG23 sing N N 147 
ILE CD1 HD11 sing N N 148 
ILE CD1 HD12 sing N N 149 
ILE CD1 HD13 sing N N 150 
ILE OXT HXT  sing N N 151 
LEU N   CA   sing N N 152 
LEU N   H    sing N N 153 
LEU N   H2   sing N N 154 
LEU CA  C    sing N N 155 
LEU CA  CB   sing N N 156 
LEU CA  HA   sing N N 157 
LEU C   O    doub N N 158 
LEU C   OXT  sing N N 159 
LEU CB  CG   sing N N 160 
LEU CB  HB2  sing N N 161 
LEU CB  HB3  sing N N 162 
LEU CG  CD1  sing N N 163 
LEU CG  CD2  sing N N 164 
LEU CG  HG   sing N N 165 
LEU CD1 HD11 sing N N 166 
LEU CD1 HD12 sing N N 167 
LEU CD1 HD13 sing N N 168 
LEU CD2 HD21 sing N N 169 
LEU CD2 HD22 sing N N 170 
LEU CD2 HD23 sing N N 171 
LEU OXT HXT  sing N N 172 
LYS N   CA   sing N N 173 
LYS N   H    sing N N 174 
LYS N   H2   sing N N 175 
LYS CA  C    sing N N 176 
LYS CA  CB   sing N N 177 
LYS CA  HA   sing N N 178 
LYS C   O    doub N N 179 
LYS C   OXT  sing N N 180 
LYS CB  CG   sing N N 181 
LYS CB  HB2  sing N N 182 
LYS CB  HB3  sing N N 183 
LYS CG  CD   sing N N 184 
LYS CG  HG2  sing N N 185 
LYS CG  HG3  sing N N 186 
LYS CD  CE   sing N N 187 
LYS CD  HD2  sing N N 188 
LYS CD  HD3  sing N N 189 
LYS CE  NZ   sing N N 190 
LYS CE  HE2  sing N N 191 
LYS CE  HE3  sing N N 192 
LYS NZ  HZ1  sing N N 193 
LYS NZ  HZ2  sing N N 194 
LYS NZ  HZ3  sing N N 195 
LYS OXT HXT  sing N N 196 
MET N   CA   sing N N 197 
MET N   H    sing N N 198 
MET N   H2   sing N N 199 
MET CA  C    sing N N 200 
MET CA  CB   sing N N 201 
MET CA  HA   sing N N 202 
MET C   O    doub N N 203 
MET C   OXT  sing N N 204 
MET CB  CG   sing N N 205 
MET CB  HB2  sing N N 206 
MET CB  HB3  sing N N 207 
MET CG  SD   sing N N 208 
MET CG  HG2  sing N N 209 
MET CG  HG3  sing N N 210 
MET SD  CE   sing N N 211 
MET CE  HE1  sing N N 212 
MET CE  HE2  sing N N 213 
MET CE  HE3  sing N N 214 
MET OXT HXT  sing N N 215 
PHE N   CA   sing N N 216 
PHE N   H    sing N N 217 
PHE N   H2   sing N N 218 
PHE CA  C    sing N N 219 
PHE CA  CB   sing N N 220 
PHE CA  HA   sing N N 221 
PHE C   O    doub N N 222 
PHE C   OXT  sing N N 223 
PHE CB  CG   sing N N 224 
PHE CB  HB2  sing N N 225 
PHE CB  HB3  sing N N 226 
PHE CG  CD1  doub Y N 227 
PHE CG  CD2  sing Y N 228 
PHE CD1 CE1  sing Y N 229 
PHE CD1 HD1  sing N N 230 
PHE CD2 CE2  doub Y N 231 
PHE CD2 HD2  sing N N 232 
PHE CE1 CZ   doub Y N 233 
PHE CE1 HE1  sing N N 234 
PHE CE2 CZ   sing Y N 235 
PHE CE2 HE2  sing N N 236 
PHE CZ  HZ   sing N N 237 
PHE OXT HXT  sing N N 238 
PRO N   CA   sing N N 239 
PRO N   CD   sing N N 240 
PRO N   H    sing N N 241 
PRO CA  C    sing N N 242 
PRO CA  CB   sing N N 243 
PRO CA  HA   sing N N 244 
PRO C   O    doub N N 245 
PRO C   OXT  sing N N 246 
PRO CB  CG   sing N N 247 
PRO CB  HB2  sing N N 248 
PRO CB  HB3  sing N N 249 
PRO CG  CD   sing N N 250 
PRO CG  HG2  sing N N 251 
PRO CG  HG3  sing N N 252 
PRO CD  HD2  sing N N 253 
PRO CD  HD3  sing N N 254 
PRO OXT HXT  sing N N 255 
SER N   CA   sing N N 256 
SER N   H    sing N N 257 
SER N   H2   sing N N 258 
SER CA  C    sing N N 259 
SER CA  CB   sing N N 260 
SER CA  HA   sing N N 261 
SER C   O    doub N N 262 
SER C   OXT  sing N N 263 
SER CB  OG   sing N N 264 
SER CB  HB2  sing N N 265 
SER CB  HB3  sing N N 266 
SER OG  HG   sing N N 267 
SER OXT HXT  sing N N 268 
THR N   CA   sing N N 269 
THR N   H    sing N N 270 
THR N   H2   sing N N 271 
THR CA  C    sing N N 272 
THR CA  CB   sing N N 273 
THR CA  HA   sing N N 274 
THR C   O    doub N N 275 
THR C   OXT  sing N N 276 
THR CB  OG1  sing N N 277 
THR CB  CG2  sing N N 278 
THR CB  HB   sing N N 279 
THR OG1 HG1  sing N N 280 
THR CG2 HG21 sing N N 281 
THR CG2 HG22 sing N N 282 
THR CG2 HG23 sing N N 283 
THR OXT HXT  sing N N 284 
TRP N   CA   sing N N 285 
TRP N   H    sing N N 286 
TRP N   H2   sing N N 287 
TRP CA  C    sing N N 288 
TRP CA  CB   sing N N 289 
TRP CA  HA   sing N N 290 
TRP C   O    doub N N 291 
TRP C   OXT  sing N N 292 
TRP CB  CG   sing N N 293 
TRP CB  HB2  sing N N 294 
TRP CB  HB3  sing N N 295 
TRP CG  CD1  doub Y N 296 
TRP CG  CD2  sing Y N 297 
TRP CD1 NE1  sing Y N 298 
TRP CD1 HD1  sing N N 299 
TRP CD2 CE2  doub Y N 300 
TRP CD2 CE3  sing Y N 301 
TRP NE1 CE2  sing Y N 302 
TRP NE1 HE1  sing N N 303 
TRP CE2 CZ2  sing Y N 304 
TRP CE3 CZ3  doub Y N 305 
TRP CE3 HE3  sing N N 306 
TRP CZ2 CH2  doub Y N 307 
TRP CZ2 HZ2  sing N N 308 
TRP CZ3 CH2  sing Y N 309 
TRP CZ3 HZ3  sing N N 310 
TRP CH2 HH2  sing N N 311 
TRP OXT HXT  sing N N 312 
TYR N   CA   sing N N 313 
TYR N   H    sing N N 314 
TYR N   H2   sing N N 315 
TYR CA  C    sing N N 316 
TYR CA  CB   sing N N 317 
TYR CA  HA   sing N N 318 
TYR C   O    doub N N 319 
TYR C   OXT  sing N N 320 
TYR CB  CG   sing N N 321 
TYR CB  HB2  sing N N 322 
TYR CB  HB3  sing N N 323 
TYR CG  CD1  doub Y N 324 
TYR CG  CD2  sing Y N 325 
TYR CD1 CE1  sing Y N 326 
TYR CD1 HD1  sing N N 327 
TYR CD2 CE2  doub Y N 328 
TYR CD2 HD2  sing N N 329 
TYR CE1 CZ   doub Y N 330 
TYR CE1 HE1  sing N N 331 
TYR CE2 CZ   sing Y N 332 
TYR CE2 HE2  sing N N 333 
TYR CZ  OH   sing N N 334 
TYR OH  HH   sing N N 335 
TYR OXT HXT  sing N N 336 
VAL N   CA   sing N N 337 
VAL N   H    sing N N 338 
VAL N   H2   sing N N 339 
VAL CA  C    sing N N 340 
VAL CA  CB   sing N N 341 
VAL CA  HA   sing N N 342 
VAL C   O    doub N N 343 
VAL C   OXT  sing N N 344 
VAL CB  CG1  sing N N 345 
VAL CB  CG2  sing N N 346 
VAL CB  HB   sing N N 347 
VAL CG1 HG11 sing N N 348 
VAL CG1 HG12 sing N N 349 
VAL CG1 HG13 sing N N 350 
VAL CG2 HG21 sing N N 351 
VAL CG2 HG22 sing N N 352 
VAL CG2 HG23 sing N N 353 
VAL OXT HXT  sing N N 354 
# 
_pdbx_initial_refinement_model.id               1 
_pdbx_initial_refinement_model.entity_id_list   ? 
_pdbx_initial_refinement_model.type             'experimental model' 
_pdbx_initial_refinement_model.source_name      PDB 
_pdbx_initial_refinement_model.accession_code   5FNW 
_pdbx_initial_refinement_model.details          'PDB ENTRY 5FNW' 
# 
_atom_sites.entry_id                    5FZU 
_atom_sites.fract_transf_matrix[1][1]   -0.01253468 
_atom_sites.fract_transf_matrix[1][2]   -0.00043314 
_atom_sites.fract_transf_matrix[1][3]   -0.00327621 
_atom_sites.fract_transf_matrix[2][1]   -0.00329934 
_atom_sites.fract_transf_matrix[2][2]   0.00090790 
_atom_sites.fract_transf_matrix[2][3]   0.01250318 
_atom_sites.fract_transf_matrix[3][1]   -0.00015431 
_atom_sites.fract_transf_matrix[3][2]   0.01058997 
_atom_sites.fract_transf_matrix[3][3]   -0.00080969 
_atom_sites.fract_transf_vector[1]      -0.267724 
_atom_sites.fract_transf_vector[2]      0.035090 
_atom_sites.fract_transf_vector[3]      -0.010565 
# 
loop_
_atom_type.symbol 
C 
N 
O 
S 
# 
loop_
_atom_site.group_PDB 
_atom_site.id 
_atom_site.type_symbol 
_atom_site.label_atom_id 
_atom_site.label_alt_id 
_atom_site.label_comp_id 
_atom_site.label_asym_id 
_atom_site.label_entity_id 
_atom_site.label_seq_id 
_atom_site.pdbx_PDB_ins_code 
_atom_site.Cartn_x 
_atom_site.Cartn_y 
_atom_site.Cartn_z 
_atom_site.occupancy 
_atom_site.B_iso_or_equiv 
_atom_site.pdbx_formal_charge 
_atom_site.auth_seq_id 
_atom_site.auth_comp_id 
_atom_site.auth_asym_id 
_atom_site.auth_atom_id 
_atom_site.pdbx_PDB_model_num 
ATOM   1    N N   . PRO A 1 3   ? 6.217   9.296   25.235  1.00 112.43 ? 3    PRO A N   1 
ATOM   2    C CA  . PRO A 1 3   ? 6.118   8.665   23.909  1.00 110.16 ? 3    PRO A CA  1 
ATOM   3    C C   . PRO A 1 3   ? 5.456   9.577   22.869  1.00 111.96 ? 3    PRO A C   1 
ATOM   4    O O   . PRO A 1 3   ? 4.240   9.791   22.937  1.00 114.54 ? 3    PRO A O   1 
ATOM   5    C CB  . PRO A 1 3   ? 5.260   7.423   24.176  1.00 109.43 ? 3    PRO A CB  1 
ATOM   6    C CG  . PRO A 1 3   ? 4.510   7.737   25.440  1.00 111.93 ? 3    PRO A CG  1 
ATOM   7    C CD  . PRO A 1 3   ? 5.445   8.571   26.259  1.00 111.70 ? 3    PRO A CD  1 
ATOM   8    N N   . LEU A 1 4   ? 6.239   10.101  21.924  1.00 107.67 ? 4    LEU A N   1 
ATOM   9    C CA  . LEU A 1 4   ? 5.714   11.023  20.911  1.00 100.35 ? 4    LEU A CA  1 
ATOM   10   C C   . LEU A 1 4   ? 5.661   10.331  19.547  1.00 95.82  ? 4    LEU A C   1 
ATOM   11   O O   . LEU A 1 4   ? 6.527   9.509   19.244  1.00 97.71  ? 4    LEU A O   1 
ATOM   12   C CB  . LEU A 1 4   ? 6.575   12.300  20.839  1.00 98.65  ? 4    LEU A CB  1 
ATOM   13   C CG  . LEU A 1 4   ? 5.946   13.557  20.215  1.00 97.84  ? 4    LEU A CG  1 
ATOM   14   C CD1 . LEU A 1 4   ? 5.436   14.506  21.293  1.00 94.90  ? 4    LEU A CD1 1 
ATOM   15   C CD2 . LEU A 1 4   ? 6.904   14.272  19.272  1.00 98.19  ? 4    LEU A CD2 1 
ATOM   16   N N   . PRO A 1 5   ? 4.649   10.660  18.718  1.00 92.38  ? 5    PRO A N   1 
ATOM   17   C CA  . PRO A 1 5   ? 4.532   10.058  17.384  1.00 83.89  ? 5    PRO A CA  1 
ATOM   18   C C   . PRO A 1 5   ? 5.634   10.468  16.427  1.00 82.65  ? 5    PRO A C   1 
ATOM   19   O O   . PRO A 1 5   ? 5.817   11.655  16.162  1.00 83.36  ? 5    PRO A O   1 
ATOM   20   C CB  . PRO A 1 5   ? 3.180   10.568  16.881  1.00 80.95  ? 5    PRO A CB  1 
ATOM   21   C CG  . PRO A 1 5   ? 2.944   11.801  17.643  1.00 87.90  ? 5    PRO A CG  1 
ATOM   22   C CD  . PRO A 1 5   ? 3.498   11.524  19.012  1.00 95.70  ? 5    PRO A CD  1 
ATOM   23   N N   . LYS A 1 6   ? 6.335   9.466   15.906  1.00 81.58  ? 6    LYS A N   1 
ATOM   24   C CA  . LYS A 1 6   ? 7.413   9.641   14.939  1.00 79.11  ? 6    LYS A CA  1 
ATOM   25   C C   . LYS A 1 6   ? 6.878   9.877   13.503  1.00 75.87  ? 6    LYS A C   1 
ATOM   26   O O   . LYS A 1 6   ? 6.002   9.151   13.037  1.00 72.38  ? 6    LYS A O   1 
ATOM   27   C CB  . LYS A 1 6   ? 8.331   8.403   14.996  1.00 77.07  ? 6    LYS A CB  1 
ATOM   28   C CG  . LYS A 1 6   ? 9.443   8.359   13.949  1.00 81.12  ? 6    LYS A CG  1 
ATOM   29   C CD  . LYS A 1 6   ? 10.731  9.028   14.428  1.00 83.69  ? 6    LYS A CD  1 
ATOM   30   C CE  . LYS A 1 6   ? 11.669  9.324   13.262  1.00 77.41  ? 6    LYS A CE  1 
ATOM   31   N NZ  . LYS A 1 6   ? 11.184  10.472  12.427  1.00 75.99  ? 6    LYS A NZ  1 
ATOM   32   N N   . PRO A 1 7   ? 7.393   10.901  12.799  1.00 74.62  ? 7    PRO A N   1 
ATOM   33   C CA  . PRO A 1 7   ? 6.957   11.116  11.422  1.00 68.95  ? 7    PRO A CA  1 
ATOM   34   C C   . PRO A 1 7   ? 7.624   10.149  10.450  1.00 70.35  ? 7    PRO A C   1 
ATOM   35   O O   . PRO A 1 7   ? 8.660   9.567   10.759  1.00 70.90  ? 7    PRO A O   1 
ATOM   36   C CB  . PRO A 1 7   ? 7.404   12.548  11.147  1.00 65.64  ? 7    PRO A CB  1 
ATOM   37   C CG  . PRO A 1 7   ? 8.628   12.682  11.931  1.00 67.72  ? 7    PRO A CG  1 
ATOM   38   C CD  . PRO A 1 7   ? 8.371   11.922  13.209  1.00 74.85  ? 7    PRO A CD  1 
ATOM   39   N N   . VAL A 1 8   ? 7.030   9.986   9.278   1.00 64.60  ? 8    VAL A N   1 
ATOM   40   C CA  . VAL A 1 8   ? 7.619   9.161   8.232   1.00 68.27  ? 8    VAL A CA  1 
ATOM   41   C C   . VAL A 1 8   ? 8.416   10.043  7.270   1.00 65.87  ? 8    VAL A C   1 
ATOM   42   O O   . VAL A 1 8   ? 7.984   11.153  6.958   1.00 66.29  ? 8    VAL A O   1 
ATOM   43   C CB  . VAL A 1 8   ? 6.518   8.384   7.476   1.00 68.49  ? 8    VAL A CB  1 
ATOM   44   C CG1 . VAL A 1 8   ? 7.105   7.523   6.352   1.00 60.46  ? 8    VAL A CG1 1 
ATOM   45   C CG2 . VAL A 1 8   ? 5.729   7.541   8.468   1.00 63.29  ? 8    VAL A CG2 1 
ATOM   46   N N   . LEU A 1 9   ? 9.569   9.576   6.796   1.00 58.96  ? 9    LEU A N   1 
ATOM   47   C CA  . LEU A 1 9   ? 10.375  10.419  5.915   1.00 62.82  ? 9    LEU A CA  1 
ATOM   48   C C   . LEU A 1 9   ? 10.534  9.885   4.501   1.00 60.62  ? 9    LEU A C   1 
ATOM   49   O O   . LEU A 1 9   ? 10.524  8.681   4.274   1.00 61.34  ? 9    LEU A O   1 
ATOM   50   C CB  . LEU A 1 9   ? 11.764  10.624  6.499   1.00 63.62  ? 9    LEU A CB  1 
ATOM   51   C CG  . LEU A 1 9   ? 11.928  10.929  7.983   1.00 67.43  ? 9    LEU A CG  1 
ATOM   52   C CD1 . LEU A 1 9   ? 13.404  11.125  8.246   1.00 60.03  ? 9    LEU A CD1 1 
ATOM   53   C CD2 . LEU A 1 9   ? 11.113  12.144  8.409   1.00 71.14  ? 9    LEU A CD2 1 
ATOM   54   N N   . ASP A 1 10  ? 10.726  10.797  3.556   1.00 62.87  ? 10   ASP A N   1 
ATOM   55   C CA  . ASP A 1 10  ? 11.019  10.412  2.182   1.00 64.37  ? 10   ASP A CA  1 
ATOM   56   C C   . ASP A 1 10  ? 12.490  10.035  2.014   1.00 63.47  ? 10   ASP A C   1 
ATOM   57   O O   . ASP A 1 10  ? 13.225  9.886   2.990   1.00 63.20  ? 10   ASP A O   1 
ATOM   58   C CB  . ASP A 1 10  ? 10.640  11.530  1.181   1.00 66.20  ? 10   ASP A CB  1 
ATOM   59   C CG  . ASP A 1 10  ? 11.166  12.902  1.582   1.00 65.27  ? 10   ASP A CG  1 
ATOM   60   O OD1 . ASP A 1 10  ? 12.312  12.988  2.050   1.00 70.06  ? 10   ASP A OD1 1 
ATOM   61   O OD2 . ASP A 1 10  ? 10.435  13.904  1.419   1.00 68.19  ? 10   ASP A OD2 1 
ATOM   62   N N   . THR A 1 11  ? 12.915  9.883   0.765   1.00 63.02  ? 11   THR A N   1 
ATOM   63   C CA  . THR A 1 11  ? 14.261  9.408   0.492   1.00 67.29  ? 11   THR A CA  1 
ATOM   64   C C   . THR A 1 11  ? 15.253  10.511  0.845   1.00 69.37  ? 11   THR A C   1 
ATOM   65   O O   . THR A 1 11  ? 16.448  10.255  1.013   1.00 68.28  ? 11   THR A O   1 
ATOM   66   C CB  . THR A 1 11  ? 14.445  8.961   -0.993  1.00 67.56  ? 11   THR A CB  1 
ATOM   67   O OG1 . THR A 1 11  ? 13.905  9.944   -1.889  1.00 62.49  ? 11   THR A OG1 1 
ATOM   68   C CG2 . THR A 1 11  ? 13.775  7.618   -1.246  1.00 60.42  ? 11   THR A CG2 1 
ATOM   69   N N   . ASN A 1 12  ? 14.737  11.731  0.989   1.00 66.64  ? 12   ASN A N   1 
ATOM   70   C CA  . ASN A 1 12  ? 15.570  12.896  1.234   1.00 64.89  ? 12   ASN A CA  1 
ATOM   71   C C   . ASN A 1 12  ? 15.503  13.423  2.662   1.00 68.93  ? 12   ASN A C   1 
ATOM   72   O O   . ASN A 1 12  ? 16.078  14.463  2.957   1.00 73.21  ? 12   ASN A O   1 
ATOM   73   C CB  . ASN A 1 12  ? 15.204  14.004  0.250   1.00 56.78  ? 12   ASN A CB  1 
ATOM   74   C CG  . ASN A 1 12  ? 15.779  13.754  -1.119  1.00 62.54  ? 12   ASN A CG  1 
ATOM   75   O OD1 . ASN A 1 12  ? 16.778  13.040  -1.248  1.00 71.34  ? 12   ASN A OD1 1 
ATOM   76   N ND2 . ASN A 1 12  ? 15.164  14.325  -2.152  1.00 53.17  ? 12   ASN A ND2 1 
ATOM   77   N N   . GLY A 1 13  ? 14.824  12.706  3.551   1.00 65.56  ? 13   GLY A N   1 
ATOM   78   C CA  . GLY A 1 13  ? 14.776  13.096  4.948   1.00 60.01  ? 13   GLY A CA  1 
ATOM   79   C C   . GLY A 1 13  ? 13.557  13.914  5.327   1.00 69.78  ? 13   GLY A C   1 
ATOM   80   O O   . GLY A 1 13  ? 13.129  13.904  6.488   1.00 73.88  ? 13   GLY A O   1 
ATOM   81   N N   . LYS A 1 14  ? 12.979  14.613  4.352   1.00 71.40  ? 14   LYS A N   1 
ATOM   82   C CA  . LYS A 1 14  ? 11.870  15.532  4.624   1.00 67.36  ? 14   LYS A CA  1 
ATOM   83   C C   . LYS A 1 14  ? 10.608  14.747  4.953   1.00 69.97  ? 14   LYS A C   1 
ATOM   84   O O   . LYS A 1 14  ? 10.230  13.839  4.204   1.00 73.47  ? 14   LYS A O   1 
ATOM   85   C CB  . LYS A 1 14  ? 11.640  16.456  3.427   1.00 67.28  ? 14   LYS A CB  1 
ATOM   86   C CG  . LYS A 1 14  ? 12.890  17.270  3.001   1.00 76.62  ? 14   LYS A CG  1 
ATOM   87   C CD  . LYS A 1 14  ? 13.875  17.525  4.166   1.00 81.90  ? 14   LYS A CD  1 
ATOM   88   C CE  . LYS A 1 14  ? 15.070  18.398  3.776   1.00 82.73  ? 14   LYS A CE  1 
ATOM   89   N NZ  . LYS A 1 14  ? 15.980  18.654  4.940   1.00 76.74  ? 14   LYS A NZ  1 
ATOM   90   N N   . GLU A 1 15  ? 9.970   15.067  6.076   1.00 68.02  ? 15   GLU A N   1 
ATOM   91   C CA  . GLU A 1 15  ? 8.725   14.409  6.467   1.00 68.54  ? 15   GLU A CA  1 
ATOM   92   C C   . GLU A 1 15  ? 7.718   14.348  5.321   1.00 69.19  ? 15   GLU A C   1 
ATOM   93   O O   . GLU A 1 15  ? 7.831   15.087  4.347   1.00 65.58  ? 15   GLU A O   1 
ATOM   94   C CB  . GLU A 1 15  ? 8.110   15.124  7.663   1.00 66.80  ? 15   GLU A CB  1 
ATOM   95   C CG  . GLU A 1 15  ? 8.888   14.925  8.930   1.00 77.78  ? 15   GLU A CG  1 
ATOM   96   C CD  . GLU A 1 15  ? 8.867   16.157  9.818   1.00 83.75  ? 15   GLU A CD  1 
ATOM   97   O OE1 . GLU A 1 15  ? 9.750   17.026  9.630   1.00 85.51  ? 15   GLU A OE1 1 
ATOM   98   O OE2 . GLU A 1 15  ? 7.968   16.261  10.686  1.00 77.79  ? 15   GLU A OE2 1 
ATOM   99   N N   . LEU A 1 16  ? 6.739   13.459  5.434   1.00 71.35  ? 16   LEU A N   1 
ATOM   100  C CA  . LEU A 1 16  ? 5.818   13.222  4.332   1.00 71.56  ? 16   LEU A CA  1 
ATOM   101  C C   . LEU A 1 16  ? 4.685   14.235  4.364   1.00 70.92  ? 16   LEU A C   1 
ATOM   102  O O   . LEU A 1 16  ? 4.026   14.466  5.400   1.00 69.10  ? 16   LEU A O   1 
ATOM   103  C CB  . LEU A 1 16  ? 5.247   11.812  4.386   1.00 66.99  ? 16   LEU A CB  1 
ATOM   104  C CG  . LEU A 1 16  ? 6.174   10.623  4.109   1.00 68.77  ? 16   LEU A CG  1 
ATOM   105  C CD1 . LEU A 1 16  ? 5.381   9.362   3.833   1.00 65.02  ? 16   LEU A CD1 1 
ATOM   106  C CD2 . LEU A 1 16  ? 7.147   10.884  2.954   1.00 63.18  ? 16   LEU A CD2 1 
ATOM   107  N N   . ASN A 1 17  ? 4.462   14.871  3.230   1.00 68.17  ? 17   ASN A N   1 
ATOM   108  C CA  . ASN A 1 17  ? 3.377   15.842  3.126   1.00 69.63  ? 17   ASN A CA  1 
ATOM   109  C C   . ASN A 1 17  ? 2.063   15.175  2.735   1.00 67.84  ? 17   ASN A C   1 
ATOM   110  O O   . ASN A 1 17  ? 2.052   14.430  1.781   1.00 66.42  ? 17   ASN A O   1 
ATOM   111  C CB  . ASN A 1 17  ? 3.651   16.867  2.029   1.00 67.48  ? 17   ASN A CB  1 
ATOM   112  C CG  . ASN A 1 17  ? 3.416   18.274  2.460   1.00 73.80  ? 17   ASN A CG  1 
ATOM   113  O OD1 . ASN A 1 17  ? 4.205   19.146  2.108   1.00 78.54  ? 17   ASN A OD1 1 
ATOM   114  N ND2 . ASN A 1 17  ? 2.493   18.477  3.417   1.00 78.34  ? 17   ASN A ND2 1 
ATOM   115  N N   . PRO A 1 18  ? 0.952   15.485  3.392   1.00 67.97  ? 18   PRO A N   1 
ATOM   116  C CA  . PRO A 1 18  ? -0.265  15.038  2.700   1.00 61.91  ? 18   PRO A CA  1 
ATOM   117  C C   . PRO A 1 18  ? -0.496  15.748  1.359   1.00 64.95  ? 18   PRO A C   1 
ATOM   118  O O   . PRO A 1 18  ? -1.248  15.246  0.528   1.00 66.22  ? 18   PRO A O   1 
ATOM   119  C CB  . PRO A 1 18  ? -1.347  15.360  3.701   1.00 59.74  ? 18   PRO A CB  1 
ATOM   120  C CG  . PRO A 1 18  ? -0.661  15.213  5.013   1.00 63.03  ? 18   PRO A CG  1 
ATOM   121  C CD  . PRO A 1 18  ? 0.728   15.741  4.822   1.00 68.63  ? 18   PRO A CD  1 
ATOM   122  N N   . ASP A 1 19  ? 0.172   16.870  1.138   1.00 67.53  ? 19   ASP A N   1 
ATOM   123  C CA  . ASP A 1 19  ? 0.008   17.603  -0.100  1.00 67.28  ? 19   ASP A CA  1 
ATOM   124  C C   . ASP A 1 19  ? 0.971   17.159  -1.155  1.00 63.57  ? 19   ASP A C   1 
ATOM   125  O O   . ASP A 1 19  ? 0.929   17.650  -2.273  1.00 64.95  ? 19   ASP A O   1 
ATOM   126  C CB  . ASP A 1 19  ? 0.199   19.094  0.128   1.00 73.08  ? 19   ASP A CB  1 
ATOM   127  C CG  . ASP A 1 19  ? -0.968  19.723  0.833   1.00 81.79  ? 19   ASP A CG  1 
ATOM   128  O OD1 . ASP A 1 19  ? -1.993  19.952  0.146   1.00 89.36  ? 19   ASP A OD1 1 
ATOM   129  O OD2 . ASP A 1 19  ? -0.862  19.985  2.058   1.00 79.28  ? 19   ASP A OD2 1 
ATOM   130  N N   . SER A 1 20  ? 1.870   16.259  -0.805  1.00 62.69  ? 20   SER A N   1 
ATOM   131  C CA  . SER A 1 20  ? 2.805   15.797  -1.811  1.00 67.15  ? 20   SER A CA  1 
ATOM   132  C C   . SER A 1 20  ? 2.457   14.396  -2.340  1.00 63.04  ? 20   SER A C   1 
ATOM   133  O O   . SER A 1 20  ? 1.621   13.689  -1.768  1.00 57.60  ? 20   SER A O   1 
ATOM   134  C CB  . SER A 1 20  ? 4.226   15.816  -1.254  1.00 65.10  ? 20   SER A CB  1 
ATOM   135  O OG  . SER A 1 20  ? 5.155   15.926  -2.319  1.00 71.18  ? 20   SER A OG  1 
ATOM   136  N N   . SER A 1 21  ? 3.108   14.020  -3.440  1.00 55.83  ? 21   SER A N   1 
ATOM   137  C CA  . SER A 1 21  ? 3.003   12.677  -3.999  1.00 58.48  ? 21   SER A CA  1 
ATOM   138  C C   . SER A 1 21  ? 4.350   11.957  -3.928  1.00 66.75  ? 21   SER A C   1 
ATOM   139  O O   . SER A 1 21  ? 5.399   12.586  -3.989  1.00 66.61  ? 21   SER A O   1 
ATOM   140  C CB  . SER A 1 21  ? 2.516   12.729  -5.442  1.00 55.91  ? 21   SER A CB  1 
ATOM   141  O OG  . SER A 1 21  ? 1.261   13.380  -5.503  1.00 71.77  ? 21   SER A OG  1 
ATOM   142  N N   . TYR A 1 22  ? 4.306   10.633  -3.807  1.00 62.12  ? 22   TYR A N   1 
ATOM   143  C CA  . TYR A 1 22  ? 5.498   9.822   -3.639  1.00 55.58  ? 22   TYR A CA  1 
ATOM   144  C C   . TYR A 1 22  ? 5.457   8.547   -4.457  1.00 56.03  ? 22   TYR A C   1 
ATOM   145  O O   . TYR A 1 22  ? 4.429   7.881   -4.528  1.00 59.01  ? 22   TYR A O   1 
ATOM   146  C CB  . TYR A 1 22  ? 5.662   9.446   -2.183  1.00 52.18  ? 22   TYR A CB  1 
ATOM   147  C CG  . TYR A 1 22  ? 5.697   10.625  -1.281  1.00 60.95  ? 22   TYR A CG  1 
ATOM   148  C CD1 . TYR A 1 22  ? 4.525   11.187  -0.803  1.00 54.66  ? 22   TYR A CD1 1 
ATOM   149  C CD2 . TYR A 1 22  ? 6.913   11.184  -0.890  1.00 65.70  ? 22   TYR A CD2 1 
ATOM   150  C CE1 . TYR A 1 22  ? 4.554   12.280  0.041   1.00 66.05  ? 22   TYR A CE1 1 
ATOM   151  C CE2 . TYR A 1 22  ? 6.956   12.282  -0.056  1.00 64.54  ? 22   TYR A CE2 1 
ATOM   152  C CZ  . TYR A 1 22  ? 5.774   12.829  0.416   1.00 69.82  ? 22   TYR A CZ  1 
ATOM   153  O OH  . TYR A 1 22  ? 5.807   13.920  1.260   1.00 64.63  ? 22   TYR A OH  1 
ATOM   154  N N   . ARG A 1 23  ? 6.579   8.180   -5.049  1.00 55.29  ? 23   ARG A N   1 
ATOM   155  C CA  . ARG A 1 23  ? 6.706   6.829   -5.557  1.00 49.58  ? 23   ARG A CA  1 
ATOM   156  C C   . ARG A 1 23  ? 7.121   5.894   -4.425  1.00 55.03  ? 23   ARG A C   1 
ATOM   157  O O   . ARG A 1 23  ? 7.951   6.230   -3.589  1.00 54.86  ? 23   ARG A O   1 
ATOM   158  C CB  . ARG A 1 23  ? 7.690   6.777   -6.709  1.00 53.44  ? 23   ARG A CB  1 
ATOM   159  C CG  . ARG A 1 23  ? 7.157   7.502   -7.928  1.00 54.28  ? 23   ARG A CG  1 
ATOM   160  C CD  . ARG A 1 23  ? 8.116   7.475   -9.080  1.00 57.90  ? 23   ARG A CD  1 
ATOM   161  N NE  . ARG A 1 23  ? 7.385   7.656   -10.330 1.00 71.22  ? 23   ARG A NE  1 
ATOM   162  C CZ  . ARG A 1 23  ? 7.108   8.833   -10.889 1.00 70.18  ? 23   ARG A CZ  1 
ATOM   163  N NH1 . ARG A 1 23  ? 7.510   9.963   -10.318 1.00 66.64  ? 23   ARG A NH1 1 
ATOM   164  N NH2 . ARG A 1 23  ? 6.423   8.873   -12.027 1.00 66.62  ? 23   ARG A NH2 1 
ATOM   165  N N   . ILE A 1 24  ? 6.483   4.734   -4.371  1.00 54.46  ? 24   ILE A N   1 
ATOM   166  C CA  . ILE A 1 24  ? 6.855   3.714   -3.418  1.00 47.79  ? 24   ILE A CA  1 
ATOM   167  C C   . ILE A 1 24  ? 7.878   2.845   -4.108  1.00 51.32  ? 24   ILE A C   1 
ATOM   168  O O   . ILE A 1 24  ? 7.525   2.076   -5.001  1.00 50.95  ? 24   ILE A O   1 
ATOM   169  C CB  . ILE A 1 24  ? 5.650   2.881   -2.966  1.00 48.03  ? 24   ILE A CB  1 
ATOM   170  C CG1 . ILE A 1 24  ? 4.532   3.806   -2.474  1.00 50.43  ? 24   ILE A CG1 1 
ATOM   171  C CG2 . ILE A 1 24  ? 6.051   1.931   -1.886  1.00 43.01  ? 24   ILE A CG2 1 
ATOM   172  C CD1 . ILE A 1 24  ? 3.418   3.094   -1.737  1.00 49.37  ? 24   ILE A CD1 1 
ATOM   173  N N   . ILE A 1 25  ? 9.148   2.997   -3.713  1.00 51.40  ? 25   ILE A N   1 
ATOM   174  C CA  . ILE A 1 25  ? 10.264  2.280   -4.333  1.00 49.23  ? 25   ILE A CA  1 
ATOM   175  C C   . ILE A 1 25  ? 10.849  1.237   -3.386  1.00 49.29  ? 25   ILE A C   1 
ATOM   176  O O   . ILE A 1 25  ? 10.759  1.387   -2.161  1.00 50.66  ? 25   ILE A O   1 
ATOM   177  C CB  . ILE A 1 25  ? 11.361  3.263   -4.762  1.00 56.98  ? 25   ILE A CB  1 
ATOM   178  C CG1 . ILE A 1 25  ? 12.243  3.656   -3.575  1.00 56.46  ? 25   ILE A CG1 1 
ATOM   179  C CG2 . ILE A 1 25  ? 10.719  4.514   -5.370  1.00 55.24  ? 25   ILE A CG2 1 
ATOM   180  C CD1 . ILE A 1 25  ? 13.312  4.696   -3.906  1.00 55.34  ? 25   ILE A CD1 1 
ATOM   181  N N   . SER A 1 26  ? 11.428  0.172   -3.937  1.00 43.09  ? 26   SER A N   1 
ATOM   182  C CA  . SER A 1 26  ? 11.995  -0.875  -3.082  1.00 50.47  ? 26   SER A CA  1 
ATOM   183  C C   . SER A 1 26  ? 13.461  -0.663  -2.727  1.00 57.75  ? 26   SER A C   1 
ATOM   184  O O   . SER A 1 26  ? 14.263  -0.183  -3.544  1.00 50.66  ? 26   SER A O   1 
ATOM   185  C CB  . SER A 1 26  ? 11.852  -2.255  -3.722  1.00 48.53  ? 26   SER A CB  1 
ATOM   186  O OG  . SER A 1 26  ? 12.505  -2.325  -4.972  1.00 48.75  ? 26   SER A OG  1 
ATOM   187  N N   . ILE A 1 27  ? 13.779  -1.033  -1.484  1.00 58.42  ? 27   ILE A N   1 
ATOM   188  C CA  . ILE A 1 27  ? 15.148  -1.234  -1.008  1.00 59.85  ? 27   ILE A CA  1 
ATOM   189  C C   . ILE A 1 27  ? 15.978  -2.120  -1.958  1.00 59.36  ? 27   ILE A C   1 
ATOM   190  O O   . ILE A 1 27  ? 17.139  -1.826  -2.239  1.00 64.56  ? 27   ILE A O   1 
ATOM   191  C CB  . ILE A 1 27  ? 15.140  -1.865  0.414   1.00 61.51  ? 27   ILE A CB  1 
ATOM   192  C CG1 . ILE A 1 27  ? 14.675  -0.838  1.435   1.00 56.84  ? 27   ILE A CG1 1 
ATOM   193  C CG2 . ILE A 1 27  ? 16.524  -2.400  0.802   1.00 64.84  ? 27   ILE A CG2 1 
ATOM   194  C CD1 . ILE A 1 27  ? 15.468  0.425   1.376   1.00 55.97  ? 27   ILE A CD1 1 
ATOM   195  N N   . GLY A 1 28  ? 15.370  -3.201  -2.439  1.00 58.83  ? 28   GLY A N   1 
ATOM   196  C CA  . GLY A 1 28  ? 16.004  -4.099  -3.392  1.00 57.90  ? 28   GLY A CA  1 
ATOM   197  C C   . GLY A 1 28  ? 16.372  -3.439  -4.709  1.00 61.44  ? 28   GLY A C   1 
ATOM   198  O O   . GLY A 1 28  ? 15.672  -2.538  -5.186  1.00 60.21  ? 28   GLY A O   1 
ATOM   199  N N   . ARG A 1 29  ? 17.468  -3.908  -5.306  1.00 66.10  ? 29   ARG A N   1 
ATOM   200  C CA  . ARG A 1 29  ? 18.066  -3.229  -6.451  1.00 66.05  ? 29   ARG A CA  1 
ATOM   201  C C   . ARG A 1 29  ? 18.092  -4.108  -7.709  1.00 64.81  ? 29   ARG A C   1 
ATOM   202  O O   . ARG A 1 29  ? 18.252  -5.335  -7.641  1.00 59.58  ? 29   ARG A O   1 
ATOM   203  C CB  . ARG A 1 29  ? 19.488  -2.753  -6.095  1.00 68.66  ? 29   ARG A CB  1 
ATOM   204  C CG  . ARG A 1 29  ? 19.555  -1.735  -4.931  1.00 69.81  ? 29   ARG A CG  1 
ATOM   205  C CD  . ARG A 1 29  ? 20.956  -1.619  -4.261  1.00 74.60  ? 29   ARG A CD  1 
ATOM   206  N NE  . ARG A 1 29  ? 21.528  -2.901  -3.812  1.00 81.63  ? 29   ARG A NE  1 
ATOM   207  C CZ  . ARG A 1 29  ? 21.434  -3.407  -2.574  1.00 79.23  ? 29   ARG A CZ  1 
ATOM   208  N NH1 . ARG A 1 29  ? 20.776  -2.754  -1.624  1.00 75.75  ? 29   ARG A NH1 1 
ATOM   209  N NH2 . ARG A 1 29  ? 22.002  -4.580  -2.282  1.00 68.33  ? 29   ARG A NH2 1 
ATOM   210  N N   . GLY A 1 30  ? 17.921  -3.464  -8.860  1.00 64.62  ? 30   GLY A N   1 
ATOM   211  C CA  . GLY A 1 30  ? 17.930  -4.158  -10.133 1.00 64.54  ? 30   GLY A CA  1 
ATOM   212  C C   . GLY A 1 30  ? 16.764  -5.103  -10.289 1.00 68.17  ? 30   GLY A C   1 
ATOM   213  O O   . GLY A 1 30  ? 15.608  -4.670  -10.373 1.00 69.02  ? 30   GLY A O   1 
ATOM   214  N N   . ALA A 1 31  ? 17.062  -6.399  -10.322 1.00 66.59  ? 31   ALA A N   1 
ATOM   215  C CA  . ALA A 1 31  ? 16.025  -7.406  -10.509 1.00 63.43  ? 31   ALA A CA  1 
ATOM   216  C C   . ALA A 1 31  ? 15.284  -7.694  -9.210  1.00 65.17  ? 31   ALA A C   1 
ATOM   217  O O   . ALA A 1 31  ? 14.181  -8.219  -9.238  1.00 67.68  ? 31   ALA A O   1 
ATOM   218  C CB  . ALA A 1 31  ? 16.612  -8.691  -11.074 1.00 60.92  ? 31   ALA A CB  1 
ATOM   219  N N   . LEU A 1 32  ? 15.889  -7.362  -8.073  1.00 65.78  ? 32   LEU A N   1 
ATOM   220  C CA  . LEU A 1 32  ? 15.190  -7.442  -6.794  1.00 60.07  ? 32   LEU A CA  1 
ATOM   221  C C   . LEU A 1 32  ? 14.406  -6.158  -6.520  1.00 59.40  ? 32   LEU A C   1 
ATOM   222  O O   . LEU A 1 32  ? 13.937  -5.935  -5.401  1.00 56.93  ? 32   LEU A O   1 
ATOM   223  C CB  . LEU A 1 32  ? 16.167  -7.693  -5.647  1.00 60.98  ? 32   LEU A CB  1 
ATOM   224  C CG  . LEU A 1 32  ? 16.479  -9.131  -5.245  1.00 64.57  ? 32   LEU A CG  1 
ATOM   225  C CD1 . LEU A 1 32  ? 17.271  -9.165  -3.935  1.00 60.36  ? 32   LEU A CD1 1 
ATOM   226  C CD2 . LEU A 1 32  ? 15.201  -9.942  -5.141  1.00 64.88  ? 32   LEU A CD2 1 
ATOM   227  N N   . GLY A 1 33  ? 14.281  -5.312  -7.541  1.00 57.75  ? 33   GLY A N   1 
ATOM   228  C CA  . GLY A 1 33  ? 13.625  -4.029  -7.400  1.00 57.95  ? 33   GLY A CA  1 
ATOM   229  C C   . GLY A 1 33  ? 12.482  -3.849  -8.376  1.00 61.63  ? 33   GLY A C   1 
ATOM   230  O O   . GLY A 1 33  ? 12.197  -4.729  -9.191  1.00 59.14  ? 33   GLY A O   1 
ATOM   231  N N   . GLY A 1 34  ? 11.844  -2.687  -8.297  1.00 56.81  ? 34   GLY A N   1 
ATOM   232  C CA  . GLY A 1 34  ? 10.636  -2.404  -9.050  1.00 57.97  ? 34   GLY A CA  1 
ATOM   233  C C   . GLY A 1 34  ? 9.646   -1.659  -8.168  1.00 55.18  ? 34   GLY A C   1 
ATOM   234  O O   . GLY A 1 34  ? 9.298   -2.126  -7.074  1.00 51.59  ? 34   GLY A O   1 
ATOM   235  N N   . ASP A 1 35  ? 9.220   -0.489  -8.641  1.00 51.37  ? 35   ASP A N   1 
ATOM   236  C CA  . ASP A 1 35  ? 8.304   0.369   -7.901  1.00 54.92  ? 35   ASP A CA  1 
ATOM   237  C C   . ASP A 1 35  ? 6.874   -0.167  -7.949  1.00 54.76  ? 35   ASP A C   1 
ATOM   238  O O   . ASP A 1 35  ? 6.488   -0.871  -8.883  1.00 51.86  ? 35   ASP A O   1 
ATOM   239  C CB  . ASP A 1 35  ? 8.289   1.796   -8.464  1.00 57.79  ? 35   ASP A CB  1 
ATOM   240  C CG  . ASP A 1 35  ? 9.668   2.456   -8.507  1.00 61.11  ? 35   ASP A CG  1 
ATOM   241  O OD1 . ASP A 1 35  ? 10.606  1.995   -7.815  1.00 53.58  ? 35   ASP A OD1 1 
ATOM   242  O OD2 . ASP A 1 35  ? 9.782   3.477   -9.231  1.00 61.67  ? 35   ASP A OD2 1 
ATOM   243  N N   . VAL A 1 36  ? 6.096   0.209   -6.943  1.00 50.36  ? 36   VAL A N   1 
ATOM   244  C CA  . VAL A 1 36  ? 4.672   -0.034  -6.906  1.00 51.27  ? 36   VAL A CA  1 
ATOM   245  C C   . VAL A 1 36  ? 3.954   0.723   -8.029  1.00 51.92  ? 36   VAL A C   1 
ATOM   246  O O   . VAL A 1 36  ? 4.320   1.854   -8.344  1.00 51.63  ? 36   VAL A O   1 
ATOM   247  C CB  . VAL A 1 36  ? 4.096   0.378   -5.549  1.00 49.36  ? 36   VAL A CB  1 
ATOM   248  C CG1 . VAL A 1 36  ? 2.585   0.272   -5.561  1.00 46.92  ? 36   VAL A CG1 1 
ATOM   249  C CG2 . VAL A 1 36  ? 4.694   -0.477  -4.452  1.00 36.63  ? 36   VAL A CG2 1 
ATOM   250  N N   . TYR A 1 37  ? 2.973   0.083   -8.666  1.00 46.44  ? 37   TYR A N   1 
ATOM   251  C CA  . TYR A 1 37  ? 2.173   0.746   -9.695  1.00 50.41  ? 37   TYR A CA  1 
ATOM   252  C C   . TYR A 1 37  ? 0.727   0.229   -9.738  1.00 50.28  ? 37   TYR A C   1 
ATOM   253  O O   . TYR A 1 37  ? 0.382   -0.772  -9.116  1.00 49.76  ? 37   TYR A O   1 
ATOM   254  C CB  . TYR A 1 37  ? 2.820   0.600   -11.080 1.00 46.27  ? 37   TYR A CB  1 
ATOM   255  C CG  . TYR A 1 37  ? 2.795   -0.806  -11.665 1.00 53.58  ? 37   TYR A CG  1 
ATOM   256  C CD1 . TYR A 1 37  ? 3.692   -1.780  -11.224 1.00 48.43  ? 37   TYR A CD1 1 
ATOM   257  C CD2 . TYR A 1 37  ? 1.886   -1.157  -12.672 1.00 51.00  ? 37   TYR A CD2 1 
ATOM   258  C CE1 . TYR A 1 37  ? 3.682   -3.059  -11.765 1.00 47.12  ? 37   TYR A CE1 1 
ATOM   259  C CE2 . TYR A 1 37  ? 1.874   -2.442  -13.221 1.00 45.93  ? 37   TYR A CE2 1 
ATOM   260  C CZ  . TYR A 1 37  ? 2.770   -3.382  -12.757 1.00 47.33  ? 37   TYR A CZ  1 
ATOM   261  O OH  . TYR A 1 37  ? 2.768   -4.650  -13.272 1.00 51.07  ? 37   TYR A OH  1 
ATOM   262  N N   . LEU A 1 38  ? -0.112  0.944   -10.466 1.00 48.77  ? 38   LEU A N   1 
ATOM   263  C CA  . LEU A 1 38  ? -1.487  0.548   -10.677 1.00 49.07  ? 38   LEU A CA  1 
ATOM   264  C C   . LEU A 1 38  ? -1.591  -0.278  -11.954 1.00 52.48  ? 38   LEU A C   1 
ATOM   265  O O   . LEU A 1 38  ? -1.303  0.217   -13.049 1.00 50.63  ? 38   LEU A O   1 
ATOM   266  C CB  . LEU A 1 38  ? -2.380  1.783   -10.762 1.00 50.85  ? 38   LEU A CB  1 
ATOM   267  C CG  . LEU A 1 38  ? -3.781  1.578   -11.323 1.00 48.57  ? 38   LEU A CG  1 
ATOM   268  C CD1 . LEU A 1 38  ? -4.609  0.744   -10.362 1.00 48.32  ? 38   LEU A CD1 1 
ATOM   269  C CD2 . LEU A 1 38  ? -4.418  2.921   -11.555 1.00 42.72  ? 38   LEU A CD2 1 
ATOM   270  N N   . GLY A 1 39  ? -2.001  -1.535  -11.820 1.00 51.06  ? 39   GLY A N   1 
ATOM   271  C CA  . GLY A 1 39  ? -2.096  -2.418  -12.970 1.00 52.69  ? 39   GLY A CA  1 
ATOM   272  C C   . GLY A 1 39  ? -3.427  -3.135  -13.081 1.00 58.39  ? 39   GLY A C   1 
ATOM   273  O O   . GLY A 1 39  ? -4.278  -3.042  -12.181 1.00 54.19  ? 39   GLY A O   1 
ATOM   274  N N   . LYS A 1 40  ? -3.620  -3.852  -14.185 1.00 62.10  ? 40   LYS A N   1 
ATOM   275  C CA  . LYS A 1 40  ? -4.871  -4.563  -14.366 1.00 65.44  ? 40   LYS A CA  1 
ATOM   276  C C   . LYS A 1 40  ? -4.706  -5.998  -13.912 1.00 61.98  ? 40   LYS A C   1 
ATOM   277  O O   . LYS A 1 40  ? -3.854  -6.748  -14.390 1.00 59.78  ? 40   LYS A O   1 
ATOM   278  C CB  . LYS A 1 40  ? -5.361  -4.489  -15.814 1.00 67.36  ? 40   LYS A CB  1 
ATOM   279  C CG  . LYS A 1 40  ? -6.893  -4.503  -15.907 1.00 71.66  ? 40   LYS A CG  1 
ATOM   280  C CD  . LYS A 1 40  ? -7.436  -3.983  -17.243 1.00 80.41  ? 40   LYS A CD  1 
ATOM   281  C CE  . LYS A 1 40  ? -7.151  -4.947  -18.392 1.00 81.48  ? 40   LYS A CE  1 
ATOM   282  N NZ  . LYS A 1 40  ? -7.708  -4.459  -19.687 1.00 81.61  ? 40   LYS A NZ  1 
ATOM   283  N N   . SER A 1 41  ? -5.526  -6.337  -12.931 1.00 61.76  ? 41   SER A N   1 
ATOM   284  C CA  . SER A 1 41  ? -5.622  -7.682  -12.409 1.00 65.40  ? 41   SER A CA  1 
ATOM   285  C C   . SER A 1 41  ? -6.110  -8.615  -13.532 1.00 64.75  ? 41   SER A C   1 
ATOM   286  O O   . SER A 1 41  ? -7.105  -8.331  -14.193 1.00 61.80  ? 41   SER A O   1 
ATOM   287  C CB  . SER A 1 41  ? -6.559  -7.672  -11.180 1.00 62.64  ? 41   SER A CB  1 
ATOM   288  O OG  . SER A 1 41  ? -6.695  -8.938  -10.549 1.00 71.63  ? 41   SER A OG  1 
ATOM   289  N N   . PRO A 1 42  ? -5.401  -9.732  -13.745 1.00 66.12  ? 42   PRO A N   1 
ATOM   290  C CA  . PRO A 1 42  ? -5.718  -10.602 -14.896 1.00 69.34  ? 42   PRO A CA  1 
ATOM   291  C C   . PRO A 1 42  ? -7.164  -11.139 -14.891 1.00 68.47  ? 42   PRO A C   1 
ATOM   292  O O   . PRO A 1 42  ? -7.770  -11.374 -15.941 1.00 63.12  ? 42   PRO A O   1 
ATOM   293  C CB  . PRO A 1 42  ? -4.721  -11.755 -14.729 1.00 72.45  ? 42   PRO A CB  1 
ATOM   294  C CG  . PRO A 1 42  ? -4.417  -11.802 -13.231 1.00 63.75  ? 42   PRO A CG  1 
ATOM   295  C CD  . PRO A 1 42  ? -4.447  -10.350 -12.800 1.00 62.92  ? 42   PRO A CD  1 
ATOM   296  N N   . ASN A 1 43  ? -7.702  -11.328 -13.693 1.00 61.74  ? 43   ASN A N   1 
ATOM   297  C CA  . ASN A 1 43  ? -8.980  -11.969 -13.517 1.00 61.82  ? 43   ASN A CA  1 
ATOM   298  C C   . ASN A 1 43  ? -9.954  -11.082 -12.770 1.00 70.80  ? 43   ASN A C   1 
ATOM   299  O O   . ASN A 1 43  ? -10.821 -11.570 -12.029 1.00 68.46  ? 43   ASN A O   1 
ATOM   300  C CB  . ASN A 1 43  ? -8.801  -13.282 -12.763 1.00 66.27  ? 43   ASN A CB  1 
ATOM   301  C CG  . ASN A 1 43  ? -8.109  -13.094 -11.427 1.00 69.17  ? 43   ASN A CG  1 
ATOM   302  O OD1 . ASN A 1 43  ? -7.574  -12.018 -11.146 1.00 63.58  ? 43   ASN A OD1 1 
ATOM   303  N ND2 . ASN A 1 43  ? -8.105  -14.145 -10.598 1.00 68.66  ? 43   ASN A ND2 1 
ATOM   304  N N   . SER A 1 44  ? -9.809  -9.775  -12.941 1.00 68.40  ? 44   SER A N   1 
ATOM   305  C CA  . SER A 1 44  ? -10.795 -8.873  -12.377 1.00 69.46  ? 44   SER A CA  1 
ATOM   306  C C   . SER A 1 44  ? -11.840 -8.525  -13.416 1.00 66.13  ? 44   SER A C   1 
ATOM   307  O O   . SER A 1 44  ? -11.552 -8.451  -14.609 1.00 62.56  ? 44   SER A O   1 
ATOM   308  C CB  . SER A 1 44  ? -10.153 -7.603  -11.846 1.00 66.58  ? 44   SER A CB  1 
ATOM   309  O OG  . SER A 1 44  ? -11.092 -6.891  -11.057 1.00 71.55  ? 44   SER A OG  1 
ATOM   310  N N   . ASP A 1 45  ? -13.059 -8.307  -12.949 1.00 69.73  ? 45   ASP A N   1 
ATOM   311  C CA  . ASP A 1 45  ? -14.124 -7.887  -13.846 1.00 75.92  ? 45   ASP A CA  1 
ATOM   312  C C   . ASP A 1 45  ? -14.371 -6.386  -13.720 1.00 75.16  ? 45   ASP A C   1 
ATOM   313  O O   . ASP A 1 45  ? -15.315 -5.860  -14.304 1.00 74.89  ? 45   ASP A O   1 
ATOM   314  C CB  . ASP A 1 45  ? -15.418 -8.667  -13.570 1.00 77.82  ? 45   ASP A CB  1 
ATOM   315  C CG  . ASP A 1 45  ? -15.303 -10.142 -13.935 1.00 79.06  ? 45   ASP A CG  1 
ATOM   316  O OD1 . ASP A 1 45  ? -15.163 -10.460 -15.138 1.00 79.19  ? 45   ASP A OD1 1 
ATOM   317  O OD2 . ASP A 1 45  ? -15.352 -10.985 -13.011 1.00 82.18  ? 45   ASP A OD2 1 
ATOM   318  N N   . ALA A 1 46  ? -13.527 -5.705  -12.948 1.00 72.61  ? 46   ALA A N   1 
ATOM   319  C CA  . ALA A 1 46  ? -13.598 -4.260  -12.844 1.00 62.56  ? 46   ALA A CA  1 
ATOM   320  C C   . ALA A 1 46  ? -13.361 -3.653  -14.213 1.00 63.85  ? 46   ALA A C   1 
ATOM   321  O O   . ALA A 1 46  ? -12.593 -4.188  -15.017 1.00 65.08  ? 46   ALA A O   1 
ATOM   322  C CB  . ALA A 1 46  ? -12.589 -3.749  -11.846 1.00 67.62  ? 46   ALA A CB  1 
ATOM   323  N N   . PRO A 1 47  ? -14.044 -2.543  -14.502 1.00 64.55  ? 47   PRO A N   1 
ATOM   324  C CA  . PRO A 1 47  ? -13.852 -1.858  -15.781 1.00 63.50  ? 47   PRO A CA  1 
ATOM   325  C C   . PRO A 1 47  ? -12.598 -0.999  -15.780 1.00 67.59  ? 47   PRO A C   1 
ATOM   326  O O   . PRO A 1 47  ? -12.253 -0.420  -16.803 1.00 71.79  ? 47   PRO A O   1 
ATOM   327  C CB  . PRO A 1 47  ? -15.095 -0.989  -15.893 1.00 64.00  ? 47   PRO A CB  1 
ATOM   328  C CG  . PRO A 1 47  ? -15.439 -0.694  -14.485 1.00 63.31  ? 47   PRO A CG  1 
ATOM   329  C CD  . PRO A 1 47  ? -15.102 -1.921  -13.693 1.00 60.01  ? 47   PRO A CD  1 
ATOM   330  N N   . CYS A 1 48  ? -11.930 -0.906  -14.635 1.00 65.42  ? 48   CYS A N   1 
ATOM   331  C CA  . CYS A 1 48  ? -10.722 -0.108  -14.519 1.00 58.98  ? 48   CYS A CA  1 
ATOM   332  C C   . CYS A 1 48  ? -9.576  -0.946  -14.009 1.00 59.36  ? 48   CYS A C   1 
ATOM   333  O O   . CYS A 1 48  ? -9.788  -2.022  -13.475 1.00 59.95  ? 48   CYS A O   1 
ATOM   334  C CB  . CYS A 1 48  ? -10.965 1.058   -13.582 1.00 61.47  ? 48   CYS A CB  1 
ATOM   335  S SG  . CYS A 1 48  ? -12.387 2.028   -14.048 1.00 72.96  ? 48   CYS A SG  1 
ATOM   336  N N   . PRO A 1 49  ? -8.344  -0.454  -14.157 1.00 61.21  ? 49   PRO A N   1 
ATOM   337  C CA  . PRO A 1 49  ? -7.268  -1.181  -13.477 1.00 55.60  ? 49   PRO A CA  1 
ATOM   338  C C   . PRO A 1 49  ? -7.481  -1.106  -11.985 1.00 52.49  ? 49   PRO A C   1 
ATOM   339  O O   . PRO A 1 49  ? -7.764  -0.021  -11.468 1.00 52.91  ? 49   PRO A O   1 
ATOM   340  C CB  . PRO A 1 49  ? -6.007  -0.428  -13.890 1.00 56.39  ? 49   PRO A CB  1 
ATOM   341  C CG  . PRO A 1 49  ? -6.408  0.414   -15.074 1.00 54.63  ? 49   PRO A CG  1 
ATOM   342  C CD  . PRO A 1 49  ? -7.856  0.712   -14.909 1.00 57.25  ? 49   PRO A CD  1 
ATOM   343  N N   . ASP A 1 50  ? -7.375  -2.230  -11.294 1.00 45.41  ? 50   ASP A N   1 
ATOM   344  C CA  . ASP A 1 50  ? -7.649  -2.219  -9.864  1.00 48.22  ? 50   ASP A CA  1 
ATOM   345  C C   . ASP A 1 50  ? -6.664  -3.038  -9.037  1.00 48.50  ? 50   ASP A C   1 
ATOM   346  O O   . ASP A 1 50  ? -6.977  -3.429  -7.915  1.00 44.53  ? 50   ASP A O   1 
ATOM   347  C CB  . ASP A 1 50  ? -9.074  -2.711  -9.591  1.00 44.36  ? 50   ASP A CB  1 
ATOM   348  C CG  . ASP A 1 50  ? -9.268  -4.187  -9.913  1.00 53.93  ? 50   ASP A CG  1 
ATOM   349  O OD1 . ASP A 1 50  ? -8.427  -4.807  -10.611 1.00 52.81  ? 50   ASP A OD1 1 
ATOM   350  O OD2 . ASP A 1 50  ? -10.293 -4.730  -9.463  1.00 61.39  ? 50   ASP A OD2 1 
ATOM   351  N N   . GLY A 1 51  ? -5.482  -3.295  -9.583  1.00 44.46  ? 51   GLY A N   1 
ATOM   352  C CA  . GLY A 1 51  ? -4.490  -4.059  -8.860  1.00 44.09  ? 51   GLY A CA  1 
ATOM   353  C C   . GLY A 1 51  ? -3.318  -3.206  -8.426  1.00 44.77  ? 51   GLY A C   1 
ATOM   354  O O   . GLY A 1 51  ? -2.848  -2.366  -9.184  1.00 48.84  ? 51   GLY A O   1 
ATOM   355  N N   . VAL A 1 52  ? -2.855  -3.413  -7.197  1.00 44.85  ? 52   VAL A N   1 
ATOM   356  C CA  . VAL A 1 52  ? -1.598  -2.834  -6.731  1.00 42.67  ? 52   VAL A CA  1 
ATOM   357  C C   . VAL A 1 52  ? -0.458  -3.837  -6.924  1.00 46.89  ? 52   VAL A C   1 
ATOM   358  O O   . VAL A 1 52  ? -0.378  -4.842  -6.214  1.00 45.60  ? 52   VAL A O   1 
ATOM   359  C CB  . VAL A 1 52  ? -1.674  -2.424  -5.254  1.00 43.50  ? 52   VAL A CB  1 
ATOM   360  C CG1 . VAL A 1 52  ? -0.458  -1.613  -4.870  1.00 44.36  ? 52   VAL A CG1 1 
ATOM   361  C CG2 . VAL A 1 52  ? -2.925  -1.606  -5.014  1.00 44.14  ? 52   VAL A CG2 1 
ATOM   362  N N   . PHE A 1 53  ? 0.404   -3.549  -7.902  1.00 51.14  ? 53   PHE A N   1 
ATOM   363  C CA  . PHE A 1 53  ? 1.580   -4.362  -8.230  1.00 49.23  ? 53   PHE A CA  1 
ATOM   364  C C   . PHE A 1 53  ? 2.885   -3.587  -7.997  1.00 53.77  ? 53   PHE A C   1 
ATOM   365  O O   . PHE A 1 53  ? 2.880   -2.369  -7.783  1.00 51.72  ? 53   PHE A O   1 
ATOM   366  C CB  . PHE A 1 53  ? 1.574   -4.807  -9.705  1.00 48.62  ? 53   PHE A CB  1 
ATOM   367  C CG  . PHE A 1 53  ? 0.334   -5.528  -10.160 1.00 45.37  ? 53   PHE A CG  1 
ATOM   368  C CD1 . PHE A 1 53  ? -0.817  -4.829  -10.494 1.00 50.25  ? 53   PHE A CD1 1 
ATOM   369  C CD2 . PHE A 1 53  ? 0.339   -6.908  -10.329 1.00 53.03  ? 53   PHE A CD2 1 
ATOM   370  C CE1 . PHE A 1 53  ? -1.961  -5.502  -10.945 1.00 50.18  ? 53   PHE A CE1 1 
ATOM   371  C CE2 . PHE A 1 53  ? -0.805  -7.586  -10.792 1.00 50.91  ? 53   PHE A CE2 1 
ATOM   372  C CZ  . PHE A 1 53  ? -1.944  -6.878  -11.100 1.00 48.87  ? 53   PHE A CZ  1 
ATOM   373  N N   . ARG A 1 54  ? 4.007   -4.292  -8.085  1.00 55.27  ? 54   ARG A N   1 
ATOM   374  C CA  . ARG A 1 54  ? 5.306   -3.649  -8.264  1.00 52.66  ? 54   ARG A CA  1 
ATOM   375  C C   . ARG A 1 54  ? 5.970   -4.285  -9.475  1.00 51.18  ? 54   ARG A C   1 
ATOM   376  O O   . ARG A 1 54  ? 5.776   -5.477  -9.750  1.00 48.33  ? 54   ARG A O   1 
ATOM   377  C CB  . ARG A 1 54  ? 6.192   -3.788  -7.023  1.00 48.66  ? 54   ARG A CB  1 
ATOM   378  C CG  . ARG A 1 54  ? 6.538   -5.223  -6.709  1.00 52.68  ? 54   ARG A CG  1 
ATOM   379  C CD  . ARG A 1 54  ? 7.294   -5.372  -5.404  1.00 48.62  ? 54   ARG A CD  1 
ATOM   380  N NE  . ARG A 1 54  ? 8.610   -4.794  -5.536  1.00 60.37  ? 54   ARG A NE  1 
ATOM   381  C CZ  . ARG A 1 54  ? 9.741   -5.466  -5.430  1.00 55.53  ? 54   ARG A CZ  1 
ATOM   382  N NH1 . ARG A 1 54  ? 9.721   -6.758  -5.166  1.00 57.01  ? 54   ARG A NH1 1 
ATOM   383  N NH2 . ARG A 1 54  ? 10.886  -4.826  -5.580  1.00 52.97  ? 54   ARG A NH2 1 
ATOM   384  N N   . TYR A 1 55  ? 6.750   -3.494  -10.204 1.00 53.10  ? 55   TYR A N   1 
ATOM   385  C CA  . TYR A 1 55  ? 7.481   -4.007  -11.361 1.00 55.91  ? 55   TYR A CA  1 
ATOM   386  C C   . TYR A 1 55  ? 8.505   -5.108  -11.034 1.00 59.18  ? 55   TYR A C   1 
ATOM   387  O O   . TYR A 1 55  ? 8.867   -5.357  -9.863  1.00 53.35  ? 55   TYR A O   1 
ATOM   388  C CB  . TYR A 1 55  ? 8.192   -2.868  -12.065 1.00 54.65  ? 55   TYR A CB  1 
ATOM   389  C CG  . TYR A 1 55  ? 7.254   -1.909  -12.731 1.00 45.55  ? 55   TYR A CG  1 
ATOM   390  C CD1 . TYR A 1 55  ? 6.600   -2.251  -13.910 1.00 44.58  ? 55   TYR A CD1 1 
ATOM   391  C CD2 . TYR A 1 55  ? 7.011   -0.656  -12.176 1.00 48.23  ? 55   TYR A CD2 1 
ATOM   392  C CE1 . TYR A 1 55  ? 5.723   -1.347  -14.528 1.00 49.34  ? 55   TYR A CE1 1 
ATOM   393  C CE2 . TYR A 1 55  ? 6.138   0.249   -12.782 1.00 46.09  ? 55   TYR A CE2 1 
ATOM   394  C CZ  . TYR A 1 55  ? 5.504   -0.097  -13.953 1.00 45.85  ? 55   TYR A CZ  1 
ATOM   395  O OH  . TYR A 1 55  ? 4.661   0.812   -14.548 1.00 49.41  ? 55   TYR A OH  1 
ATOM   396  N N   . ASN A 1 56  ? 8.964   -5.773  -12.086 1.00 56.80  ? 56   ASN A N   1 
ATOM   397  C CA  . ASN A 1 56  ? 9.850   -6.916  -11.927 1.00 59.60  ? 56   ASN A CA  1 
ATOM   398  C C   . ASN A 1 56  ? 11.322  -6.508  -11.818 1.00 65.98  ? 56   ASN A C   1 
ATOM   399  O O   . ASN A 1 56  ? 12.159  -7.252  -11.291 1.00 64.51  ? 56   ASN A O   1 
ATOM   400  C CB  . ASN A 1 56  ? 9.639   -7.886  -13.085 1.00 57.21  ? 56   ASN A CB  1 
ATOM   401  C CG  . ASN A 1 56  ? 8.319   -8.622  -12.986 1.00 58.26  ? 56   ASN A CG  1 
ATOM   402  O OD1 . ASN A 1 56  ? 7.834   -8.914  -11.891 1.00 55.81  ? 56   ASN A OD1 1 
ATOM   403  N ND2 . ASN A 1 56  ? 7.728   -8.926  -14.133 1.00 65.95  ? 56   ASN A ND2 1 
ATOM   404  N N   . SER A 1 57  ? 11.624  -5.308  -12.299 1.00 65.79  ? 57   SER A N   1 
ATOM   405  C CA  . SER A 1 57  ? 12.966  -4.757  -12.221 1.00 66.62  ? 57   SER A CA  1 
ATOM   406  C C   . SER A 1 57  ? 12.889  -3.245  -12.098 1.00 69.94  ? 57   SER A C   1 
ATOM   407  O O   . SER A 1 57  ? 11.966  -2.628  -12.643 1.00 69.04  ? 57   SER A O   1 
ATOM   408  C CB  . SER A 1 57  ? 13.779  -5.143  -13.450 1.00 66.00  ? 57   SER A CB  1 
ATOM   409  O OG  . SER A 1 57  ? 15.014  -4.470  -13.435 1.00 66.15  ? 57   SER A OG  1 
ATOM   410  N N   . ASP A 1 58  ? 13.850  -2.638  -11.401 1.00 67.62  ? 58   ASP A N   1 
ATOM   411  C CA  . ASP A 1 58  ? 13.859  -1.183  -11.291 1.00 67.69  ? 58   ASP A CA  1 
ATOM   412  C C   . ASP A 1 58  ? 14.441  -0.510  -12.545 1.00 70.33  ? 58   ASP A C   1 
ATOM   413  O O   . ASP A 1 58  ? 14.474  0.713   -12.637 1.00 67.62  ? 58   ASP A O   1 
ATOM   414  C CB  . ASP A 1 58  ? 14.622  -0.737  -10.048 1.00 65.48  ? 58   ASP A CB  1 
ATOM   415  C CG  . ASP A 1 58  ? 16.032  -1.263  -10.013 1.00 70.60  ? 58   ASP A CG  1 
ATOM   416  O OD1 . ASP A 1 58  ? 16.594  -1.538  -11.093 1.00 73.54  ? 58   ASP A OD1 1 
ATOM   417  O OD2 . ASP A 1 58  ? 16.584  -1.401  -8.902  1.00 73.41  ? 58   ASP A OD2 1 
ATOM   418  N N   . VAL A 1 59  ? 14.895  -1.300  -13.512 1.00 66.71  ? 59   VAL A N   1 
ATOM   419  C CA  . VAL A 1 59  ? 15.323  -0.703  -14.768 1.00 70.25  ? 59   VAL A CA  1 
ATOM   420  C C   . VAL A 1 59  ? 14.165  -0.750  -15.780 1.00 73.03  ? 59   VAL A C   1 
ATOM   421  O O   . VAL A 1 59  ? 14.044  -1.659  -16.601 1.00 77.39  ? 59   VAL A O   1 
ATOM   422  C CB  . VAL A 1 59  ? 16.615  -1.379  -15.339 1.00 68.16  ? 59   VAL A CB  1 
ATOM   423  C CG1 . VAL A 1 59  ? 17.815  -1.011  -14.491 1.00 67.37  ? 59   VAL A CG1 1 
ATOM   424  C CG2 . VAL A 1 59  ? 16.486  -2.892  -15.426 1.00 69.01  ? 59   VAL A CG2 1 
ATOM   425  N N   . GLY A 1 60  ? 13.297  0.247   -15.699 1.00 71.41  ? 60   GLY A N   1 
ATOM   426  C CA  . GLY A 1 60  ? 12.165  0.340   -16.600 1.00 67.32  ? 60   GLY A CA  1 
ATOM   427  C C   . GLY A 1 60  ? 11.298  1.518   -16.201 1.00 73.01  ? 60   GLY A C   1 
ATOM   428  O O   . GLY A 1 60  ? 11.809  2.579   -15.835 1.00 75.17  ? 60   GLY A O   1 
ATOM   429  N N   . PRO A 1 61  ? 9.975   1.349   -16.268 1.00 69.89  ? 61   PRO A N   1 
ATOM   430  C CA  . PRO A 1 61  ? 9.090   2.440   -15.851 1.00 64.25  ? 61   PRO A CA  1 
ATOM   431  C C   . PRO A 1 61  ? 9.181   2.729   -14.355 1.00 62.70  ? 61   PRO A C   1 
ATOM   432  O O   . PRO A 1 61  ? 9.459   1.820   -13.566 1.00 62.35  ? 61   PRO A O   1 
ATOM   433  C CB  . PRO A 1 61  ? 7.701   1.919   -16.220 1.00 64.64  ? 61   PRO A CB  1 
ATOM   434  C CG  . PRO A 1 61  ? 7.952   0.864   -17.269 1.00 68.84  ? 61   PRO A CG  1 
ATOM   435  C CD  . PRO A 1 61  ? 9.241   0.230   -16.878 1.00 63.70  ? 61   PRO A CD  1 
ATOM   436  N N   . SER A 1 62  ? 8.968   3.987   -13.983 1.00 62.92  ? 62   SER A N   1 
ATOM   437  C CA  . SER A 1 62  ? 8.823   4.379   -12.584 1.00 59.69  ? 62   SER A CA  1 
ATOM   438  C C   . SER A 1 62  ? 7.444   4.014   -12.078 1.00 58.83  ? 62   SER A C   1 
ATOM   439  O O   . SER A 1 62  ? 6.548   3.698   -12.856 1.00 55.98  ? 62   SER A O   1 
ATOM   440  C CB  . SER A 1 62  ? 9.034   5.873   -12.416 1.00 55.70  ? 62   SER A CB  1 
ATOM   441  O OG  . SER A 1 62  ? 10.371  6.202   -12.679 1.00 68.95  ? 62   SER A OG  1 
ATOM   442  N N   . GLY A 1 63  ? 7.263   4.091   -10.770 1.00 57.55  ? 63   GLY A N   1 
ATOM   443  C CA  . GLY A 1 63  ? 5.991   3.719   -10.186 1.00 57.19  ? 63   GLY A CA  1 
ATOM   444  C C   . GLY A 1 63  ? 4.878   4.713   -10.423 1.00 57.47  ? 63   GLY A C   1 
ATOM   445  O O   . GLY A 1 63  ? 5.108   5.807   -10.926 1.00 61.05  ? 63   GLY A O   1 
ATOM   446  N N   . THR A 1 64  ? 3.663   4.321   -10.070 1.00 52.40  ? 64   THR A N   1 
ATOM   447  C CA  . THR A 1 64  ? 2.555   5.253   -10.042 1.00 48.90  ? 64   THR A CA  1 
ATOM   448  C C   . THR A 1 64  ? 2.584   5.990   -8.699  1.00 48.28  ? 64   THR A C   1 
ATOM   449  O O   . THR A 1 64  ? 2.610   5.368   -7.641  1.00 50.01  ? 64   THR A O   1 
ATOM   450  C CB  . THR A 1 64  ? 1.187   4.542   -10.236 1.00 47.27  ? 64   THR A CB  1 
ATOM   451  O OG1 . THR A 1 64  ? 1.271   3.591   -11.301 1.00 46.11  ? 64   THR A OG1 1 
ATOM   452  C CG2 . THR A 1 64  ? 0.139   5.558   -10.598 1.00 45.49  ? 64   THR A CG2 1 
ATOM   453  N N   . PRO A 1 65  ? 2.608   7.323   -8.733  1.00 50.91  ? 65   PRO A N   1 
ATOM   454  C CA  . PRO A 1 65  ? 2.697   8.101   -7.487  1.00 49.87  ? 65   PRO A CA  1 
ATOM   455  C C   . PRO A 1 65  ? 1.461   7.954   -6.586  1.00 51.69  ? 65   PRO A C   1 
ATOM   456  O O   . PRO A 1 65  ? 0.355   7.699   -7.070  1.00 49.44  ? 65   PRO A O   1 
ATOM   457  C CB  . PRO A 1 65  ? 2.833   9.542   -7.982  1.00 47.08  ? 65   PRO A CB  1 
ATOM   458  C CG  . PRO A 1 65  ? 3.198   9.439   -9.406  1.00 48.58  ? 65   PRO A CG  1 
ATOM   459  C CD  . PRO A 1 65  ? 2.652   8.173   -9.931  1.00 47.27  ? 65   PRO A CD  1 
ATOM   460  N N   . VAL A 1 66  ? 1.652   8.107   -5.279  1.00 48.48  ? 66   VAL A N   1 
ATOM   461  C CA  . VAL A 1 66  ? 0.551   7.979   -4.349  1.00 49.18  ? 66   VAL A CA  1 
ATOM   462  C C   . VAL A 1 66  ? 0.561   9.147   -3.406  1.00 53.40  ? 66   VAL A C   1 
ATOM   463  O O   . VAL A 1 66  ? 1.520   9.894   -3.352  1.00 60.33  ? 66   VAL A O   1 
ATOM   464  C CB  . VAL A 1 66  ? 0.601   6.679   -3.505  1.00 49.38  ? 66   VAL A CB  1 
ATOM   465  C CG1 . VAL A 1 66  ? 0.709   5.449   -4.390  1.00 49.46  ? 66   VAL A CG1 1 
ATOM   466  C CG2 . VAL A 1 66  ? 1.734   6.737   -2.494  1.00 50.30  ? 66   VAL A CG2 1 
ATOM   467  N N   . ARG A 1 67  ? -0.510  9.291   -2.648  1.00 49.36  ? 67   ARG A N   1 
ATOM   468  C CA  . ARG A 1 67  ? -0.581  10.310  -1.631  1.00 51.63  ? 67   ARG A CA  1 
ATOM   469  C C   . ARG A 1 67  ? -1.182  9.632   -0.423  1.00 51.31  ? 67   ARG A C   1 
ATOM   470  O O   . ARG A 1 67  ? -1.910  8.661   -0.573  1.00 58.85  ? 67   ARG A O   1 
ATOM   471  C CB  . ARG A 1 67  ? -1.401  11.519  -2.098  1.00 51.50  ? 67   ARG A CB  1 
ATOM   472  C CG  . ARG A 1 67  ? -2.898  11.329  -2.178  1.00 56.32  ? 67   ARG A CG  1 
ATOM   473  C CD  . ARG A 1 67  ? -3.558  12.630  -2.688  1.00 71.67  ? 67   ARG A CD  1 
ATOM   474  N NE  . ARG A 1 67  ? -5.023  12.561  -2.807  1.00 78.06  ? 67   ARG A NE  1 
ATOM   475  C CZ  . ARG A 1 67  ? -5.880  13.031  -1.891  1.00 81.69  ? 67   ARG A CZ  1 
ATOM   476  N NH1 . ARG A 1 67  ? -5.424  13.604  -0.777  1.00 77.70  ? 67   ARG A NH1 1 
ATOM   477  N NH2 . ARG A 1 67  ? -7.196  12.934  -2.079  1.00 74.26  ? 67   ARG A NH2 1 
ATOM   478  N N   . PHE A 1 68  ? -0.847  10.111  0.765   1.00 49.57  ? 68   PHE A N   1 
ATOM   479  C CA  . PHE A 1 68  ? -1.289  9.498   2.007   1.00 49.26  ? 68   PHE A CA  1 
ATOM   480  C C   . PHE A 1 68  ? -2.277  10.401  2.746   1.00 55.65  ? 68   PHE A C   1 
ATOM   481  O O   . PHE A 1 68  ? -2.102  11.614  2.790   1.00 61.25  ? 68   PHE A O   1 
ATOM   482  C CB  . PHE A 1 68  ? -0.078  9.192   2.888   1.00 56.07  ? 68   PHE A CB  1 
ATOM   483  C CG  . PHE A 1 68  ? 0.910   8.249   2.253   1.00 58.33  ? 68   PHE A CG  1 
ATOM   484  C CD1 . PHE A 1 68  ? 0.780   6.875   2.409   1.00 52.05  ? 68   PHE A CD1 1 
ATOM   485  C CD2 . PHE A 1 68  ? 1.968   8.733   1.501   1.00 53.06  ? 68   PHE A CD2 1 
ATOM   486  C CE1 . PHE A 1 68  ? 1.678   6.006   1.819   1.00 50.23  ? 68   PHE A CE1 1 
ATOM   487  C CE2 . PHE A 1 68  ? 2.876   7.861   0.920   1.00 55.20  ? 68   PHE A CE2 1 
ATOM   488  C CZ  . PHE A 1 68  ? 2.723   6.494   1.076   1.00 54.73  ? 68   PHE A CZ  1 
ATOM   489  N N   . ILE A 1 69  ? -3.313  9.816   3.337   1.00 56.44  ? 69   ILE A N   1 
ATOM   490  C CA  . ILE A 1 69  ? -4.370  10.604  3.976   1.00 56.34  ? 69   ILE A CA  1 
ATOM   491  C C   . ILE A 1 69  ? -4.572  10.182  5.407   1.00 56.19  ? 69   ILE A C   1 
ATOM   492  O O   . ILE A 1 69  ? -5.319  9.246   5.676   1.00 54.89  ? 69   ILE A O   1 
ATOM   493  C CB  . ILE A 1 69  ? -5.723  10.473  3.244   1.00 53.70  ? 69   ILE A CB  1 
ATOM   494  C CG1 . ILE A 1 69  ? -5.587  10.932  1.795   1.00 52.66  ? 69   ILE A CG1 1 
ATOM   495  C CG2 . ILE A 1 69  ? -6.802  11.262  3.962   1.00 48.01  ? 69   ILE A CG2 1 
ATOM   496  C CD1 . ILE A 1 69  ? -5.289  9.805   0.830   1.00 51.41  ? 69   ILE A CD1 1 
ATOM   497  N N   . PRO A 1 70  ? -3.907  10.879  6.338   1.00 62.43  ? 70   PRO A N   1 
ATOM   498  C CA  . PRO A 1 70  ? -4.018  10.508  7.747   1.00 61.52  ? 70   PRO A CA  1 
ATOM   499  C C   . PRO A 1 70  ? -5.356  10.940  8.309   1.00 67.62  ? 70   PRO A C   1 
ATOM   500  O O   . PRO A 1 70  ? -6.039  11.776  7.707   1.00 66.85  ? 70   PRO A O   1 
ATOM   501  C CB  . PRO A 1 70  ? -2.868  11.271  8.400   1.00 62.37  ? 70   PRO A CB  1 
ATOM   502  C CG  . PRO A 1 70  ? -2.715  12.474  7.538   1.00 66.76  ? 70   PRO A CG  1 
ATOM   503  C CD  . PRO A 1 70  ? -3.003  12.023  6.135   1.00 56.22  ? 70   PRO A CD  1 
ATOM   504  N N   . LEU A 1 71  ? -5.730  10.350  9.442   1.00 73.19  ? 71   LEU A N   1 
ATOM   505  C CA  . LEU A 1 71  ? -6.853  10.835  10.240  1.00 74.39  ? 71   LEU A CA  1 
ATOM   506  C C   . LEU A 1 71  ? -6.509  12.248  10.642  1.00 77.32  ? 71   LEU A C   1 
ATOM   507  O O   . LEU A 1 71  ? -7.300  13.184  10.491  1.00 77.17  ? 71   LEU A O   1 
ATOM   508  C CB  . LEU A 1 71  ? -7.063  9.965   11.469  1.00 68.48  ? 71   LEU A CB  1 
ATOM   509  C CG  . LEU A 1 71  ? -6.920  8.488   11.108  1.00 72.26  ? 71   LEU A CG  1 
ATOM   510  C CD1 . LEU A 1 71  ? -7.097  7.581   12.321  1.00 66.14  ? 71   LEU A CD1 1 
ATOM   511  C CD2 . LEU A 1 71  ? -7.911  8.122   10.003  1.00 73.07  ? 71   LEU A CD2 1 
ATOM   512  N N   . SER A 1 72  ? -5.264  12.365  11.098  1.00 83.43  ? 72   SER A N   1 
ATOM   513  C CA  . SER A 1 72  ? -4.653  13.600  11.575  1.00 84.55  ? 72   SER A CA  1 
ATOM   514  C C   . SER A 1 72  ? -4.507  14.675  10.503  1.00 82.82  ? 72   SER A C   1 
ATOM   515  O O   . SER A 1 72  ? -5.300  14.799  9.561   1.00 76.73  ? 72   SER A O   1 
ATOM   516  C CB  . SER A 1 72  ? -3.247  13.310  12.135  1.00 82.88  ? 72   SER A CB  1 
ATOM   517  O OG  . SER A 1 72  ? -3.171  12.045  12.766  1.00 72.26  ? 72   SER A OG  1 
ATOM   518  N N   . THR A 1 73  ? -3.467  15.468  10.704  1.00 80.41  ? 73   THR A N   1 
ATOM   519  C CA  . THR A 1 73  ? -2.953  16.370  9.709   1.00 82.98  ? 73   THR A CA  1 
ATOM   520  C C   . THR A 1 73  ? -1.526  15.978  9.427   1.00 80.13  ? 73   THR A C   1 
ATOM   521  O O   . THR A 1 73  ? -0.860  16.578  8.587   1.00 82.21  ? 73   THR A O   1 
ATOM   522  C CB  . THR A 1 73  ? -3.019  17.829  10.191  1.00 90.44  ? 73   THR A CB  1 
ATOM   523  O OG1 . THR A 1 73  ? -2.488  18.700  9.180   1.00 90.34  ? 73   THR A OG1 1 
ATOM   524  C CG2 . THR A 1 73  ? -2.260  17.993  11.490  1.00 80.09  ? 73   THR A CG2 1 
ATOM   525  N N   . ASN A 1 74  ? -1.054  14.981  10.162  1.00 75.37  ? 74   ASN A N   1 
ATOM   526  C CA  . ASN A 1 74  ? 0.319   14.538  10.023  1.00 77.13  ? 74   ASN A CA  1 
ATOM   527  C C   . ASN A 1 74  ? 0.457   13.048  9.764   1.00 76.15  ? 74   ASN A C   1 
ATOM   528  O O   . ASN A 1 74  ? -0.250  12.223  10.353  1.00 73.46  ? 74   ASN A O   1 
ATOM   529  C CB  . ASN A 1 74  ? 1.106   14.897  11.274  1.00 79.01  ? 74   ASN A CB  1 
ATOM   530  C CG  . ASN A 1 74  ? 1.029   16.364  11.600  1.00 88.04  ? 74   ASN A CG  1 
ATOM   531  O OD1 . ASN A 1 74  ? 0.402   16.763  12.588  1.00 91.59  ? 74   ASN A OD1 1 
ATOM   532  N ND2 . ASN A 1 74  ? 1.657   17.187  10.767  1.00 86.11  ? 74   ASN A ND2 1 
ATOM   533  N N   . ILE A 1 75  ? 1.399   12.712  8.896   1.00 71.41  ? 75   ILE A N   1 
ATOM   534  C CA  . ILE A 1 75  ? 1.686   11.331  8.590   1.00 64.83  ? 75   ILE A CA  1 
ATOM   535  C C   . ILE A 1 75  ? 2.737   10.787  9.535   1.00 62.32  ? 75   ILE A C   1 
ATOM   536  O O   . ILE A 1 75  ? 3.917   11.082  9.384   1.00 66.36  ? 75   ILE A O   1 
ATOM   537  C CB  . ILE A 1 75  ? 2.171   11.194  7.160   1.00 66.50  ? 75   ILE A CB  1 
ATOM   538  C CG1 . ILE A 1 75  ? 1.239   11.978  6.235   1.00 59.73  ? 75   ILE A CG1 1 
ATOM   539  C CG2 . ILE A 1 75  ? 2.277   9.723   6.777   1.00 62.72  ? 75   ILE A CG2 1 
ATOM   540  C CD1 . ILE A 1 75  ? 1.629   11.940  4.778   1.00 60.71  ? 75   ILE A CD1 1 
ATOM   541  N N   . PHE A 1 76  ? 2.296   9.992   10.505  1.00 62.09  ? 76   PHE A N   1 
ATOM   542  C CA  . PHE A 1 76  ? 3.176   9.328   11.472  1.00 67.89  ? 76   PHE A CA  1 
ATOM   543  C C   . PHE A 1 76  ? 3.246   7.807   11.301  1.00 65.60  ? 76   PHE A C   1 
ATOM   544  O O   . PHE A 1 76  ? 2.328   7.190   10.775  1.00 65.96  ? 76   PHE A O   1 
ATOM   545  C CB  . PHE A 1 76  ? 2.709   9.609   12.905  1.00 72.55  ? 76   PHE A CB  1 
ATOM   546  C CG  . PHE A 1 76  ? 2.722   11.055  13.284  1.00 74.31  ? 76   PHE A CG  1 
ATOM   547  C CD1 . PHE A 1 76  ? 3.861   11.821  13.111  1.00 77.20  ? 76   PHE A CD1 1 
ATOM   548  C CD2 . PHE A 1 76  ? 1.591   11.650  13.813  1.00 71.29  ? 76   PHE A CD2 1 
ATOM   549  C CE1 . PHE A 1 76  ? 3.870   13.153  13.459  1.00 78.42  ? 76   PHE A CE1 1 
ATOM   550  C CE2 . PHE A 1 76  ? 1.593   12.977  14.159  1.00 76.13  ? 76   PHE A CE2 1 
ATOM   551  C CZ  . PHE A 1 76  ? 2.734   13.731  13.988  1.00 81.57  ? 76   PHE A CZ  1 
ATOM   552  N N   . GLU A 1 77  ? 4.318   7.201   11.800  1.00 61.93  ? 77   GLU A N   1 
ATOM   553  C CA  . GLU A 1 77  ? 4.408   5.748   11.874  1.00 60.97  ? 77   GLU A CA  1 
ATOM   554  C C   . GLU A 1 77  ? 3.261   5.158   12.710  1.00 65.44  ? 77   GLU A C   1 
ATOM   555  O O   . GLU A 1 77  ? 2.645   5.847   13.515  1.00 66.95  ? 77   GLU A O   1 
ATOM   556  C CB  . GLU A 1 77  ? 5.771   5.329   12.443  1.00 60.37  ? 77   GLU A CB  1 
ATOM   557  C CG  . GLU A 1 77  ? 6.945   5.777   11.559  1.00 65.61  ? 77   GLU A CG  1 
ATOM   558  C CD  . GLU A 1 77  ? 8.317   5.428   12.118  1.00 66.68  ? 77   GLU A CD  1 
ATOM   559  O OE1 . GLU A 1 77  ? 8.391   4.846   13.222  1.00 65.30  ? 77   GLU A OE1 1 
ATOM   560  O OE2 . GLU A 1 77  ? 9.324   5.741   11.439  1.00 67.90  ? 77   GLU A OE2 1 
ATOM   561  N N   . ASP A 1 78  ? 2.958   3.890   12.466  1.00 61.84  ? 78   ASP A N   1 
ATOM   562  C CA  . ASP A 1 78  ? 1.972   3.131   13.232  1.00 66.24  ? 78   ASP A CA  1 
ATOM   563  C C   . ASP A 1 78  ? 0.638   3.831   13.469  1.00 63.13  ? 78   ASP A C   1 
ATOM   564  O O   . ASP A 1 78  ? 0.047   3.696   14.542  1.00 67.01  ? 78   ASP A O   1 
ATOM   565  C CB  . ASP A 1 78  ? 2.564   2.721   14.588  1.00 71.79  ? 78   ASP A CB  1 
ATOM   566  C CG  . ASP A 1 78  ? 1.906   1.465   15.154  1.00 81.37  ? 78   ASP A CG  1 
ATOM   567  O OD1 . ASP A 1 78  ? 1.345   0.664   14.363  1.00 80.08  ? 78   ASP A OD1 1 
ATOM   568  O OD2 . ASP A 1 78  ? 1.953   1.272   16.387  1.00 88.17  ? 78   ASP A OD2 1 
ATOM   569  N N   . GLN A 1 79  ? 0.158   4.567   12.471  1.00 65.95  ? 79   GLN A N   1 
ATOM   570  C CA  . GLN A 1 79  ? -1.165  5.205   12.560  1.00 67.39  ? 79   GLN A CA  1 
ATOM   571  C C   . GLN A 1 79  ? -1.972  4.969   11.295  1.00 59.59  ? 79   GLN A C   1 
ATOM   572  O O   . GLN A 1 79  ? -1.417  4.943   10.197  1.00 57.31  ? 79   GLN A O   1 
ATOM   573  C CB  . GLN A 1 79  ? -1.036  6.704   12.814  1.00 66.06  ? 79   GLN A CB  1 
ATOM   574  C CG  . GLN A 1 79  ? -0.789  7.067   14.262  1.00 71.04  ? 79   GLN A CG  1 
ATOM   575  C CD  . GLN A 1 79  ? -0.416  8.530   14.428  1.00 73.98  ? 79   GLN A CD  1 
ATOM   576  O OE1 . GLN A 1 79  ? -0.711  9.369   13.567  1.00 69.94  ? 79   GLN A OE1 1 
ATOM   577  N NE2 . GLN A 1 79  ? 0.248   8.843   15.533  1.00 75.79  ? 79   GLN A NE2 1 
ATOM   578  N N   . LEU A 1 80  ? -3.280  4.799   11.451  1.00 55.98  ? 80   LEU A N   1 
ATOM   579  C CA  . LEU A 1 80  ? -4.108  4.412   10.326  1.00 52.11  ? 80   LEU A CA  1 
ATOM   580  C C   . LEU A 1 80  ? -4.177  5.535   9.322   1.00 54.75  ? 80   LEU A C   1 
ATOM   581  O O   . LEU A 1 80  ? -4.402  6.696   9.673   1.00 56.70  ? 80   LEU A O   1 
ATOM   582  C CB  . LEU A 1 80  ? -5.508  4.030   10.779  1.00 53.62  ? 80   LEU A CB  1 
ATOM   583  C CG  . LEU A 1 80  ? -5.638  2.872   11.757  1.00 48.55  ? 80   LEU A CG  1 
ATOM   584  C CD1 . LEU A 1 80  ? -7.063  2.785   12.220  1.00 50.22  ? 80   LEU A CD1 1 
ATOM   585  C CD2 . LEU A 1 80  ? -5.223  1.571   11.116  1.00 47.86  ? 80   LEU A CD2 1 
ATOM   586  N N   . LEU A 1 81  ? -3.985  5.179   8.062   1.00 50.83  ? 81   LEU A N   1 
ATOM   587  C CA  . LEU A 1 81  ? -4.088  6.149   6.986   1.00 54.79  ? 81   LEU A CA  1 
ATOM   588  C C   . LEU A 1 81  ? -4.653  5.517   5.701   1.00 54.23  ? 81   LEU A C   1 
ATOM   589  O O   . LEU A 1 81  ? -4.739  4.297   5.567   1.00 49.78  ? 81   LEU A O   1 
ATOM   590  C CB  . LEU A 1 81  ? -2.718  6.794   6.729   1.00 53.10  ? 81   LEU A CB  1 
ATOM   591  C CG  . LEU A 1 81  ? -1.460  5.913   6.681   1.00 57.08  ? 81   LEU A CG  1 
ATOM   592  C CD1 . LEU A 1 81  ? -1.371  5.166   5.376   1.00 52.44  ? 81   LEU A CD1 1 
ATOM   593  C CD2 . LEU A 1 81  ? -0.198  6.730   6.889   1.00 47.00  ? 81   LEU A CD2 1 
ATOM   594  N N   . ASN A 1 82  ? -5.054  6.355   4.762   1.00 49.00  ? 82   ASN A N   1 
ATOM   595  C CA  . ASN A 1 82  ? -5.454  5.859   3.476   1.00 47.41  ? 82   ASN A CA  1 
ATOM   596  C C   . ASN A 1 82  ? -4.336  6.111   2.479   1.00 50.14  ? 82   ASN A C   1 
ATOM   597  O O   . ASN A 1 82  ? -3.533  7.019   2.677   1.00 50.38  ? 82   ASN A O   1 
ATOM   598  C CB  . ASN A 1 82  ? -6.738  6.529   3.011   1.00 53.95  ? 82   ASN A CB  1 
ATOM   599  C CG  . ASN A 1 82  ? -7.857  6.395   4.003   1.00 50.69  ? 82   ASN A CG  1 
ATOM   600  O OD1 . ASN A 1 82  ? -8.460  7.385   4.395   1.00 50.96  ? 82   ASN A OD1 1 
ATOM   601  N ND2 . ASN A 1 82  ? -8.152  5.166   4.409   1.00 51.60  ? 82   ASN A ND2 1 
ATOM   602  N N   . ILE A 1 83  ? -4.294  5.305   1.419   1.00 44.67  ? 83   ILE A N   1 
ATOM   603  C CA  . ILE A 1 83  ? -3.317  5.448   0.346   1.00 45.54  ? 83   ILE A CA  1 
ATOM   604  C C   . ILE A 1 83  ? -4.064  5.561   -0.983  1.00 48.12  ? 83   ILE A C   1 
ATOM   605  O O   . ILE A 1 83  ? -5.067  4.891   -1.184  1.00 48.03  ? 83   ILE A O   1 
ATOM   606  C CB  . ILE A 1 83  ? -2.344  4.251   0.309   1.00 44.11  ? 83   ILE A CB  1 
ATOM   607  C CG1 . ILE A 1 83  ? -1.743  4.027   1.690   1.00 44.87  ? 83   ILE A CG1 1 
ATOM   608  C CG2 . ILE A 1 83  ? -1.239  4.455   -0.707  1.00 39.71  ? 83   ILE A CG2 1 
ATOM   609  C CD1 . ILE A 1 83  ? -0.754  2.929   1.724   1.00 42.80  ? 83   ILE A CD1 1 
ATOM   610  N N   . GLN A 1 84  ? -3.599  6.418   -1.881  1.00 44.82  ? 84   GLN A N   1 
ATOM   611  C CA  . GLN A 1 84  ? -4.341  6.670   -3.114  1.00 48.87  ? 84   GLN A CA  1 
ATOM   612  C C   . GLN A 1 84  ? -3.402  7.003   -4.264  1.00 51.21  ? 84   GLN A C   1 
ATOM   613  O O   . GLN A 1 84  ? -2.539  7.866   -4.130  1.00 51.10  ? 84   GLN A O   1 
ATOM   614  C CB  . GLN A 1 84  ? -5.349  7.817   -2.916  1.00 48.18  ? 84   GLN A CB  1 
ATOM   615  C CG  . GLN A 1 84  ? -6.082  8.242   -4.193  1.00 50.87  ? 84   GLN A CG  1 
ATOM   616  C CD  . GLN A 1 84  ? -7.111  9.363   -3.971  1.00 57.49  ? 84   GLN A CD  1 
ATOM   617  O OE1 . GLN A 1 84  ? -7.165  9.988   -2.913  1.00 59.08  ? 84   GLN A OE1 1 
ATOM   618  N NE2 . GLN A 1 84  ? -7.923  9.614   -4.982  1.00 53.16  ? 84   GLN A NE2 1 
ATOM   619  N N   . PHE A 1 85  ? -3.565  6.325   -5.393  1.00 46.63  ? 85   PHE A N   1 
ATOM   620  C CA  . PHE A 1 85  ? -2.735  6.621   -6.539  1.00 50.93  ? 85   PHE A CA  1 
ATOM   621  C C   . PHE A 1 85  ? -3.063  8.004   -7.002  1.00 50.75  ? 85   PHE A C   1 
ATOM   622  O O   . PHE A 1 85  ? -4.221  8.307   -7.226  1.00 50.72  ? 85   PHE A O   1 
ATOM   623  C CB  . PHE A 1 85  ? -2.948  5.630   -7.674  1.00 48.39  ? 85   PHE A CB  1 
ATOM   624  C CG  . PHE A 1 85  ? -2.289  4.309   -7.453  1.00 49.74  ? 85   PHE A CG  1 
ATOM   625  C CD1 . PHE A 1 85  ? -0.913  4.203   -7.464  1.00 47.43  ? 85   PHE A CD1 1 
ATOM   626  C CD2 . PHE A 1 85  ? -3.043  3.167   -7.249  1.00 48.26  ? 85   PHE A CD2 1 
ATOM   627  C CE1 . PHE A 1 85  ? -0.302  2.986   -7.267  1.00 49.84  ? 85   PHE A CE1 1 
ATOM   628  C CE2 . PHE A 1 85  ? -2.434  1.935   -7.057  1.00 50.60  ? 85   PHE A CE2 1 
ATOM   629  C CZ  . PHE A 1 85  ? -1.067  1.843   -7.062  1.00 51.03  ? 85   PHE A CZ  1 
ATOM   630  N N   . ASN A 1 86  ? -2.047  8.843   -7.145  1.00 54.99  ? 86   ASN A N   1 
ATOM   631  C CA  . ASN A 1 86  ? -2.270  10.195  -7.627  1.00 56.54  ? 86   ASN A CA  1 
ATOM   632  C C   . ASN A 1 86  ? -1.966  10.328  -9.112  1.00 58.13  ? 86   ASN A C   1 
ATOM   633  O O   . ASN A 1 86  ? -0.862  10.713  -9.486  1.00 63.66  ? 86   ASN A O   1 
ATOM   634  C CB  . ASN A 1 86  ? -1.428  11.177  -6.832  1.00 57.18  ? 86   ASN A CB  1 
ATOM   635  C CG  . ASN A 1 86  ? -1.872  12.595  -7.043  1.00 66.63  ? 86   ASN A CG  1 
ATOM   636  O OD1 . ASN A 1 86  ? -2.646  13.148  -6.253  1.00 70.96  ? 86   ASN A OD1 1 
ATOM   637  N ND2 . ASN A 1 86  ? -1.407  13.192  -8.128  1.00 61.99  ? 86   ASN A ND2 1 
ATOM   638  N N   . ILE A 1 87  ? -2.942  9.981   -9.949  1.00 54.17  ? 87   ILE A N   1 
ATOM   639  C CA  . ILE A 1 87  ? -2.814  10.066  -11.402 1.00 55.11  ? 87   ILE A CA  1 
ATOM   640  C C   . ILE A 1 87  ? -4.124  10.483  -12.069 1.00 57.20  ? 87   ILE A C   1 
ATOM   641  O O   . ILE A 1 87  ? -5.204  10.211  -11.553 1.00 53.48  ? 87   ILE A O   1 
ATOM   642  C CB  . ILE A 1 87  ? -2.360  8.731   -12.025 1.00 57.20  ? 87   ILE A CB  1 
ATOM   643  C CG1 . ILE A 1 87  ? -2.813  7.550   -11.178 1.00 55.16  ? 87   ILE A CG1 1 
ATOM   644  C CG2 . ILE A 1 87  ? -0.861  8.695   -12.136 1.00 66.45  ? 87   ILE A CG2 1 
ATOM   645  C CD1 . ILE A 1 87  ? -4.299  7.273   -11.209 1.00 56.18  ? 87   ILE A CD1 1 
ATOM   646  N N   . PRO A 1 88  ? -4.030  11.171  -13.215 1.00 60.09  ? 88   PRO A N   1 
ATOM   647  C CA  . PRO A 1 88  ? -5.254  11.450  -13.964 1.00 62.69  ? 88   PRO A CA  1 
ATOM   648  C C   . PRO A 1 88  ? -5.886  10.152  -14.403 1.00 62.87  ? 88   PRO A C   1 
ATOM   649  O O   . PRO A 1 88  ? -5.174  9.162   -14.535 1.00 60.87  ? 88   PRO A O   1 
ATOM   650  C CB  . PRO A 1 88  ? -4.768  12.270  -15.161 1.00 56.49  ? 88   PRO A CB  1 
ATOM   651  C CG  . PRO A 1 88  ? -3.293  12.043  -15.214 1.00 55.06  ? 88   PRO A CG  1 
ATOM   652  C CD  . PRO A 1 88  ? -2.857  11.832  -13.810 1.00 56.11  ? 88   PRO A CD  1 
ATOM   653  N N   . THR A 1 89  ? -7.196  10.166  -14.619 1.00 56.51  ? 89   THR A N   1 
ATOM   654  C CA  . THR A 1 89  ? -7.956  8.960   -14.894 1.00 62.68  ? 89   THR A CA  1 
ATOM   655  C C   . THR A 1 89  ? -9.134  9.236   -15.828 1.00 66.65  ? 89   THR A C   1 
ATOM   656  O O   . THR A 1 89  ? -9.664  10.343  -15.841 1.00 70.88  ? 89   THR A O   1 
ATOM   657  C CB  . THR A 1 89  ? -8.466  8.344   -13.577 1.00 69.88  ? 89   THR A CB  1 
ATOM   658  O OG1 . THR A 1 89  ? -9.364  7.271   -13.862 1.00 73.42  ? 89   THR A OG1 1 
ATOM   659  C CG2 . THR A 1 89  ? -9.182  9.390   -12.731 1.00 69.11  ? 89   THR A CG2 1 
ATOM   660  N N   . VAL A 1 90  ? -9.538  8.239   -16.616 1.00 64.68  ? 90   VAL A N   1 
ATOM   661  C CA  . VAL A 1 90  ? -10.738 8.390   -17.432 1.00 74.35  ? 90   VAL A CA  1 
ATOM   662  C C   . VAL A 1 90  ? -11.918 8.575   -16.505 1.00 79.17  ? 90   VAL A C   1 
ATOM   663  O O   . VAL A 1 90  ? -11.886 8.121   -15.360 1.00 79.21  ? 90   VAL A O   1 
ATOM   664  C CB  . VAL A 1 90  ? -11.020 7.180   -18.359 1.00 71.02  ? 90   VAL A CB  1 
ATOM   665  C CG1 . VAL A 1 90  ? -10.139 7.220   -19.589 1.00 66.81  ? 90   VAL A CG1 1 
ATOM   666  C CG2 . VAL A 1 90  ? -10.867 5.868   -17.605 1.00 73.63  ? 90   VAL A CG2 1 
ATOM   667  N N   . LYS A 1 91  ? -12.944 9.255   -17.008 1.00 86.78  ? 91   LYS A N   1 
ATOM   668  C CA  . LYS A 1 91  ? -14.159 9.518   -16.252 1.00 88.64  ? 91   LYS A CA  1 
ATOM   669  C C   . LYS A 1 91  ? -14.648 8.256   -15.541 1.00 93.97  ? 91   LYS A C   1 
ATOM   670  O O   . LYS A 1 91  ? -14.946 8.271   -14.339 1.00 88.43  ? 91   LYS A O   1 
ATOM   671  C CB  . LYS A 1 91  ? -15.239 10.076  -17.189 1.00 93.10  ? 91   LYS A CB  1 
ATOM   672  C CG  . LYS A 1 91  ? -15.125 9.622   -18.652 1.00 90.50  ? 91   LYS A CG  1 
ATOM   673  C CD  . LYS A 1 91  ? -16.189 10.306  -19.516 1.00 90.53  ? 91   LYS A CD  1 
ATOM   674  C CE  . LYS A 1 91  ? -15.796 10.346  -20.993 1.00 90.84  ? 91   LYS A CE  1 
ATOM   675  N NZ  . LYS A 1 91  ? -15.880 9.025   -21.662 1.00 93.23  ? 91   LYS A NZ  1 
ATOM   676  N N   . LEU A 1 92  ? -14.674 7.159   -16.290 1.00 90.77  ? 92   LEU A N   1 
ATOM   677  C CA  . LEU A 1 92  ? -15.127 5.866   -15.798 1.00 87.89  ? 92   LEU A CA  1 
ATOM   678  C C   . LEU A 1 92  ? -14.363 5.370   -14.553 1.00 87.66  ? 92   LEU A C   1 
ATOM   679  O O   . LEU A 1 92  ? -14.964 4.846   -13.613 1.00 91.79  ? 92   LEU A O   1 
ATOM   680  C CB  . LEU A 1 92  ? -15.026 4.846   -16.946 1.00 90.34  ? 92   LEU A CB  1 
ATOM   681  C CG  . LEU A 1 92  ? -15.416 3.375   -16.778 1.00 87.99  ? 92   LEU A CG  1 
ATOM   682  C CD1 . LEU A 1 92  ? -16.876 3.230   -16.411 1.00 77.06  ? 92   LEU A CD1 1 
ATOM   683  C CD2 . LEU A 1 92  ? -15.112 2.612   -18.062 1.00 90.48  ? 92   LEU A CD2 1 
ATOM   684  N N   . CYS A 1 93  ? -13.045 5.557   -14.538 1.00 79.57  ? 93   CYS A N   1 
ATOM   685  C CA  . CYS A 1 93  ? -12.193 4.935   -13.524 1.00 66.96  ? 93   CYS A CA  1 
ATOM   686  C C   . CYS A 1 93  ? -11.828 5.805   -12.322 1.00 62.18  ? 93   CYS A C   1 
ATOM   687  O O   . CYS A 1 93  ? -11.019 5.407   -11.496 1.00 57.51  ? 93   CYS A O   1 
ATOM   688  C CB  . CYS A 1 93  ? -10.919 4.449   -14.196 1.00 58.59  ? 93   CYS A CB  1 
ATOM   689  S SG  . CYS A 1 93  ? -11.215 3.086   -15.348 1.00 74.53  ? 93   CYS A SG  1 
ATOM   690  N N   . VAL A 1 94  ? -12.441 6.978   -12.199 1.00 64.59  ? 94   VAL A N   1 
ATOM   691  C CA  . VAL A 1 94  ? -12.036 7.927   -11.160 1.00 64.49  ? 94   VAL A CA  1 
ATOM   692  C C   . VAL A 1 94  ? -12.170 7.341   -9.751  1.00 60.76  ? 94   VAL A C   1 
ATOM   693  O O   . VAL A 1 94  ? -11.491 7.770   -8.816  1.00 60.85  ? 94   VAL A O   1 
ATOM   694  C CB  . VAL A 1 94  ? -12.840 9.244   -11.262 1.00 69.36  ? 94   VAL A CB  1 
ATOM   695  C CG1 . VAL A 1 94  ? -14.335 8.982   -11.162 1.00 69.07  ? 94   VAL A CG1 1 
ATOM   696  C CG2 . VAL A 1 94  ? -12.381 10.250  -10.203 1.00 74.15  ? 94   VAL A CG2 1 
ATOM   697  N N   . SER A 1 95  ? -13.011 6.322   -9.616  1.00 64.99  ? 95   SER A N   1 
ATOM   698  C CA  . SER A 1 95  ? -13.273 5.705   -8.318  1.00 67.63  ? 95   SER A CA  1 
ATOM   699  C C   . SER A 1 95  ? -12.246 4.643   -7.935  1.00 57.91  ? 95   SER A C   1 
ATOM   700  O O   . SER A 1 95  ? -12.116 4.297   -6.768  1.00 59.04  ? 95   SER A O   1 
ATOM   701  C CB  . SER A 1 95  ? -14.672 5.094   -8.301  1.00 64.08  ? 95   SER A CB  1 
ATOM   702  O OG  . SER A 1 95  ? -15.649 6.117   -8.305  1.00 66.92  ? 95   SER A OG  1 
ATOM   703  N N   . TYR A 1 96  ? -11.503 4.149   -8.913  1.00 54.30  ? 96   TYR A N   1 
ATOM   704  C CA  . TYR A 1 96  ? -10.547 3.080   -8.655  1.00 55.27  ? 96   TYR A CA  1 
ATOM   705  C C   . TYR A 1 96  ? -9.112  3.549   -8.417  1.00 50.47  ? 96   TYR A C   1 
ATOM   706  O O   . TYR A 1 96  ? -8.180  3.115   -9.095  1.00 53.54  ? 96   TYR A O   1 
ATOM   707  C CB  . TYR A 1 96  ? -10.546 2.101   -9.823  1.00 55.34  ? 96   TYR A CB  1 
ATOM   708  C CG  . TYR A 1 96  ? -11.816 1.292   -10.005 1.00 63.07  ? 96   TYR A CG  1 
ATOM   709  C CD1 . TYR A 1 96  ? -12.922 1.828   -10.667 1.00 64.66  ? 96   TYR A CD1 1 
ATOM   710  C CD2 . TYR A 1 96  ? -11.893 -0.027  -9.556  1.00 60.91  ? 96   TYR A CD2 1 
ATOM   711  C CE1 . TYR A 1 96  ? -14.068 1.079   -10.865 1.00 60.53  ? 96   TYR A CE1 1 
ATOM   712  C CE2 . TYR A 1 96  ? -13.035 -0.789  -9.750  1.00 63.45  ? 96   TYR A CE2 1 
ATOM   713  C CZ  . TYR A 1 96  ? -14.118 -0.232  -10.406 1.00 69.26  ? 96   TYR A CZ  1 
ATOM   714  O OH  . TYR A 1 96  ? -15.253 -0.983  -10.603 1.00 69.66  ? 96   TYR A OH  1 
ATOM   715  N N   . THR A 1 97  ? -8.911  4.429   -7.459  1.00 48.80  ? 97   THR A N   1 
ATOM   716  C CA  . THR A 1 97  ? -7.556  4.891   -7.207  1.00 50.33  ? 97   THR A CA  1 
ATOM   717  C C   . THR A 1 97  ? -7.198  4.754   -5.742  1.00 51.88  ? 97   THR A C   1 
ATOM   718  O O   . THR A 1 97  ? -6.028  4.794   -5.379  1.00 50.83  ? 97   THR A O   1 
ATOM   719  C CB  . THR A 1 97  ? -7.354  6.361   -7.615  1.00 50.60  ? 97   THR A CB  1 
ATOM   720  O OG1 . THR A 1 97  ? -8.059  7.208   -6.705  1.00 43.41  ? 97   THR A OG1 1 
ATOM   721  C CG2 . THR A 1 97  ? -7.831  6.609   -9.046  1.00 52.07  ? 97   THR A CG2 1 
ATOM   722  N N   . ILE A 1 98  ? -8.205  4.606   -4.894  1.00 47.11  ? 98   ILE A N   1 
ATOM   723  C CA  . ILE A 1 98  ? -7.943  4.528   -3.480  1.00 46.93  ? 98   ILE A CA  1 
ATOM   724  C C   . ILE A 1 98  ? -7.642  3.092   -3.143  1.00 44.78  ? 98   ILE A C   1 
ATOM   725  O O   . ILE A 1 98  ? -8.334  2.199   -3.582  1.00 48.92  ? 98   ILE A O   1 
ATOM   726  C CB  . ILE A 1 98  ? -9.129  5.066   -2.668  1.00 50.16  ? 98   ILE A CB  1 
ATOM   727  C CG1 . ILE A 1 98  ? -9.420  6.496   -3.104  1.00 44.80  ? 98   ILE A CG1 1 
ATOM   728  C CG2 . ILE A 1 98  ? -8.874  4.969   -1.158  1.00 44.16  ? 98   ILE A CG2 1 
ATOM   729  C CD1 . ILE A 1 98  ? -10.651 7.056   -2.458  1.00 49.62  ? 98   ILE A CD1 1 
ATOM   730  N N   . TRP A 1 99  ? -6.583  2.881   -2.381  1.00 46.55  ? 99   TRP A N   1 
ATOM   731  C CA  . TRP A 1 99  ? -6.136  1.553   -2.024  1.00 43.66  ? 99   TRP A CA  1 
ATOM   732  C C   . TRP A 1 99  ? -7.075  0.890   -1.034  1.00 42.17  ? 99   TRP A C   1 
ATOM   733  O O   . TRP A 1 99  ? -7.618  1.528   -0.144  1.00 44.21  ? 99   TRP A O   1 
ATOM   734  C CB  . TRP A 1 99  ? -4.740  1.594   -1.408  1.00 44.51  ? 99   TRP A CB  1 
ATOM   735  C CG  . TRP A 1 99  ? -3.621  1.866   -2.328  1.00 40.23  ? 99   TRP A CG  1 
ATOM   736  C CD1 . TRP A 1 99  ? -3.663  2.563   -3.489  1.00 43.53  ? 99   TRP A CD1 1 
ATOM   737  C CD2 . TRP A 1 99  ? -2.264  1.440   -2.157  1.00 39.68  ? 99   TRP A CD2 1 
ATOM   738  N NE1 . TRP A 1 99  ? -2.406  2.604   -4.063  1.00 43.14  ? 99   TRP A NE1 1 
ATOM   739  C CE2 . TRP A 1 99  ? -1.534  1.908   -3.264  1.00 43.98  ? 99   TRP A CE2 1 
ATOM   740  C CE3 . TRP A 1 99  ? -1.595  0.699   -1.172  1.00 42.15  ? 99   TRP A CE3 1 
ATOM   741  C CZ2 . TRP A 1 99  ? -0.170  1.671   -3.413  1.00 43.08  ? 99   TRP A CZ2 1 
ATOM   742  C CZ3 . TRP A 1 99  ? -0.240  0.471   -1.322  1.00 41.34  ? 99   TRP A CZ3 1 
ATOM   743  C CH2 . TRP A 1 99  ? 0.455   0.948   -2.439  1.00 40.88  ? 99   TRP A CH2 1 
ATOM   744  N N   . LYS A 1 100 ? -7.228  -0.414  -1.179  1.00 42.56  ? 100  LYS A N   1 
ATOM   745  C CA  . LYS A 1 100 ? -7.994  -1.214  -0.239  1.00 44.91  ? 100  LYS A CA  1 
ATOM   746  C C   . LYS A 1 100 ? -7.502  -2.633  -0.312  1.00 45.40  ? 100  LYS A C   1 
ATOM   747  O O   . LYS A 1 100 ? -6.779  -3.020  -1.230  1.00 43.52  ? 100  LYS A O   1 
ATOM   748  C CB  . LYS A 1 100 ? -9.488  -1.181  -0.550  1.00 45.20  ? 100  LYS A CB  1 
ATOM   749  C CG  . LYS A 1 100 ? -9.833  -1.720  -1.935  1.00 44.93  ? 100  LYS A CG  1 
ATOM   750  C CD  . LYS A 1 100 ? -11.332 -1.886  -2.140  1.00 44.88  ? 100  LYS A CD  1 
ATOM   751  C CE  . LYS A 1 100 ? -11.887 -2.933  -1.186  1.00 48.18  ? 100  LYS A CE  1 
ATOM   752  N NZ  . LYS A 1 100 ? -13.104 -3.620  -1.733  1.00 61.50  ? 100  LYS A NZ  1 
ATOM   753  N N   . VAL A 1 101 ? -7.942  -3.433  0.632   1.00 44.74  ? 101  VAL A N   1 
ATOM   754  C CA  . VAL A 1 101 ? -7.612  -4.826  0.585   1.00 43.36  ? 101  VAL A CA  1 
ATOM   755  C C   . VAL A 1 101 ? -8.859  -5.634  0.177   1.00 44.34  ? 101  VAL A C   1 
ATOM   756  O O   . VAL A 1 101 ? -9.969  -5.343  0.600   1.00 44.56  ? 101  VAL A O   1 
ATOM   757  C CB  . VAL A 1 101 ? -6.990  -5.219  1.927   1.00 43.33  ? 101  VAL A CB  1 
ATOM   758  C CG1 . VAL A 1 101 ? -7.732  -6.294  2.586   1.00 47.27  ? 101  VAL A CG1 1 
ATOM   759  C CG2 . VAL A 1 101 ? -5.570  -5.617  1.688   1.00 41.68  ? 101  VAL A CG2 1 
ATOM   760  N N   . GLY A 1 102 ? -8.676  -6.608  -0.708  1.00 47.70  ? 102  GLY A N   1 
ATOM   761  C CA  . GLY A 1 102 ? -9.796  -7.328  -1.282  1.00 40.92  ? 102  GLY A CA  1 
ATOM   762  C C   . GLY A 1 102 ? -10.317 -8.452  -0.417  1.00 42.09  ? 102  GLY A C   1 
ATOM   763  O O   . GLY A 1 102 ? -9.882  -8.643  0.722   1.00 43.33  ? 102  GLY A O   1 
ATOM   764  N N   . ASN A 1 103 ? -11.266 -9.202  -0.970  1.00 41.95  ? 103  ASN A N   1 
ATOM   765  C CA  . ASN A 1 103 ? -11.796 -10.396 -0.329  1.00 39.79  ? 103  ASN A CA  1 
ATOM   766  C C   . ASN A 1 103 ? -10.730 -11.457 -0.205  1.00 39.77  ? 103  ASN A C   1 
ATOM   767  O O   . ASN A 1 103 ? -9.753  -11.439 -0.930  1.00 44.02  ? 103  ASN A O   1 
ATOM   768  C CB  . ASN A 1 103 ? -12.979 -10.943 -1.119  1.00 44.06  ? 103  ASN A CB  1 
ATOM   769  C CG  . ASN A 1 103 ? -14.143 -9.967  -1.174  1.00 47.69  ? 103  ASN A CG  1 
ATOM   770  O OD1 . ASN A 1 103 ? -14.330 -9.158  -0.263  1.00 50.28  ? 103  ASN A OD1 1 
ATOM   771  N ND2 . ASN A 1 103 ? -14.935 -10.044 -2.242  1.00 43.34  ? 103  ASN A ND2 1 
ATOM   772  N N   . LEU A 1 104 ? -10.911 -12.373 0.729   1.00 42.65  ? 104  LEU A N   1 
ATOM   773  C CA  . LEU A 1 104 ? -10.001 -13.487 0.876   1.00 43.91  ? 104  LEU A CA  1 
ATOM   774  C C   . LEU A 1 104 ? -9.886  -14.249 -0.439  1.00 46.56  ? 104  LEU A C   1 
ATOM   775  O O   . LEU A 1 104 ? -10.897 -14.730 -0.942  1.00 42.23  ? 104  LEU A O   1 
ATOM   776  C CB  . LEU A 1 104 ? -10.482 -14.429 1.981   1.00 46.41  ? 104  LEU A CB  1 
ATOM   777  C CG  . LEU A 1 104 ? -9.734  -15.768 1.964   1.00 52.13  ? 104  LEU A CG  1 
ATOM   778  C CD1 . LEU A 1 104 ? -8.253  -15.517 2.236   1.00 45.02  ? 104  LEU A CD1 1 
ATOM   779  C CD2 . LEU A 1 104 ? -10.298 -16.774 2.957   1.00 51.20  ? 104  LEU A CD2 1 
ATOM   780  N N   . ASN A 1 105 ? -8.663  -14.336 -0.985  1.00 42.19  ? 105  ASN A N   1 
ATOM   781  C CA  . ASN A 1 105 ? -8.366  -15.154 -2.160  1.00 38.23  ? 105  ASN A CA  1 
ATOM   782  C C   . ASN A 1 105 ? -7.924  -16.568 -1.776  1.00 45.19  ? 105  ASN A C   1 
ATOM   783  O O   . ASN A 1 105 ? -6.818  -16.758 -1.278  1.00 45.32  ? 105  ASN A O   1 
ATOM   784  C CB  . ASN A 1 105 ? -7.278  -14.493 -3.000  1.00 41.32  ? 105  ASN A CB  1 
ATOM   785  C CG  . ASN A 1 105 ? -6.962  -15.262 -4.295  1.00 46.71  ? 105  ASN A CG  1 
ATOM   786  O OD1 . ASN A 1 105 ? -6.489  -16.405 -4.282  1.00 45.90  ? 105  ASN A OD1 1 
ATOM   787  N ND2 . ASN A 1 105 ? -7.197  -14.608 -5.419  1.00 44.90  ? 105  ASN A ND2 1 
ATOM   788  N N   . ALA A 1 106 ? -8.780  -17.552 -2.041  1.00 45.68  ? 106  ALA A N   1 
ATOM   789  C CA  . ALA A 1 106 ? -8.538  -18.948 -1.667  1.00 39.69  ? 106  ALA A CA  1 
ATOM   790  C C   . ALA A 1 106 ? -7.242  -19.498 -2.217  1.00 41.11  ? 106  ALA A C   1 
ATOM   791  O O   . ALA A 1 106 ? -6.542  -20.238 -1.534  1.00 48.11  ? 106  ALA A O   1 
ATOM   792  C CB  . ALA A 1 106 ? -9.707  -19.826 -2.123  1.00 33.13  ? 106  ALA A CB  1 
ATOM   793  N N   . TYR A 1 107 ? -6.922  -19.162 -3.458  1.00 41.92  ? 107  TYR A N   1 
ATOM   794  C CA  . TYR A 1 107 ? -5.711  -19.688 -4.088  1.00 43.21  ? 107  TYR A CA  1 
ATOM   795  C C   . TYR A 1 107 ? -4.444  -19.204 -3.392  1.00 47.68  ? 107  TYR A C   1 
ATOM   796  O O   . TYR A 1 107 ? -3.532  -19.993 -3.150  1.00 46.68  ? 107  TYR A O   1 
ATOM   797  C CB  . TYR A 1 107 ? -5.675  -19.299 -5.558  1.00 45.63  ? 107  TYR A CB  1 
ATOM   798  C CG  . TYR A 1 107 ? -4.430  -19.708 -6.306  1.00 49.09  ? 107  TYR A CG  1 
ATOM   799  C CD1 . TYR A 1 107 ? -4.299  -20.988 -6.823  1.00 47.68  ? 107  TYR A CD1 1 
ATOM   800  C CD2 . TYR A 1 107 ? -3.397  -18.794 -6.531  1.00 49.07  ? 107  TYR A CD2 1 
ATOM   801  C CE1 . TYR A 1 107 ? -3.169  -21.362 -7.540  1.00 54.00  ? 107  TYR A CE1 1 
ATOM   802  C CE2 . TYR A 1 107 ? -2.273  -19.150 -7.247  1.00 51.64  ? 107  TYR A CE2 1 
ATOM   803  C CZ  . TYR A 1 107 ? -2.160  -20.440 -7.750  1.00 57.54  ? 107  TYR A CZ  1 
ATOM   804  O OH  . TYR A 1 107 ? -1.036  -20.801 -8.458  1.00 56.79  ? 107  TYR A OH  1 
ATOM   805  N N   . PHE A 1 108 ? -4.384  -17.908 -3.078  1.00 44.82  ? 108  PHE A N   1 
ATOM   806  C CA  . PHE A 1 108 ? -3.211  -17.353 -2.394  1.00 44.32  ? 108  PHE A CA  1 
ATOM   807  C C   . PHE A 1 108 ? -3.326  -17.440 -0.886  1.00 44.21  ? 108  PHE A C   1 
ATOM   808  O O   . PHE A 1 108 ? -2.346  -17.256 -0.190  1.00 48.37  ? 108  PHE A O   1 
ATOM   809  C CB  . PHE A 1 108 ? -2.978  -15.904 -2.795  1.00 39.76  ? 108  PHE A CB  1 
ATOM   810  C CG  . PHE A 1 108 ? -2.531  -15.749 -4.217  1.00 47.58  ? 108  PHE A CG  1 
ATOM   811  C CD1 . PHE A 1 108 ? -1.331  -16.290 -4.637  1.00 43.27  ? 108  PHE A CD1 1 
ATOM   812  C CD2 . PHE A 1 108 ? -3.317  -15.088 -5.141  1.00 47.14  ? 108  PHE A CD2 1 
ATOM   813  C CE1 . PHE A 1 108 ? -0.919  -16.152 -5.926  1.00 40.31  ? 108  PHE A CE1 1 
ATOM   814  C CE2 . PHE A 1 108 ? -2.898  -14.962 -6.447  1.00 47.78  ? 108  PHE A CE2 1 
ATOM   815  C CZ  . PHE A 1 108 ? -1.692  -15.489 -6.831  1.00 42.54  ? 108  PHE A CZ  1 
ATOM   816  N N   . ARG A 1 109 ? -4.528  -17.723 -0.395  1.00 45.24  ? 109  ARG A N   1 
ATOM   817  C CA  . ARG A 1 109 ? -4.794  -17.818 1.040   1.00 45.96  ? 109  ARG A CA  1 
ATOM   818  C C   . ARG A 1 109 ? -4.520  -16.507 1.759   1.00 43.91  ? 109  ARG A C   1 
ATOM   819  O O   . ARG A 1 109 ? -4.115  -16.495 2.903   1.00 52.76  ? 109  ARG A O   1 
ATOM   820  C CB  . ARG A 1 109 ? -3.977  -18.950 1.681   1.00 49.46  ? 109  ARG A CB  1 
ATOM   821  C CG  . ARG A 1 109 ? -4.644  -20.318 1.571   1.00 55.91  ? 109  ARG A CG  1 
ATOM   822  C CD  . ARG A 1 109 ? -3.684  -21.410 1.141   1.00 59.82  ? 109  ARG A CD  1 
ATOM   823  N NE  . ARG A 1 109 ? -2.981  -21.993 2.275   1.00 56.25  ? 109  ARG A NE  1 
ATOM   824  C CZ  . ARG A 1 109 ? -2.352  -23.165 2.228   1.00 68.06  ? 109  ARG A CZ  1 
ATOM   825  N NH1 . ARG A 1 109 ? -2.340  -23.889 1.110   1.00 61.86  ? 109  ARG A NH1 1 
ATOM   826  N NH2 . ARG A 1 109 ? -1.735  -23.625 3.309   1.00 78.13  ? 109  ARG A NH2 1 
ATOM   827  N N   . THR A 1 110 ? -4.763  -15.399 1.086   1.00 41.63  ? 110  THR A N   1 
ATOM   828  C CA  . THR A 1 110 ? -4.562  -14.106 1.691   1.00 43.71  ? 110  THR A CA  1 
ATOM   829  C C   . THR A 1 110 ? -5.422  -13.109 0.919   1.00 42.21  ? 110  THR A C   1 
ATOM   830  O O   . THR A 1 110 ? -6.064  -13.474 -0.053  1.00 42.37  ? 110  THR A O   1 
ATOM   831  C CB  . THR A 1 110 ? -3.068  -13.685 1.669   1.00 39.40  ? 110  THR A CB  1 
ATOM   832  O OG1 . THR A 1 110 ? -2.886  -12.532 2.498   1.00 40.25  ? 110  THR A OG1 1 
ATOM   833  C CG2 . THR A 1 110 ? -2.619  -13.354 0.261   1.00 34.63  ? 110  THR A CG2 1 
ATOM   834  N N   . MET A 1 111 ? -5.452  -11.863 1.370   1.00 38.54  ? 111  MET A N   1 
ATOM   835  C CA  . MET A 1 111 ? -6.129  -10.812 0.649   1.00 37.40  ? 111  MET A CA  1 
ATOM   836  C C   . MET A 1 111 ? -5.128  -10.061 -0.207  1.00 40.44  ? 111  MET A C   1 
ATOM   837  O O   . MET A 1 111 ? -3.962  -9.892  0.169   1.00 44.55  ? 111  MET A O   1 
ATOM   838  C CB  . MET A 1 111 ? -6.831  -9.871  1.617   1.00 40.37  ? 111  MET A CB  1 
ATOM   839  C CG  . MET A 1 111 ? -7.597  -10.597 2.699   1.00 44.15  ? 111  MET A CG  1 
ATOM   840  S SD  . MET A 1 111 ? -8.578  -9.525  3.800   1.00 48.92  ? 111  MET A SD  1 
ATOM   841  C CE  . MET A 1 111 ? -7.955  -10.112 5.374   1.00 50.72  ? 111  MET A CE  1 
ATOM   842  N N   . LEU A 1 112 ? -5.567  -9.637  -1.382  1.00 40.56  ? 112  LEU A N   1 
ATOM   843  C CA  . LEU A 1 112 ? -4.691  -8.918  -2.280  1.00 35.40  ? 112  LEU A CA  1 
ATOM   844  C C   . LEU A 1 112 ? -5.005  -7.437  -2.210  1.00 40.10  ? 112  LEU A C   1 
ATOM   845  O O   . LEU A 1 112 ? -6.125  -7.042  -1.889  1.00 42.05  ? 112  LEU A O   1 
ATOM   846  C CB  . LEU A 1 112 ? -4.834  -9.420  -3.703  1.00 32.28  ? 112  LEU A CB  1 
ATOM   847  C CG  . LEU A 1 112 ? -4.789  -10.918 -3.995  1.00 36.54  ? 112  LEU A CG  1 
ATOM   848  C CD1 . LEU A 1 112 ? -4.728  -11.111 -5.487  1.00 38.71  ? 112  LEU A CD1 1 
ATOM   849  C CD2 . LEU A 1 112 ? -3.620  -11.578 -3.355  1.00 37.79  ? 112  LEU A CD2 1 
ATOM   850  N N   . LEU A 1 113 ? -4.013  -6.621  -2.524  1.00 41.53  ? 113  LEU A N   1 
ATOM   851  C CA  . LEU A 1 113 ? -4.198  -5.175  -2.535  1.00 42.29  ? 113  LEU A CA  1 
ATOM   852  C C   . LEU A 1 113 ? -4.873  -4.738  -3.833  1.00 40.41  ? 113  LEU A C   1 
ATOM   853  O O   . LEU A 1 113 ? -4.439  -5.104  -4.925  1.00 40.04  ? 113  LEU A O   1 
ATOM   854  C CB  . LEU A 1 113 ? -2.848  -4.449  -2.345  1.00 39.11  ? 113  LEU A CB  1 
ATOM   855  C CG  . LEU A 1 113 ? -2.446  -4.128  -0.895  1.00 38.60  ? 113  LEU A CG  1 
ATOM   856  C CD1 . LEU A 1 113 ? -2.230  -5.371  -0.061  1.00 35.48  ? 113  LEU A CD1 1 
ATOM   857  C CD2 . LEU A 1 113 ? -1.209  -3.222  -0.850  1.00 43.56  ? 113  LEU A CD2 1 
ATOM   858  N N   . GLU A 1 114 ? -5.941  -3.957  -3.719  1.00 41.00  ? 114  GLU A N   1 
ATOM   859  C CA  . GLU A 1 114 ? -6.606  -3.455  -4.915  1.00 47.36  ? 114  GLU A CA  1 
ATOM   860  C C   . GLU A 1 114 ? -6.981  -1.990  -4.776  1.00 44.65  ? 114  GLU A C   1 
ATOM   861  O O   . GLU A 1 114 ? -6.805  -1.404  -3.716  1.00 44.28  ? 114  GLU A O   1 
ATOM   862  C CB  . GLU A 1 114 ? -7.845  -4.293  -5.227  1.00 40.22  ? 114  GLU A CB  1 
ATOM   863  C CG  . GLU A 1 114 ? -8.717  -4.566  -4.061  1.00 44.59  ? 114  GLU A CG  1 
ATOM   864  C CD  . GLU A 1 114 ? -9.756  -5.624  -4.381  1.00 50.99  ? 114  GLU A CD  1 
ATOM   865  O OE1 . GLU A 1 114 ? -9.412  -6.824  -4.395  1.00 54.13  ? 114  GLU A OE1 1 
ATOM   866  O OE2 . GLU A 1 114 ? -10.914 -5.252  -4.636  1.00 55.27  ? 114  GLU A OE2 1 
ATOM   867  N N   . THR A 1 115 ? -7.489  -1.390  -5.841  1.00 43.22  ? 115  THR A N   1 
ATOM   868  C CA  . THR A 1 115 ? -8.080  -0.068  -5.687  1.00 51.08  ? 115  THR A CA  1 
ATOM   869  C C   . THR A 1 115 ? -9.612  -0.190  -5.630  1.00 50.60  ? 115  THR A C   1 
ATOM   870  O O   . THR A 1 115 ? -10.140 -1.291  -5.711  1.00 49.25  ? 115  THR A O   1 
ATOM   871  C CB  . THR A 1 115 ? -7.656  0.879   -6.803  1.00 49.91  ? 115  THR A CB  1 
ATOM   872  O OG1 . THR A 1 115 ? -8.183  0.417   -8.049  1.00 47.50  ? 115  THR A OG1 1 
ATOM   873  C CG2 . THR A 1 115 ? -6.148  0.932   -6.873  1.00 46.43  ? 115  THR A CG2 1 
ATOM   874  N N   . GLY A 1 116 ? -10.310 0.937   -5.469  1.00 50.54  ? 116  GLY A N   1 
ATOM   875  C CA  . GLY A 1 116 ? -11.732 0.926   -5.166  1.00 44.56  ? 116  GLY A CA  1 
ATOM   876  C C   . GLY A 1 116 ? -12.043 1.146   -3.690  1.00 47.83  ? 116  GLY A C   1 
ATOM   877  O O   . GLY A 1 116 ? -13.154 0.937   -3.247  1.00 45.88  ? 116  GLY A O   1 
ATOM   878  N N   . GLY A 1 117 ? -11.061 1.583   -2.916  1.00 50.09  ? 117  GLY A N   1 
ATOM   879  C CA  . GLY A 1 117 ? -11.295 1.855   -1.510  1.00 46.78  ? 117  GLY A CA  1 
ATOM   880  C C   . GLY A 1 117 ? -12.009 3.182   -1.282  1.00 50.73  ? 117  GLY A C   1 
ATOM   881  O O   . GLY A 1 117 ? -12.510 3.824   -2.223  1.00 50.11  ? 117  GLY A O   1 
ATOM   882  N N   . THR A 1 118 ? -12.062 3.592   -0.016  1.00 47.95  ? 118  THR A N   1 
ATOM   883  C CA  . THR A 1 118 ? -12.726 4.834   0.392   1.00 51.31  ? 118  THR A CA  1 
ATOM   884  C C   . THR A 1 118 ? -11.940 5.542   1.490   1.00 52.93  ? 118  THR A C   1 
ATOM   885  O O   . THR A 1 118 ? -11.224 4.911   2.261   1.00 53.86  ? 118  THR A O   1 
ATOM   886  C CB  . THR A 1 118 ? -14.126 4.587   0.931   1.00 50.70  ? 118  THR A CB  1 
ATOM   887  O OG1 . THR A 1 118 ? -14.004 3.901   2.181   1.00 59.41  ? 118  THR A OG1 1 
ATOM   888  C CG2 . THR A 1 118 ? -14.941 3.725   -0.017  1.00 54.29  ? 118  THR A CG2 1 
ATOM   889  N N   . ILE A 1 119 ? -12.096 6.856   1.583   1.00 55.37  ? 119  ILE A N   1 
ATOM   890  C CA  . ILE A 1 119 ? -11.322 7.621   2.538   1.00 46.01  ? 119  ILE A CA  1 
ATOM   891  C C   . ILE A 1 119 ? -12.113 7.846   3.816   1.00 51.58  ? 119  ILE A C   1 
ATOM   892  O O   . ILE A 1 119 ? -13.305 8.127   3.791   1.00 54.85  ? 119  ILE A O   1 
ATOM   893  C CB  . ILE A 1 119 ? -10.871 8.951   1.916   1.00 46.62  ? 119  ILE A CB  1 
ATOM   894  C CG1 . ILE A 1 119 ? -9.851  8.657   0.825   1.00 48.01  ? 119  ILE A CG1 1 
ATOM   895  C CG2 . ILE A 1 119 ? -10.257 9.885   2.961   1.00 50.31  ? 119  ILE A CG2 1 
ATOM   896  C CD1 . ILE A 1 119 ? -9.591  9.800   -0.138  1.00 49.54  ? 119  ILE A CD1 1 
ATOM   897  N N   . GLY A 1 120 ? -11.434 7.666   4.940   1.00 58.19  ? 120  GLY A N   1 
ATOM   898  C CA  . GLY A 1 120 ? -11.960 8.035   6.236   1.00 58.21  ? 120  GLY A CA  1 
ATOM   899  C C   . GLY A 1 120 ? -13.132 7.197   6.671   1.00 64.09  ? 120  GLY A C   1 
ATOM   900  O O   . GLY A 1 120 ? -14.044 7.706   7.321   1.00 75.31  ? 120  GLY A O   1 
ATOM   901  N N   . GLN A 1 121 ? -13.119 5.917   6.321   1.00 57.62  ? 121  GLN A N   1 
ATOM   902  C CA  . GLN A 1 121 ? -14.183 5.012   6.735   1.00 58.29  ? 121  GLN A CA  1 
ATOM   903  C C   . GLN A 1 121 ? -13.597 3.732   7.307   1.00 56.38  ? 121  GLN A C   1 
ATOM   904  O O   . GLN A 1 121 ? -12.546 3.288   6.872   1.00 61.54  ? 121  GLN A O   1 
ATOM   905  C CB  . GLN A 1 121 ? -15.122 4.710   5.562   1.00 58.00  ? 121  GLN A CB  1 
ATOM   906  C CG  . GLN A 1 121 ? -15.729 5.969   4.935   1.00 53.36  ? 121  GLN A CG  1 
ATOM   907  C CD  . GLN A 1 121 ? -16.843 5.682   3.948   1.00 54.36  ? 121  GLN A CD  1 
ATOM   908  O OE1 . GLN A 1 121 ? -16.911 4.606   3.354   1.00 55.05  ? 121  GLN A OE1 1 
ATOM   909  N NE2 . GLN A 1 121 ? -17.731 6.655   3.770   1.00 59.16  ? 121  GLN A NE2 1 
ATOM   910  N N   . ALA A 1 122 ? -14.274 3.150   8.290   1.00 58.92  ? 122  ALA A N   1 
ATOM   911  C CA  . ALA A 1 122 ? -13.766 1.967   8.989   1.00 60.80  ? 122  ALA A CA  1 
ATOM   912  C C   . ALA A 1 122 ? -14.038 0.651   8.233   1.00 60.11  ? 122  ALA A C   1 
ATOM   913  O O   . ALA A 1 122 ? -14.761 -0.229  8.710   1.00 61.90  ? 122  ALA A O   1 
ATOM   914  C CB  . ALA A 1 122 ? -14.350 1.901   10.405  1.00 52.65  ? 122  ALA A CB  1 
ATOM   915  N N   . ASP A 1 123 ? -13.431 0.527   7.055   1.00 63.41  ? 123  ASP A N   1 
ATOM   916  C CA  . ASP A 1 123 ? -13.549 -0.672  6.230   1.00 63.28  ? 123  ASP A CA  1 
ATOM   917  C C   . ASP A 1 123 ? -12.163 -1.242  5.904   1.00 59.16  ? 123  ASP A C   1 
ATOM   918  O O   . ASP A 1 123 ? -11.295 -1.310  6.782   1.00 57.53  ? 123  ASP A O   1 
ATOM   919  C CB  . ASP A 1 123 ? -14.326 -0.372  4.939   1.00 63.22  ? 123  ASP A CB  1 
ATOM   920  C CG  . ASP A 1 123 ? -13.771 0.827   4.178   1.00 61.09  ? 123  ASP A CG  1 
ATOM   921  O OD1 . ASP A 1 123 ? -12.844 1.470   4.701   1.00 59.12  ? 123  ASP A OD1 1 
ATOM   922  O OD2 . ASP A 1 123 ? -14.260 1.122   3.060   1.00 65.12  ? 123  ASP A OD2 1 
ATOM   923  N N   . ASN A 1 124 ? -11.960 -1.626  4.644   1.00 53.20  ? 124  ASN A N   1 
ATOM   924  C CA  . ASN A 1 124 ? -10.737 -2.312  4.236   1.00 53.46  ? 124  ASN A CA  1 
ATOM   925  C C   . ASN A 1 124 ? -9.694  -1.429  3.580   1.00 47.82  ? 124  ASN A C   1 
ATOM   926  O O   . ASN A 1 124 ? -8.861  -1.907  2.829   1.00 45.42  ? 124  ASN A O   1 
ATOM   927  C CB  . ASN A 1 124 ? -11.086 -3.452  3.285   1.00 51.84  ? 124  ASN A CB  1 
ATOM   928  C CG  . ASN A 1 124 ? -11.625 -4.660  4.020   1.00 63.33  ? 124  ASN A CG  1 
ATOM   929  O OD1 . ASN A 1 124 ? -11.573 -4.726  5.268   1.00 56.98  ? 124  ASN A OD1 1 
ATOM   930  N ND2 . ASN A 1 124 ? -12.143 -5.633  3.260   1.00 63.97  ? 124  ASN A ND2 1 
ATOM   931  N N   . SER A 1 125 ? -9.740  -0.138  3.882   1.00 50.69  ? 125  SER A N   1 
ATOM   932  C CA  . SER A 1 125 ? -8.961  0.838   3.154   1.00 46.90  ? 125  SER A CA  1 
ATOM   933  C C   . SER A 1 125 ? -7.866  1.453   4.020   1.00 46.66  ? 125  SER A C   1 
ATOM   934  O O   . SER A 1 125 ? -7.136  2.334   3.570   1.00 50.38  ? 125  SER A O   1 
ATOM   935  C CB  . SER A 1 125 ? -9.887  1.932   2.595   1.00 46.52  ? 125  SER A CB  1 
ATOM   936  O OG  . SER A 1 125 ? -10.839 1.398   1.687   1.00 43.86  ? 125  SER A OG  1 
ATOM   937  N N   . TYR A 1 126 ? -7.750  0.992   5.257   1.00 45.28  ? 126  TYR A N   1 
ATOM   938  C CA  . TYR A 1 126 ? -6.741  1.531   6.158   1.00 46.93  ? 126  TYR A CA  1 
ATOM   939  C C   . TYR A 1 126 ? -5.429  0.752   6.128   1.00 49.82  ? 126  TYR A C   1 
ATOM   940  O O   . TYR A 1 126 ? -5.404  -0.477  6.205   1.00 46.57  ? 126  TYR A O   1 
ATOM   941  C CB  . TYR A 1 126 ? -7.269  1.575   7.593   1.00 52.59  ? 126  TYR A CB  1 
ATOM   942  C CG  . TYR A 1 126 ? -8.155  2.755   7.846   1.00 53.48  ? 126  TYR A CG  1 
ATOM   943  C CD1 . TYR A 1 126 ? -7.766  4.023   7.448   1.00 56.46  ? 126  TYR A CD1 1 
ATOM   944  C CD2 . TYR A 1 126 ? -9.390  2.606   8.461   1.00 57.11  ? 126  TYR A CD2 1 
ATOM   945  C CE1 . TYR A 1 126 ? -8.576  5.118   7.656   1.00 56.45  ? 126  TYR A CE1 1 
ATOM   946  C CE2 . TYR A 1 126 ? -10.206 3.700   8.671   1.00 59.44  ? 126  TYR A CE2 1 
ATOM   947  C CZ  . TYR A 1 126 ? -9.791  4.947   8.254   1.00 57.90  ? 126  TYR A CZ  1 
ATOM   948  O OH  . TYR A 1 126 ? -10.581 6.038   8.452   1.00 69.77  ? 126  TYR A OH  1 
ATOM   949  N N   . PHE A 1 127 ? -4.337  1.502   6.039   1.00 51.29  ? 127  PHE A N   1 
ATOM   950  C CA  . PHE A 1 127 ? -2.999  0.947   6.124   1.00 49.75  ? 127  PHE A CA  1 
ATOM   951  C C   . PHE A 1 127 ? -2.180  1.654   7.219   1.00 53.84  ? 127  PHE A C   1 
ATOM   952  O O   . PHE A 1 127 ? -2.655  2.588   7.860   1.00 56.44  ? 127  PHE A O   1 
ATOM   953  C CB  . PHE A 1 127 ? -2.305  1.061   4.766   1.00 47.55  ? 127  PHE A CB  1 
ATOM   954  C CG  . PHE A 1 127 ? -3.003  0.306   3.656   1.00 47.39  ? 127  PHE A CG  1 
ATOM   955  C CD1 . PHE A 1 127 ? -4.068  0.881   2.956   1.00 47.36  ? 127  PHE A CD1 1 
ATOM   956  C CD2 . PHE A 1 127 ? -2.594  -0.967  3.300   1.00 46.78  ? 127  PHE A CD2 1 
ATOM   957  C CE1 . PHE A 1 127 ? -4.699  0.189   1.924   1.00 46.71  ? 127  PHE A CE1 1 
ATOM   958  C CE2 . PHE A 1 127 ? -3.225  -1.667  2.264   1.00 44.45  ? 127  PHE A CE2 1 
ATOM   959  C CZ  . PHE A 1 127 ? -4.279  -1.090  1.584   1.00 41.56  ? 127  PHE A CZ  1 
ATOM   960  N N   . LYS A 1 128 ? -0.955  1.197   7.448   1.00 55.11  ? 128  LYS A N   1 
ATOM   961  C CA  . LYS A 1 128 ? -0.038  1.899   8.340   1.00 51.30  ? 128  LYS A CA  1 
ATOM   962  C C   . LYS A 1 128 ? 1.313   1.895   7.680   1.00 52.99  ? 128  LYS A C   1 
ATOM   963  O O   . LYS A 1 128 ? 1.610   0.993   6.894   1.00 53.74  ? 128  LYS A O   1 
ATOM   964  C CB  . LYS A 1 128 ? 0.062   1.226   9.709   1.00 53.66  ? 128  LYS A CB  1 
ATOM   965  C CG  . LYS A 1 128 ? -1.110  1.453   10.640  1.00 52.79  ? 128  LYS A CG  1 
ATOM   966  C CD  . LYS A 1 128 ? -0.966  0.598   11.906  1.00 57.11  ? 128  LYS A CD  1 
ATOM   967  C CE  . LYS A 1 128 ? -1.975  0.994   12.985  1.00 62.78  ? 128  LYS A CE  1 
ATOM   968  N NZ  . LYS A 1 128 ? -1.910  0.109   14.185  1.00 68.29  ? 128  LYS A NZ  1 
ATOM   969  N N   . ILE A 1 129 ? 2.134   2.893   7.984   1.00 51.66  ? 129  ILE A N   1 
ATOM   970  C CA  . ILE A 1 129 ? 3.550   2.814   7.659   1.00 53.48  ? 129  ILE A CA  1 
ATOM   971  C C   . ILE A 1 129 ? 4.340   2.488   8.919   1.00 57.19  ? 129  ILE A C   1 
ATOM   972  O O   . ILE A 1 129 ? 4.131   3.103   9.955   1.00 59.55  ? 129  ILE A O   1 
ATOM   973  C CB  . ILE A 1 129 ? 4.071   4.107   7.055   1.00 51.62  ? 129  ILE A CB  1 
ATOM   974  C CG1 . ILE A 1 129 ? 3.214   4.490   5.848   1.00 51.16  ? 129  ILE A CG1 1 
ATOM   975  C CG2 . ILE A 1 129 ? 5.527   3.948   6.698   1.00 49.51  ? 129  ILE A CG2 1 
ATOM   976  C CD1 . ILE A 1 129 ? 3.869   5.404   4.876   1.00 47.91  ? 129  ILE A CD1 1 
ATOM   977  N N   . VAL A 1 130 ? 5.223   1.501   8.851   1.00 55.56  ? 130  VAL A N   1 
ATOM   978  C CA  . VAL A 1 130 ? 6.086   1.214   9.992   1.00 58.06  ? 130  VAL A CA  1 
ATOM   979  C C   . VAL A 1 130 ? 7.533   0.949   9.566   1.00 58.71  ? 130  VAL A C   1 
ATOM   980  O O   . VAL A 1 130 ? 7.809   0.667   8.403   1.00 56.75  ? 130  VAL A O   1 
ATOM   981  C CB  . VAL A 1 130 ? 5.584   0.016   10.790  1.00 54.45  ? 130  VAL A CB  1 
ATOM   982  C CG1 . VAL A 1 130 ? 4.252   0.336   11.433  1.00 52.72  ? 130  VAL A CG1 1 
ATOM   983  C CG2 . VAL A 1 130 ? 5.499   -1.200  9.891   1.00 53.96  ? 130  VAL A CG2 1 
ATOM   984  N N   . LYS A 1 131 ? 8.457   1.063   10.511  1.00 59.13  ? 131  LYS A N   1 
ATOM   985  C CA  . LYS A 1 131 ? 9.843   0.751   10.208  1.00 56.76  ? 131  LYS A CA  1 
ATOM   986  C C   . LYS A 1 131 ? 9.982   -0.751  10.003  1.00 56.13  ? 131  LYS A C   1 
ATOM   987  O O   . LYS A 1 131 ? 9.458   -1.562  10.774  1.00 56.66  ? 131  LYS A O   1 
ATOM   988  C CB  . LYS A 1 131 ? 10.782  1.256   11.315  1.00 59.90  ? 131  LYS A CB  1 
ATOM   989  C CG  . LYS A 1 131 ? 10.795  2.789   11.450  1.00 70.09  ? 131  LYS A CG  1 
ATOM   990  C CD  . LYS A 1 131 ? 12.024  3.320   12.200  1.00 76.97  ? 131  LYS A CD  1 
ATOM   991  C CE  . LYS A 1 131 ? 11.624  4.279   13.333  1.00 76.99  ? 131  LYS A CE  1 
ATOM   992  N NZ  . LYS A 1 131 ? 10.920  3.560   14.442  1.00 62.81  ? 131  LYS A NZ  1 
ATOM   993  N N   . SER A 1 132 ? 10.661  -1.112  8.930   1.00 52.27  ? 132  SER A N   1 
ATOM   994  C CA  . SER A 1 132 ? 10.907  -2.502  8.619   1.00 49.57  ? 132  SER A CA  1 
ATOM   995  C C   . SER A 1 132 ? 11.815  -3.128  9.656   1.00 58.64  ? 132  SER A C   1 
ATOM   996  O O   . SER A 1 132 ? 12.547  -2.433  10.345  1.00 63.65  ? 132  SER A O   1 
ATOM   997  C CB  . SER A 1 132 ? 11.536  -2.622  7.240   1.00 53.70  ? 132  SER A CB  1 
ATOM   998  O OG  . SER A 1 132 ? 12.300  -3.808  7.141   1.00 58.77  ? 132  SER A OG  1 
ATOM   999  N N   . SER A 1 133 ? 11.780  -4.445  9.774   1.00 63.13  ? 133  SER A N   1 
ATOM   1000 C CA  . SER A 1 133 ? 12.687  -5.106  10.695  1.00 61.33  ? 133  SER A CA  1 
ATOM   1001 C C   . SER A 1 133 ? 14.083  -5.167  10.085  1.00 64.97  ? 133  SER A C   1 
ATOM   1002 O O   . SER A 1 133 ? 15.078  -5.110  10.800  1.00 72.66  ? 133  SER A O   1 
ATOM   1003 C CB  . SER A 1 133 ? 12.178  -6.497  11.043  1.00 59.84  ? 133  SER A CB  1 
ATOM   1004 O OG  . SER A 1 133 ? 10.873  -6.406  11.595  1.00 67.38  ? 133  SER A OG  1 
ATOM   1005 N N   . LYS A 1 134 ? 14.151  -5.253  8.761   1.00 60.98  ? 134  LYS A N   1 
ATOM   1006 C CA  . LYS A 1 134 ? 15.421  -5.304  8.046   1.00 58.73  ? 134  LYS A CA  1 
ATOM   1007 C C   . LYS A 1 134 ? 15.883  -3.899  7.634   1.00 64.15  ? 134  LYS A C   1 
ATOM   1008 O O   . LYS A 1 134 ? 16.626  -3.244  8.364   1.00 66.59  ? 134  LYS A O   1 
ATOM   1009 C CB  . LYS A 1 134 ? 15.285  -6.224  6.829   1.00 58.18  ? 134  LYS A CB  1 
ATOM   1010 C CG  . LYS A 1 134 ? 16.523  -6.407  5.971   1.00 65.97  ? 134  LYS A CG  1 
ATOM   1011 C CD  . LYS A 1 134 ? 16.245  -7.346  4.772   1.00 69.21  ? 134  LYS A CD  1 
ATOM   1012 C CE  . LYS A 1 134 ? 15.703  -8.707  5.247   1.00 74.62  ? 134  LYS A CE  1 
ATOM   1013 N NZ  . LYS A 1 134 ? 15.574  -9.736  4.159   1.00 71.37  ? 134  LYS A NZ  1 
ATOM   1014 N N   . ILE A 1 135 ? 15.434  -3.430  6.474   1.00 66.20  ? 135  ILE A N   1 
ATOM   1015 C CA  . ILE A 1 135 ? 15.835  -2.115  5.968   1.00 65.64  ? 135  ILE A CA  1 
ATOM   1016 C C   . ILE A 1 135 ? 14.627  -1.274  5.536   1.00 60.53  ? 135  ILE A C   1 
ATOM   1017 O O   . ILE A 1 135 ? 13.791  -1.745  4.782   1.00 66.70  ? 135  ILE A O   1 
ATOM   1018 C CB  . ILE A 1 135 ? 16.787  -2.249  4.755   1.00 65.66  ? 135  ILE A CB  1 
ATOM   1019 C CG1 . ILE A 1 135 ? 17.889  -3.279  5.034   1.00 67.21  ? 135  ILE A CG1 1 
ATOM   1020 C CG2 . ILE A 1 135 ? 17.362  -0.888  4.388   1.00 66.48  ? 135  ILE A CG2 1 
ATOM   1021 C CD1 . ILE A 1 135 ? 18.524  -3.904  3.784   1.00 66.60  ? 135  ILE A CD1 1 
ATOM   1022 N N   . GLY A 1 136 ? 14.525  -0.038  6.009   1.00 56.68  ? 136  GLY A N   1 
ATOM   1023 C CA  . GLY A 1 136 ? 13.512  0.874   5.501   1.00 57.49  ? 136  GLY A CA  1 
ATOM   1024 C C   . GLY A 1 136 ? 12.108  0.770   6.087   1.00 59.26  ? 136  GLY A C   1 
ATOM   1025 O O   . GLY A 1 136 ? 11.914  0.544   7.279   1.00 54.28  ? 136  GLY A O   1 
ATOM   1026 N N   . TYR A 1 137 ? 11.104  0.942   5.239   1.00 59.86  ? 137  TYR A N   1 
ATOM   1027 C CA  . TYR A 1 137 ? 9.733   0.924   5.731   1.00 55.14  ? 137  TYR A CA  1 
ATOM   1028 C C   . TYR A 1 137 ? 8.936   -0.309  5.273   1.00 55.76  ? 137  TYR A C   1 
ATOM   1029 O O   . TYR A 1 137 ? 9.205   -0.903  4.211   1.00 53.86  ? 137  TYR A O   1 
ATOM   1030 C CB  . TYR A 1 137 ? 9.015   2.190   5.284   1.00 53.51  ? 137  TYR A CB  1 
ATOM   1031 C CG  . TYR A 1 137 ? 9.401   3.456   6.016   1.00 58.25  ? 137  TYR A CG  1 
ATOM   1032 C CD1 . TYR A 1 137 ? 9.092   3.625   7.361   1.00 58.26  ? 137  TYR A CD1 1 
ATOM   1033 C CD2 . TYR A 1 137 ? 10.040  4.509   5.351   1.00 58.34  ? 137  TYR A CD2 1 
ATOM   1034 C CE1 . TYR A 1 137 ? 9.424   4.797   8.041   1.00 56.94  ? 137  TYR A CE1 1 
ATOM   1035 C CE2 . TYR A 1 137 ? 10.371  5.698   6.028   1.00 59.57  ? 137  TYR A CE2 1 
ATOM   1036 C CZ  . TYR A 1 137 ? 10.064  5.823   7.373   1.00 60.23  ? 137  TYR A CZ  1 
ATOM   1037 O OH  . TYR A 1 137 ? 10.381  6.973   8.063   1.00 65.87  ? 137  TYR A OH  1 
ATOM   1038 N N   . ASN A 1 138 ? 7.959   -0.687  6.090   1.00 52.84  ? 138  ASN A N   1 
ATOM   1039 C CA  . ASN A 1 138 ? 6.921   -1.631  5.683   1.00 51.94  ? 138  ASN A CA  1 
ATOM   1040 C C   . ASN A 1 138 ? 5.533   -0.951  5.636   1.00 53.00  ? 138  ASN A C   1 
ATOM   1041 O O   . ASN A 1 138 ? 5.261   -0.006  6.395   1.00 46.56  ? 138  ASN A O   1 
ATOM   1042 C CB  . ASN A 1 138 ? 6.875   -2.828  6.639   1.00 45.88  ? 138  ASN A CB  1 
ATOM   1043 C CG  . ASN A 1 138 ? 8.040   -3.793  6.445   1.00 53.11  ? 138  ASN A CG  1 
ATOM   1044 O OD1 . ASN A 1 138 ? 8.580   -3.926  5.347   1.00 54.91  ? 138  ASN A OD1 1 
ATOM   1045 N ND2 . ASN A 1 138 ? 8.432   -4.470  7.521   1.00 52.65  ? 138  ASN A ND2 1 
ATOM   1046 N N   . LEU A 1 139 ? 4.677   -1.423  4.730   1.00 45.63  ? 139  LEU A N   1 
ATOM   1047 C CA  . LEU A 1 139 ? 3.261   -1.078  4.746   1.00 46.95  ? 139  LEU A CA  1 
ATOM   1048 C C   . LEU A 1 139 ? 2.519   -2.144  5.531   1.00 47.87  ? 139  LEU A C   1 
ATOM   1049 O O   . LEU A 1 139 ? 2.867   -3.311  5.453   1.00 45.99  ? 139  LEU A O   1 
ATOM   1050 C CB  . LEU A 1 139 ? 2.698   -0.974  3.334   1.00 42.62  ? 139  LEU A CB  1 
ATOM   1051 C CG  . LEU A 1 139 ? 3.247   0.202   2.536   1.00 48.50  ? 139  LEU A CG  1 
ATOM   1052 C CD1 . LEU A 1 139 ? 2.512   0.328   1.234   1.00 40.69  ? 139  LEU A CD1 1 
ATOM   1053 C CD2 . LEU A 1 139 ? 3.154   1.496   3.337   1.00 48.88  ? 139  LEU A CD2 1 
ATOM   1054 N N   . LEU A 1 140 ? 1.524   -1.741  6.312   1.00 45.09  ? 140  LEU A N   1 
ATOM   1055 C CA  . LEU A 1 140 ? 0.669   -2.707  6.992   1.00 50.26  ? 140  LEU A CA  1 
ATOM   1056 C C   . LEU A 1 140 ? -0.755  -2.523  6.516   1.00 52.01  ? 140  LEU A C   1 
ATOM   1057 O O   . LEU A 1 140 ? -1.152  -1.404  6.232   1.00 51.61  ? 140  LEU A O   1 
ATOM   1058 C CB  . LEU A 1 140 ? 0.719   -2.533  8.504   1.00 53.12  ? 140  LEU A CB  1 
ATOM   1059 C CG  . LEU A 1 140 ? 2.043   -2.710  9.235   1.00 52.07  ? 140  LEU A CG  1 
ATOM   1060 C CD1 . LEU A 1 140 ? 1.752   -2.937  10.703  1.00 47.95  ? 140  LEU A CD1 1 
ATOM   1061 C CD2 . LEU A 1 140 ? 2.821   -3.869  8.652   1.00 49.40  ? 140  LEU A CD2 1 
ATOM   1062 N N   . SER A 1 141 ? -1.516  -3.609  6.418   1.00 46.04  ? 141  SER A N   1 
ATOM   1063 C CA  . SER A 1 141 ? -2.954  -3.501  6.183   1.00 45.77  ? 141  SER A CA  1 
ATOM   1064 C C   . SER A 1 141 ? -3.699  -3.814  7.463   1.00 49.97  ? 141  SER A C   1 
ATOM   1065 O O   . SER A 1 141 ? -3.391  -4.806  8.135   1.00 53.00  ? 141  SER A O   1 
ATOM   1066 C CB  . SER A 1 141 ? -3.408  -4.442  5.068   1.00 45.51  ? 141  SER A CB  1 
ATOM   1067 O OG  . SER A 1 141 ? -4.807  -4.621  5.067   1.00 46.43  ? 141  SER A OG  1 
ATOM   1068 N N   . CYS A 1 142 ? -4.650  -2.956  7.825   1.00 44.27  ? 142  CYS A N   1 
ATOM   1069 C CA  . CYS A 1 142 ? -5.465  -3.185  9.009   1.00 47.30  ? 142  CYS A CA  1 
ATOM   1070 C C   . CYS A 1 142 ? -6.895  -3.246  8.563   1.00 53.02  ? 142  CYS A C   1 
ATOM   1071 O O   . CYS A 1 142 ? -7.646  -2.270  8.707   1.00 52.79  ? 142  CYS A O   1 
ATOM   1072 C CB  . CYS A 1 142 ? -5.298  -2.076  10.047  1.00 47.24  ? 142  CYS A CB  1 
ATOM   1073 S SG  . CYS A 1 142 ? -3.646  -1.867  10.699  1.00 56.25  ? 142  CYS A SG  1 
ATOM   1074 N N   . PRO A 1 143 ? -7.287  -4.377  7.981   1.00 52.57  ? 143  PRO A N   1 
ATOM   1075 C CA  . PRO A 1 143 ? -8.666  -4.417  7.508   1.00 52.39  ? 143  PRO A CA  1 
ATOM   1076 C C   . PRO A 1 143 ? -9.595  -4.589  8.715   1.00 57.27  ? 143  PRO A C   1 
ATOM   1077 O O   . PRO A 1 143 ? -9.110  -4.841  9.834   1.00 58.60  ? 143  PRO A O   1 
ATOM   1078 C CB  . PRO A 1 143 ? -8.673  -5.635  6.590   1.00 53.70  ? 143  PRO A CB  1 
ATOM   1079 C CG  . PRO A 1 143 ? -7.702  -6.572  7.257   1.00 49.30  ? 143  PRO A CG  1 
ATOM   1080 C CD  . PRO A 1 143 ? -6.619  -5.684  7.860   1.00 51.89  ? 143  PRO A CD  1 
ATOM   1081 N N   . PHE A 1 144 ? -10.895 -4.436  8.497   1.00 52.88  ? 144  PHE A N   1 
ATOM   1082 C CA  . PHE A 1 144 ? -11.892 -4.693  9.532   1.00 54.63  ? 144  PHE A CA  1 
ATOM   1083 C C   . PHE A 1 144 ? -11.677 -3.874  10.802  1.00 50.66  ? 144  PHE A C   1 
ATOM   1084 O O   . PHE A 1 144 ? -11.668 -4.404  11.902  1.00 49.89  ? 144  PHE A O   1 
ATOM   1085 C CB  . PHE A 1 144 ? -11.918 -6.181  9.879   1.00 52.27  ? 144  PHE A CB  1 
ATOM   1086 C CG  . PHE A 1 144 ? -11.940 -7.075  8.683   1.00 51.07  ? 144  PHE A CG  1 
ATOM   1087 C CD1 . PHE A 1 144 ? -13.000 -7.052  7.808   1.00 50.07  ? 144  PHE A CD1 1 
ATOM   1088 C CD2 . PHE A 1 144 ? -10.896 -7.943  8.434   1.00 57.46  ? 144  PHE A CD2 1 
ATOM   1089 C CE1 . PHE A 1 144 ? -13.024 -7.871  6.698   1.00 55.20  ? 144  PHE A CE1 1 
ATOM   1090 C CE2 . PHE A 1 144 ? -10.919 -8.770  7.321   1.00 58.93  ? 144  PHE A CE2 1 
ATOM   1091 C CZ  . PHE A 1 144 ? -11.985 -8.736  6.456   1.00 51.05  ? 144  PHE A CZ  1 
ATOM   1092 N N   . THR A 1 145 ? -11.535 -2.571  10.652  1.00 54.67  ? 145  THR A N   1 
ATOM   1093 C CA  . THR A 1 145 ? -11.386 -1.718  11.818  1.00 54.40  ? 145  THR A CA  1 
ATOM   1094 C C   . THR A 1 145 ? -12.704 -1.609  12.593  1.00 52.44  ? 145  THR A C   1 
ATOM   1095 O O   . THR A 1 145 ? -12.734 -1.112  13.717  1.00 54.11  ? 145  THR A O   1 
ATOM   1096 C CB  . THR A 1 145 ? -10.874 -0.326  11.410  1.00 57.34  ? 145  THR A CB  1 
ATOM   1097 O OG1 . THR A 1 145 ? -11.625 0.168   10.289  1.00 55.40  ? 145  THR A OG1 1 
ATOM   1098 C CG2 . THR A 1 145 ? -9.411  -0.423  10.996  1.00 57.91  ? 145  THR A CG2 1 
ATOM   1099 N N   . SER A 1 146 ? -13.781 -2.103  11.993  1.00 51.13  ? 146  SER A N   1 
ATOM   1100 C CA  . SER A 1 146 ? -15.101 -2.060  12.603  1.00 46.09  ? 146  SER A CA  1 
ATOM   1101 C C   . SER A 1 146 ? -15.366 -3.251  13.457  1.00 49.11  ? 146  SER A C   1 
ATOM   1102 O O   . SER A 1 146 ? -16.447 -3.385  14.006  1.00 55.08  ? 146  SER A O   1 
ATOM   1103 C CB  . SER A 1 146 ? -16.183 -2.006  11.548  1.00 46.24  ? 146  SER A CB  1 
ATOM   1104 O OG  . SER A 1 146 ? -16.335 -0.687  11.096  1.00 65.79  ? 146  SER A OG  1 
ATOM   1105 N N   . ILE A 1 147 ? -14.405 -4.154  13.533  1.00 51.29  ? 147  ILE A N   1 
ATOM   1106 C CA  . ILE A 1 147 ? -14.622 -5.385  14.262  1.00 45.70  ? 147  ILE A CA  1 
ATOM   1107 C C   . ILE A 1 147 ? -13.587 -5.494  15.344  1.00 48.74  ? 147  ILE A C   1 
ATOM   1108 O O   . ILE A 1 147 ? -12.404 -5.219  15.118  1.00 53.80  ? 147  ILE A O   1 
ATOM   1109 C CB  . ILE A 1 147 ? -14.551 -6.610  13.335  1.00 46.51  ? 147  ILE A CB  1 
ATOM   1110 C CG1 . ILE A 1 147 ? -15.667 -6.560  12.292  1.00 42.78  ? 147  ILE A CG1 1 
ATOM   1111 C CG2 . ILE A 1 147 ? -14.642 -7.897  14.125  1.00 45.37  ? 147  ILE A CG2 1 
ATOM   1112 C CD1 . ILE A 1 147 ? -15.575 -7.678  11.260  1.00 46.55  ? 147  ILE A CD1 1 
ATOM   1113 N N   . ILE A 1 148 ? -14.023 -5.871  16.536  1.00 49.03  ? 148  ILE A N   1 
ATOM   1114 C CA  . ILE A 1 148 ? -13.072 -6.065  17.619  1.00 56.75  ? 148  ILE A CA  1 
ATOM   1115 C C   . ILE A 1 148 ? -12.314 -7.366  17.422  1.00 53.05  ? 148  ILE A C   1 
ATOM   1116 O O   . ILE A 1 148 ? -12.892 -8.465  17.415  1.00 48.90  ? 148  ILE A O   1 
ATOM   1117 C CB  . ILE A 1 148 ? -13.747 -6.047  19.002  1.00 54.65  ? 148  ILE A CB  1 
ATOM   1118 C CG1 . ILE A 1 148 ? -13.941 -4.602  19.465  1.00 51.82  ? 148  ILE A CG1 1 
ATOM   1119 C CG2 . ILE A 1 148 ? -12.884 -6.759  20.021  1.00 51.78  ? 148  ILE A CG2 1 
ATOM   1120 C CD1 . ILE A 1 148 ? -14.723 -4.503  20.721  1.00 53.57  ? 148  ILE A CD1 1 
ATOM   1121 N N   . CYS A 1 149 ? -11.014 -7.198  17.209  1.00 52.04  ? 149  CYS A N   1 
ATOM   1122 C CA  . CYS A 1 149 ? -10.046 -8.273  17.249  1.00 49.88  ? 149  CYS A CA  1 
ATOM   1123 C C   . CYS A 1 149 ? -9.692  -8.542  18.721  1.00 55.55  ? 149  CYS A C   1 
ATOM   1124 O O   . CYS A 1 149 ? -9.038  -7.712  19.363  1.00 56.23  ? 149  CYS A O   1 
ATOM   1125 C CB  . CYS A 1 149 ? -8.823  -7.870  16.423  1.00 54.08  ? 149  CYS A CB  1 
ATOM   1126 S SG  . CYS A 1 149 ? -7.508  -9.091  16.246  1.00 60.63  ? 149  CYS A SG  1 
ATOM   1127 N N   . LEU A 1 150 ? -10.151 -9.678  19.256  1.00 50.26  ? 150  LEU A N   1 
ATOM   1128 C CA  . LEU A 1 150 ? -10.010 -10.010 20.686  1.00 50.11  ? 150  LEU A CA  1 
ATOM   1129 C C   . LEU A 1 150 ? -8.584  -10.059 21.225  1.00 61.26  ? 150  LEU A C   1 
ATOM   1130 O O   . LEU A 1 150 ? -7.795  -10.910 20.821  1.00 63.46  ? 150  LEU A O   1 
ATOM   1131 C CB  . LEU A 1 150 ? -10.646 -11.352 20.978  1.00 48.55  ? 150  LEU A CB  1 
ATOM   1132 C CG  . LEU A 1 150 ? -12.130 -11.453 20.700  1.00 46.42  ? 150  LEU A CG  1 
ATOM   1133 C CD1 . LEU A 1 150 ? -12.555 -12.893 20.818  1.00 48.69  ? 150  LEU A CD1 1 
ATOM   1134 C CD2 . LEU A 1 150 ? -12.887 -10.594 21.670  1.00 48.88  ? 150  LEU A CD2 1 
ATOM   1135 N N   . ARG A 1 151 ? -8.285  -9.166  22.169  1.00 60.79  ? 151  ARG A N   1 
ATOM   1136 C CA  . ARG A 1 151 ? -6.973  -9.072  22.807  1.00 58.86  ? 151  ARG A CA  1 
ATOM   1137 C C   . ARG A 1 151 ? -5.869  -8.752  21.818  1.00 64.81  ? 151  ARG A C   1 
ATOM   1138 O O   . ARG A 1 151 ? -4.720  -9.117  22.031  1.00 69.65  ? 151  ARG A O   1 
ATOM   1139 C CB  . ARG A 1 151 ? -6.629  -10.359 23.556  1.00 60.59  ? 151  ARG A CB  1 
ATOM   1140 C CG  . ARG A 1 151 ? -7.477  -10.585 24.802  1.00 72.14  ? 151  ARG A CG  1 
ATOM   1141 C CD  . ARG A 1 151 ? -7.343  -12.000 25.343  1.00 69.50  ? 151  ARG A CD  1 
ATOM   1142 N NE  . ARG A 1 151 ? -8.648  -12.652 25.374  1.00 79.61  ? 151  ARG A NE  1 
ATOM   1143 C CZ  . ARG A 1 151 ? -9.025  -13.610 24.530  1.00 82.89  ? 151  ARG A CZ  1 
ATOM   1144 N NH1 . ARG A 1 151 ? -8.187  -14.044 23.592  1.00 79.87  ? 151  ARG A NH1 1 
ATOM   1145 N NH2 . ARG A 1 151 ? -10.236 -14.144 24.635  1.00 79.79  ? 151  ARG A NH2 1 
ATOM   1146 N N   . CYS A 1 152 ? -6.208  -8.062  20.741  1.00 59.60  ? 152  CYS A N   1 
ATOM   1147 C CA  . CYS A 1 152 ? -5.209  -7.681  19.764  1.00 56.63  ? 152  CYS A CA  1 
ATOM   1148 C C   . CYS A 1 152 ? -4.832  -6.232  20.049  1.00 62.05  ? 152  CYS A C   1 
ATOM   1149 O O   . CYS A 1 152 ? -5.618  -5.521  20.679  1.00 64.08  ? 152  CYS A O   1 
ATOM   1150 C CB  . CYS A 1 152 ? -5.760  -7.853  18.339  1.00 63.06  ? 152  CYS A CB  1 
ATOM   1151 S SG  . CYS A 1 152 ? -6.489  -9.485  17.970  1.00 65.07  ? 152  CYS A SG  1 
ATOM   1152 N N   . PRO A 1 153 ? -3.650  -5.783  19.576  1.00 59.02  ? 153  PRO A N   1 
ATOM   1153 C CA  . PRO A 1 153 ? -3.243  -4.401  19.840  1.00 59.91  ? 153  PRO A CA  1 
ATOM   1154 C C   . PRO A 1 153 ? -4.330  -3.424  19.439  1.00 66.97  ? 153  PRO A C   1 
ATOM   1155 O O   . PRO A 1 153 ? -4.560  -3.206  18.253  1.00 67.58  ? 153  PRO A O   1 
ATOM   1156 C CB  . PRO A 1 153 ? -2.001  -4.216  18.967  1.00 56.02  ? 153  PRO A CB  1 
ATOM   1157 C CG  . PRO A 1 153 ? -1.504  -5.566  18.713  1.00 60.90  ? 153  PRO A CG  1 
ATOM   1158 C CD  . PRO A 1 153 ? -2.679  -6.479  18.716  1.00 59.18  ? 153  PRO A CD  1 
ATOM   1159 N N   . GLU A 1 154 ? -5.001  -2.871  20.443  1.00 67.95  ? 154  GLU A N   1 
ATOM   1160 C CA  . GLU A 1 154 ? -6.091  -1.930  20.235  1.00 67.62  ? 154  GLU A CA  1 
ATOM   1161 C C   . GLU A 1 154 ? -7.235  -2.571  19.487  1.00 61.82  ? 154  GLU A C   1 
ATOM   1162 O O   . GLU A 1 154 ? -7.827  -1.946  18.607  1.00 65.54  ? 154  GLU A O   1 
ATOM   1163 C CB  . GLU A 1 154 ? -5.596  -0.697  19.490  1.00 67.08  ? 154  GLU A CB  1 
ATOM   1164 C CG  . GLU A 1 154 ? -4.833  0.247   20.378  1.00 72.67  ? 154  GLU A CG  1 
ATOM   1165 C CD  . GLU A 1 154 ? -3.648  0.853   19.676  1.00 78.09  ? 154  GLU A CD  1 
ATOM   1166 O OE1 . GLU A 1 154 ? -3.590  0.770   18.431  1.00 77.57  ? 154  GLU A OE1 1 
ATOM   1167 O OE2 . GLU A 1 154 ? -2.769  1.406   20.372  1.00 85.93  ? 154  GLU A OE2 1 
ATOM   1168 N N   . ASP A 1 155 ? -7.525  -3.822  19.839  1.00 62.63  ? 155  ASP A N   1 
ATOM   1169 C CA  . ASP A 1 155 ? -8.647  -4.572  19.272  1.00 64.39  ? 155  ASP A CA  1 
ATOM   1170 C C   . ASP A 1 155 ? -8.660  -4.556  17.742  1.00 60.00  ? 155  ASP A C   1 
ATOM   1171 O O   . ASP A 1 155 ? -9.711  -4.437  17.111  1.00 59.53  ? 155  ASP A O   1 
ATOM   1172 C CB  . ASP A 1 155 ? -9.956  -4.019  19.826  1.00 61.38  ? 155  ASP A CB  1 
ATOM   1173 C CG  . ASP A 1 155 ? -10.119 -4.305  21.307  1.00 62.57  ? 155  ASP A CG  1 
ATOM   1174 O OD1 . ASP A 1 155 ? -9.302  -5.092  21.848  1.00 62.60  ? 155  ASP A OD1 1 
ATOM   1175 O OD2 . ASP A 1 155 ? -11.074 -3.769  21.916  1.00 55.45  ? 155  ASP A OD2 1 
ATOM   1176 N N   . GLN A 1 156 ? -7.477  -4.700  17.162  1.00 57.65  ? 156  GLN A N   1 
ATOM   1177 C CA  . GLN A 1 156 ? -7.287  -4.378  15.763  1.00 58.23  ? 156  GLN A CA  1 
ATOM   1178 C C   . GLN A 1 156 ? -6.435  -5.424  15.054  1.00 60.20  ? 156  GLN A C   1 
ATOM   1179 O O   . GLN A 1 156 ? -5.279  -5.651  15.413  1.00 60.82  ? 156  GLN A O   1 
ATOM   1180 C CB  . GLN A 1 156 ? -6.648  -2.988  15.638  1.00 59.22  ? 156  GLN A CB  1 
ATOM   1181 C CG  . GLN A 1 156 ? -6.551  -2.458  14.219  1.00 59.78  ? 156  GLN A CG  1 
ATOM   1182 C CD  . GLN A 1 156 ? -7.889  -2.505  13.487  1.00 66.34  ? 156  GLN A CD  1 
ATOM   1183 O OE1 . GLN A 1 156 ? -8.859  -1.866  13.909  1.00 70.32  ? 156  GLN A OE1 1 
ATOM   1184 N NE2 . GLN A 1 156 ? -7.953  -3.287  12.395  1.00 62.76  ? 156  GLN A NE2 1 
ATOM   1185 N N   . PHE A 1 157 ? -7.013  -6.057  14.039  1.00 59.34  ? 157  PHE A N   1 
ATOM   1186 C CA  . PHE A 1 157 ? -6.280  -6.986  13.185  1.00 49.49  ? 157  PHE A CA  1 
ATOM   1187 C C   . PHE A 1 157 ? -5.439  -6.218  12.181  1.00 51.01  ? 157  PHE A C   1 
ATOM   1188 O O   . PHE A 1 157 ? -5.957  -5.400  11.409  1.00 54.49  ? 157  PHE A O   1 
ATOM   1189 C CB  . PHE A 1 157 ? -7.264  -7.925  12.482  1.00 52.25  ? 157  PHE A CB  1 
ATOM   1190 C CG  . PHE A 1 157 ? -6.665  -8.748  11.373  1.00 53.20  ? 157  PHE A CG  1 
ATOM   1191 C CD1 . PHE A 1 157 ? -5.516  -9.480  11.566  1.00 53.41  ? 157  PHE A CD1 1 
ATOM   1192 C CD2 . PHE A 1 157 ? -7.288  -8.820  10.138  1.00 56.06  ? 157  PHE A CD2 1 
ATOM   1193 C CE1 . PHE A 1 157 ? -4.989  -10.265 10.555  1.00 51.77  ? 157  PHE A CE1 1 
ATOM   1194 C CE2 . PHE A 1 157 ? -6.764  -9.595  9.120   1.00 49.12  ? 157  PHE A CE2 1 
ATOM   1195 C CZ  . PHE A 1 157 ? -5.615  -10.319 9.332   1.00 52.98  ? 157  PHE A CZ  1 
ATOM   1196 N N   . CYS A 1 158 ? -4.131  -6.457  12.216  1.00 51.51  ? 158  CYS A N   1 
ATOM   1197 C CA  . CYS A 1 158 ? -3.204  -5.854  11.263  1.00 48.15  ? 158  CYS A CA  1 
ATOM   1198 C C   . CYS A 1 158 ? -2.245  -6.903  10.773  1.00 45.48  ? 158  CYS A C   1 
ATOM   1199 O O   . CYS A 1 158 ? -1.965  -7.860  11.480  1.00 48.96  ? 158  CYS A O   1 
ATOM   1200 C CB  . CYS A 1 158 ? -2.419  -4.700  11.888  1.00 55.15  ? 158  CYS A CB  1 
ATOM   1201 S SG  . CYS A 1 158 ? -3.363  -3.218  12.214  1.00 51.44  ? 158  CYS A SG  1 
ATOM   1202 N N   . ALA A 1 159 ? -1.733  -6.721  9.565   1.00 47.81  ? 159  ALA A N   1 
ATOM   1203 C CA  . ALA A 1 159 ? -0.868  -7.715  8.961   1.00 44.36  ? 159  ALA A CA  1 
ATOM   1204 C C   . ALA A 1 159 ? 0.114   -7.054  8.024   1.00 45.52  ? 159  ALA A C   1 
ATOM   1205 O O   . ALA A 1 159 ? -0.166  -5.979  7.506   1.00 47.42  ? 159  ALA A O   1 
ATOM   1206 C CB  . ALA A 1 159 ? -1.687  -8.751  8.225   1.00 44.43  ? 159  ALA A CB  1 
ATOM   1207 N N   . LYS A 1 160 ? 1.254   -7.704  7.791   1.00 43.66  ? 160  LYS A N   1 
ATOM   1208 C CA  . LYS A 1 160 ? 2.288   -7.130  6.936   1.00 45.76  ? 160  LYS A CA  1 
ATOM   1209 C C   . LYS A 1 160 ? 1.938   -7.220  5.449   1.00 45.50  ? 160  LYS A C   1 
ATOM   1210 O O   . LYS A 1 160 ? 1.287   -8.165  5.013   1.00 45.01  ? 160  LYS A O   1 
ATOM   1211 C CB  . LYS A 1 160 ? 3.625   -7.821  7.207   1.00 49.39  ? 160  LYS A CB  1 
ATOM   1212 C CG  . LYS A 1 160 ? 4.101   -7.731  8.655   1.00 47.08  ? 160  LYS A CG  1 
ATOM   1213 C CD  . LYS A 1 160 ? 5.610   -7.919  8.724   1.00 49.87  ? 160  LYS A CD  1 
ATOM   1214 C CE  . LYS A 1 160 ? 6.152   -7.778  10.134  1.00 57.76  ? 160  LYS A CE  1 
ATOM   1215 N NZ  . LYS A 1 160 ? 7.463   -8.497  10.308  1.00 59.76  ? 160  LYS A NZ  1 
ATOM   1216 N N   . VAL A 1 161 ? 2.370   -6.230  4.674   1.00 43.80  ? 161  VAL A N   1 
ATOM   1217 C CA  . VAL A 1 161 ? 2.140   -6.209  3.227   1.00 42.22  ? 161  VAL A CA  1 
ATOM   1218 C C   . VAL A 1 161 ? 3.366   -6.741  2.500   1.00 48.40  ? 161  VAL A C   1 
ATOM   1219 O O   . VAL A 1 161 ? 4.471   -6.252  2.711   1.00 49.51  ? 161  VAL A O   1 
ATOM   1220 C CB  . VAL A 1 161 ? 1.815   -4.777  2.701   1.00 44.07  ? 161  VAL A CB  1 
ATOM   1221 C CG1 . VAL A 1 161 ? 1.876   -4.703  1.163   1.00 35.43  ? 161  VAL A CG1 1 
ATOM   1222 C CG2 . VAL A 1 161 ? 0.475   -4.307  3.234   1.00 43.04  ? 161  VAL A CG2 1 
ATOM   1223 N N   . GLY A 1 162 ? 3.165   -7.749  1.650   1.00 48.80  ? 162  GLY A N   1 
ATOM   1224 C CA  . GLY A 1 162 ? 4.242   -8.310  0.855   1.00 44.38  ? 162  GLY A CA  1 
ATOM   1225 C C   . GLY A 1 162 ? 3.826   -8.502  -0.588  1.00 45.77  ? 162  GLY A C   1 
ATOM   1226 O O   . GLY A 1 162 ? 3.035   -7.727  -1.122  1.00 44.71  ? 162  GLY A O   1 
ATOM   1227 N N   . VAL A 1 163 ? 4.351   -9.542  -1.224  1.00 45.57  ? 163  VAL A N   1 
ATOM   1228 C CA  . VAL A 1 163 ? 4.015   -9.831  -2.608  1.00 41.69  ? 163  VAL A CA  1 
ATOM   1229 C C   . VAL A 1 163 ? 3.740   -11.321 -2.832  1.00 40.59  ? 163  VAL A C   1 
ATOM   1230 O O   . VAL A 1 163 ? 4.360   -12.175 -2.212  1.00 44.45  ? 163  VAL A O   1 
ATOM   1231 C CB  . VAL A 1 163 ? 5.133   -9.358  -3.552  1.00 39.91  ? 163  VAL A CB  1 
ATOM   1232 C CG1 . VAL A 1 163 ? 4.909   -9.851  -4.963  1.00 45.53  ? 163  VAL A CG1 1 
ATOM   1233 C CG2 . VAL A 1 163 ? 5.189   -7.847  -3.572  1.00 45.78  ? 163  VAL A CG2 1 
ATOM   1234 N N   . VAL A 1 164 ? 2.754   -11.611 -3.677  1.00 42.59  ? 164  VAL A N   1 
ATOM   1235 C CA  . VAL A 1 164 ? 2.583   -12.925 -4.284  1.00 42.61  ? 164  VAL A CA  1 
ATOM   1236 C C   . VAL A 1 164 ? 2.769   -12.792 -5.784  1.00 45.13  ? 164  VAL A C   1 
ATOM   1237 O O   . VAL A 1 164 ? 2.656   -11.694 -6.345  1.00 45.84  ? 164  VAL A O   1 
ATOM   1238 C CB  . VAL A 1 164 ? 1.203   -13.518 -4.018  1.00 43.78  ? 164  VAL A CB  1 
ATOM   1239 C CG1 . VAL A 1 164 ? 1.059   -13.871 -2.566  1.00 39.46  ? 164  VAL A CG1 1 
ATOM   1240 C CG2 . VAL A 1 164 ? 0.120   -12.550 -4.452  1.00 35.42  ? 164  VAL A CG2 1 
ATOM   1241 N N   . ILE A 1 165 ? 3.052   -13.901 -6.445  1.00 47.07  ? 165  ILE A N   1 
ATOM   1242 C CA  . ILE A 1 165 ? 3.196   -13.854 -7.896  1.00 49.33  ? 165  ILE A CA  1 
ATOM   1243 C C   . ILE A 1 165 ? 1.902   -14.293 -8.558  1.00 47.65  ? 165  ILE A C   1 
ATOM   1244 O O   . ILE A 1 165 ? 1.475   -15.423 -8.401  1.00 49.90  ? 165  ILE A O   1 
ATOM   1245 C CB  . ILE A 1 165 ? 4.358   -14.732 -8.393  1.00 48.46  ? 165  ILE A CB  1 
ATOM   1246 C CG1 . ILE A 1 165 ? 5.612   -14.505 -7.532  1.00 50.37  ? 165  ILE A CG1 1 
ATOM   1247 C CG2 . ILE A 1 165 ? 4.635   -14.432 -9.833  1.00 49.12  ? 165  ILE A CG2 1 
ATOM   1248 C CD1 . ILE A 1 165 ? 6.133   -13.069 -7.531  1.00 46.82  ? 165  ILE A CD1 1 
ATOM   1249 N N   . GLN A 1 166 ? 1.273   -13.388 -9.295  1.00 48.73  ? 166  GLN A N   1 
ATOM   1250 C CA  . GLN A 1 166 ? -0.014  -13.666 -9.919  1.00 47.94  ? 166  GLN A CA  1 
ATOM   1251 C C   . GLN A 1 166 ? 0.092   -13.364 -11.396 1.00 55.75  ? 166  GLN A C   1 
ATOM   1252 O O   . GLN A 1 166 ? 0.368   -12.218 -11.774 1.00 55.85  ? 166  GLN A O   1 
ATOM   1253 C CB  . GLN A 1 166 ? -1.115  -12.826 -9.257  1.00 49.74  ? 166  GLN A CB  1 
ATOM   1254 C CG  . GLN A 1 166 ? -2.368  -12.608 -10.075 1.00 52.07  ? 166  GLN A CG  1 
ATOM   1255 C CD  . GLN A 1 166 ? -3.268  -11.554 -9.456  1.00 53.57  ? 166  GLN A CD  1 
ATOM   1256 O OE1 . GLN A 1 166 ? -2.849  -10.424 -9.217  1.00 57.35  ? 166  GLN A OE1 1 
ATOM   1257 N NE2 . GLN A 1 166 ? -4.508  -11.918 -9.203  1.00 49.80  ? 166  GLN A NE2 1 
ATOM   1258 N N   . ASN A 1 167 ? -0.101  -14.386 -12.229 1.00 57.95  ? 167  ASN A N   1 
ATOM   1259 C CA  . ASN A 1 167 ? 0.129   -14.256 -13.667 1.00 53.41  ? 167  ASN A CA  1 
ATOM   1260 C C   . ASN A 1 167 ? 1.512   -13.714 -13.964 1.00 55.05  ? 167  ASN A C   1 
ATOM   1261 O O   . ASN A 1 167 ? 1.675   -12.864 -14.842 1.00 61.56  ? 167  ASN A O   1 
ATOM   1262 C CB  . ASN A 1 167 ? -0.920  -13.346 -14.306 1.00 64.63  ? 167  ASN A CB  1 
ATOM   1263 C CG  . ASN A 1 167 ? -1.830  -14.088 -15.248 1.00 71.07  ? 167  ASN A CG  1 
ATOM   1264 O OD1 . ASN A 1 167 ? -2.039  -15.290 -15.097 1.00 78.68  ? 167  ASN A OD1 1 
ATOM   1265 N ND2 . ASN A 1 167 ? -2.374  -13.382 -16.237 1.00 70.61  ? 167  ASN A ND2 1 
ATOM   1266 N N   . GLY A 1 168 ? 2.501   -14.190 -13.210 1.00 53.62  ? 168  GLY A N   1 
ATOM   1267 C CA  . GLY A 1 168 ? 3.883   -13.756 -13.362 1.00 54.61  ? 168  GLY A CA  1 
ATOM   1268 C C   . GLY A 1 168 ? 4.195   -12.299 -13.070 1.00 56.94  ? 168  GLY A C   1 
ATOM   1269 O O   . GLY A 1 168 ? 5.230   -11.774 -13.507 1.00 56.71  ? 168  GLY A O   1 
ATOM   1270 N N   . LYS A 1 169 ? 3.306   -11.639 -12.338 1.00 54.56  ? 169  LYS A N   1 
ATOM   1271 C CA  . LYS A 1 169 ? 3.548   -10.272 -11.927 1.00 52.05  ? 169  LYS A CA  1 
ATOM   1272 C C   . LYS A 1 169 ? 3.605   -10.218 -10.418 1.00 47.83  ? 169  LYS A C   1 
ATOM   1273 O O   . LYS A 1 169 ? 3.037   -11.073 -9.746  1.00 52.18  ? 169  LYS A O   1 
ATOM   1274 C CB  . LYS A 1 169 ? 2.471   -9.343  -12.470 1.00 49.35  ? 169  LYS A CB  1 
ATOM   1275 C CG  . LYS A 1 169 ? 2.595   -9.095  -13.952 1.00 52.06  ? 169  LYS A CG  1 
ATOM   1276 C CD  . LYS A 1 169 ? 1.592   -8.052  -14.431 1.00 66.07  ? 169  LYS A CD  1 
ATOM   1277 C CE  . LYS A 1 169 ? 0.167   -8.630  -14.529 1.00 74.98  ? 169  LYS A CE  1 
ATOM   1278 N NZ  . LYS A 1 169 ? 0.084   -9.805  -15.468 1.00 77.50  ? 169  LYS A NZ  1 
ATOM   1279 N N   . ARG A 1 170 ? 4.314   -9.233  -9.885  1.00 47.81  ? 170  ARG A N   1 
ATOM   1280 C CA  . ARG A 1 170 ? 4.384   -9.046  -8.436  1.00 53.38  ? 170  ARG A CA  1 
ATOM   1281 C C   . ARG A 1 170 ? 3.149   -8.310  -7.920  1.00 52.45  ? 170  ARG A C   1 
ATOM   1282 O O   . ARG A 1 170 ? 2.970   -7.120  -8.182  1.00 49.04  ? 170  ARG A O   1 
ATOM   1283 C CB  . ARG A 1 170 ? 5.643   -8.276  -8.049  1.00 51.70  ? 170  ARG A CB  1 
ATOM   1284 C CG  . ARG A 1 170 ? 6.900   -9.091  -8.097  1.00 55.79  ? 170  ARG A CG  1 
ATOM   1285 C CD  . ARG A 1 170 ? 8.110   -8.191  -8.179  1.00 58.14  ? 170  ARG A CD  1 
ATOM   1286 N NE  . ARG A 1 170 ? 9.343   -8.959  -8.078  1.00 59.80  ? 170  ARG A NE  1 
ATOM   1287 C CZ  . ARG A 1 170 ? 10.561  -8.434  -8.144  1.00 61.89  ? 170  ARG A CZ  1 
ATOM   1288 N NH1 . ARG A 1 170 ? 10.716  -7.125  -8.310  1.00 57.24  ? 170  ARG A NH1 1 
ATOM   1289 N NH2 . ARG A 1 170 ? 11.623  -9.230  -8.046  1.00 61.28  ? 170  ARG A NH2 1 
ATOM   1290 N N   . ARG A 1 171 ? 2.298   -9.033  -7.197  1.00 49.62  ? 171  ARG A N   1 
ATOM   1291 C CA  . ARG A 1 171 ? 1.057   -8.477  -6.689  1.00 45.72  ? 171  ARG A CA  1 
ATOM   1292 C C   . ARG A 1 171 ? 1.178   -8.268  -5.204  1.00 46.84  ? 171  ARG A C   1 
ATOM   1293 O O   . ARG A 1 171 ? 1.481   -9.208  -4.474  1.00 45.61  ? 171  ARG A O   1 
ATOM   1294 C CB  . ARG A 1 171 ? -0.107  -9.413  -6.975  1.00 45.04  ? 171  ARG A CB  1 
ATOM   1295 C CG  . ARG A 1 171 ? -1.431  -8.902  -6.482  1.00 44.71  ? 171  ARG A CG  1 
ATOM   1296 C CD  . ARG A 1 171 ? -1.925  -7.797  -7.378  1.00 41.85  ? 171  ARG A CD  1 
ATOM   1297 N NE  . ARG A 1 171 ? -3.137  -7.199  -6.846  1.00 43.74  ? 171  ARG A NE  1 
ATOM   1298 C CZ  . ARG A 1 171 ? -4.373  -7.515  -7.225  1.00 44.14  ? 171  ARG A CZ  1 
ATOM   1299 N NH1 . ARG A 1 171 ? -4.580  -8.427  -8.163  1.00 39.74  ? 171  ARG A NH1 1 
ATOM   1300 N NH2 . ARG A 1 171 ? -5.405  -6.903  -6.657  1.00 42.46  ? 171  ARG A NH2 1 
ATOM   1301 N N   . LEU A 1 172 ? 0.924   -7.052  -4.741  1.00 47.14  ? 172  LEU A N   1 
ATOM   1302 C CA  . LEU A 1 172 ? 1.016   -6.791  -3.309  1.00 46.13  ? 172  LEU A CA  1 
ATOM   1303 C C   . LEU A 1 172 ? -0.127  -7.473  -2.568  1.00 42.17  ? 172  LEU A C   1 
ATOM   1304 O O   . LEU A 1 172 ? -1.262  -7.532  -3.049  1.00 45.13  ? 172  LEU A O   1 
ATOM   1305 C CB  . LEU A 1 172 ? 1.031   -5.290  -3.021  1.00 42.35  ? 172  LEU A CB  1 
ATOM   1306 C CG  . LEU A 1 172 ? 2.404   -4.621  -3.102  1.00 42.88  ? 172  LEU A CG  1 
ATOM   1307 C CD1 . LEU A 1 172 ? 2.911   -4.581  -4.539  1.00 41.66  ? 172  LEU A CD1 1 
ATOM   1308 C CD2 . LEU A 1 172 ? 2.359   -3.217  -2.490  1.00 38.18  ? 172  LEU A CD2 1 
ATOM   1309 N N   . ALA A 1 173 ? 0.180   -7.992  -1.392  1.00 40.67  ? 173  ALA A N   1 
ATOM   1310 C CA  . ALA A 1 173 ? -0.790  -8.783  -0.645  1.00 45.34  ? 173  ALA A CA  1 
ATOM   1311 C C   . ALA A 1 173 ? -0.374  -8.958  0.818   1.00 43.18  ? 173  ALA A C   1 
ATOM   1312 O O   . ALA A 1 173 ? 0.782   -8.728  1.186   1.00 47.25  ? 173  ALA A O   1 
ATOM   1313 C CB  . ALA A 1 173 ? -0.965  -10.138 -1.316  1.00 41.21  ? 173  ALA A CB  1 
ATOM   1314 N N   . LEU A 1 174 ? -1.295  -9.385  1.662   1.00 40.68  ? 174  LEU A N   1 
ATOM   1315 C CA  . LEU A 1 174 ? -0.915  -9.579  3.047   1.00 45.08  ? 174  LEU A CA  1 
ATOM   1316 C C   . LEU A 1 174 ? -0.037  -10.832 3.106   1.00 45.56  ? 174  LEU A C   1 
ATOM   1317 O O   . LEU A 1 174 ? -0.351  -11.823 2.469   1.00 46.64  ? 174  LEU A O   1 
ATOM   1318 C CB  . LEU A 1 174 ? -2.138  -9.699  3.965   1.00 40.86  ? 174  LEU A CB  1 
ATOM   1319 C CG  . LEU A 1 174 ? -3.319  -8.715  3.820   1.00 45.90  ? 174  LEU A CG  1 
ATOM   1320 C CD1 . LEU A 1 174 ? -4.091  -8.566  5.132   1.00 37.64  ? 174  LEU A CD1 1 
ATOM   1321 C CD2 . LEU A 1 174 ? -2.910  -7.369  3.293   1.00 42.99  ? 174  LEU A CD2 1 
ATOM   1322 N N   . VAL A 1 175 ? 1.074   -10.771 3.834   1.00 47.37  ? 175  VAL A N   1 
ATOM   1323 C CA  . VAL A 1 175 ? 1.980   -11.924 3.981   1.00 41.13  ? 175  VAL A CA  1 
ATOM   1324 C C   . VAL A 1 175 ? 2.369   -12.118 5.433   1.00 47.53  ? 175  VAL A C   1 
ATOM   1325 O O   . VAL A 1 175 ? 2.055   -11.292 6.293   1.00 47.84  ? 175  VAL A O   1 
ATOM   1326 C CB  . VAL A 1 175 ? 3.281   -11.773 3.192   1.00 44.06  ? 175  VAL A CB  1 
ATOM   1327 C CG1 . VAL A 1 175 ? 3.020   -11.541 1.711   1.00 41.16  ? 175  VAL A CG1 1 
ATOM   1328 C CG2 . VAL A 1 175 ? 4.108   -10.631 3.789   1.00 49.27  ? 175  VAL A CG2 1 
ATOM   1329 N N   . ASN A 1 176 ? 3.065   -13.217 5.701   1.00 51.36  ? 176  ASN A N   1 
ATOM   1330 C CA  . ASN A 1 176 ? 3.581   -13.486 7.040   1.00 46.19  ? 176  ASN A CA  1 
ATOM   1331 C C   . ASN A 1 176 ? 5.073   -13.169 7.125   1.00 54.69  ? 176  ASN A C   1 
ATOM   1332 O O   . ASN A 1 176 ? 5.520   -12.561 8.095   1.00 58.16  ? 176  ASN A O   1 
ATOM   1333 C CB  . ASN A 1 176 ? 3.302   -14.927 7.421   1.00 47.04  ? 176  ASN A CB  1 
ATOM   1334 C CG  . ASN A 1 176 ? 1.817   -15.252 7.379   1.00 50.25  ? 176  ASN A CG  1 
ATOM   1335 O OD1 . ASN A 1 176 ? 0.985   -14.406 7.709   1.00 52.90  ? 176  ASN A OD1 1 
ATOM   1336 N ND2 . ASN A 1 176 ? 1.475   -16.468 6.968   1.00 43.74  ? 176  ASN A ND2 1 
ATOM   1337 N N   . GLU A 1 177 ? 5.824   -13.543 6.086   1.00 59.50  ? 177  GLU A N   1 
ATOM   1338 C CA  . GLU A 1 177 ? 7.248   -13.240 6.000   1.00 57.51  ? 177  GLU A CA  1 
ATOM   1339 C C   . GLU A 1 177 ? 7.604   -12.462 4.755   1.00 60.38  ? 177  GLU A C   1 
ATOM   1340 O O   . GLU A 1 177 ? 6.807   -12.341 3.818   1.00 52.32  ? 177  GLU A O   1 
ATOM   1341 C CB  . GLU A 1 177 ? 8.092   -14.508 6.026   1.00 55.88  ? 177  GLU A CB  1 
ATOM   1342 C CG  . GLU A 1 177 ? 7.994   -15.275 7.317   1.00 60.28  ? 177  GLU A CG  1 
ATOM   1343 C CD  . GLU A 1 177 ? 7.005   -16.407 7.205   1.00 76.91  ? 177  GLU A CD  1 
ATOM   1344 O OE1 . GLU A 1 177 ? 6.943   -16.999 6.092   1.00 76.67  ? 177  GLU A OE1 1 
ATOM   1345 O OE2 . GLU A 1 177 ? 6.299   -16.694 8.211   1.00 70.96  ? 177  GLU A OE2 1 
ATOM   1346 N N   . ASN A 1 178 ? 8.838   -11.961 4.763   1.00 59.97  ? 178  ASN A N   1 
ATOM   1347 C CA  . ASN A 1 178 ? 9.370   -11.119 3.703   1.00 54.98  ? 178  ASN A CA  1 
ATOM   1348 C C   . ASN A 1 178 ? 8.456   -9.968  3.340   1.00 52.63  ? 178  ASN A C   1 
ATOM   1349 O O   . ASN A 1 178 ? 7.934   -9.927  2.229   1.00 48.44  ? 178  ASN A O   1 
ATOM   1350 C CB  . ASN A 1 178 ? 9.655   -11.963 2.466   1.00 54.96  ? 178  ASN A CB  1 
ATOM   1351 C CG  . ASN A 1 178 ? 10.427  -13.220 2.799   1.00 63.33  ? 178  ASN A CG  1 
ATOM   1352 O OD1 . ASN A 1 178 ? 9.844   -14.294 2.973   1.00 64.81  ? 178  ASN A OD1 1 
ATOM   1353 N ND2 . ASN A 1 178 ? 11.749  -13.089 2.924   1.00 67.86  ? 178  ASN A ND2 1 
ATOM   1354 N N   . PRO A 1 179 ? 8.234   -9.047  4.287   1.00 52.14  ? 179  PRO A N   1 
ATOM   1355 C CA  . PRO A 1 179 ? 7.480   -7.854  3.909   1.00 47.32  ? 179  PRO A CA  1 
ATOM   1356 C C   . PRO A 1 179 ? 8.223   -7.035  2.868   1.00 51.53  ? 179  PRO A C   1 
ATOM   1357 O O   . PRO A 1 179 ? 9.452   -7.001  2.866   1.00 55.36  ? 179  PRO A O   1 
ATOM   1358 C CB  . PRO A 1 179 ? 7.345   -7.083  5.227   1.00 49.92  ? 179  PRO A CB  1 
ATOM   1359 C CG  . PRO A 1 179 ? 8.290   -7.707  6.186   1.00 43.08  ? 179  PRO A CG  1 
ATOM   1360 C CD  . PRO A 1 179 ? 8.459   -9.124  5.744   1.00 50.95  ? 179  PRO A CD  1 
ATOM   1361 N N   . LEU A 1 180 ? 7.483   -6.393  1.975   1.00 48.71  ? 180  LEU A N   1 
ATOM   1362 C CA  . LEU A 1 180 ? 8.104   -5.507  1.020   1.00 46.82  ? 180  LEU A CA  1 
ATOM   1363 C C   . LEU A 1 180 ? 8.733   -4.342  1.766   1.00 48.60  ? 180  LEU A C   1 
ATOM   1364 O O   . LEU A 1 180 ? 8.029   -3.558  2.375   1.00 48.53  ? 180  LEU A O   1 
ATOM   1365 C CB  . LEU A 1 180 ? 7.083   -5.014  0.015   1.00 44.05  ? 180  LEU A CB  1 
ATOM   1366 C CG  . LEU A 1 180 ? 7.579   -4.165  -1.149  1.00 48.77  ? 180  LEU A CG  1 
ATOM   1367 C CD1 . LEU A 1 180 ? 8.557   -4.945  -2.020  1.00 50.51  ? 180  LEU A CD1 1 
ATOM   1368 C CD2 . LEU A 1 180 ? 6.388   -3.713  -1.979  1.00 41.41  ? 180  LEU A CD2 1 
ATOM   1369 N N   . ASP A 1 181 ? 10.062  -4.278  1.759   1.00 51.86  ? 181  ASP A N   1 
ATOM   1370 C CA  . ASP A 1 181 ? 10.818  -3.138  2.283   1.00 48.28  ? 181  ASP A CA  1 
ATOM   1371 C C   . ASP A 1 181 ? 10.831  -1.997  1.284   1.00 48.41  ? 181  ASP A C   1 
ATOM   1372 O O   . ASP A 1 181 ? 11.357  -2.144  0.163   1.00 46.90  ? 181  ASP A O   1 
ATOM   1373 C CB  . ASP A 1 181 ? 12.267  -3.534  2.587   1.00 55.89  ? 181  ASP A CB  1 
ATOM   1374 C CG  . ASP A 1 181 ? 12.383  -4.487  3.744   1.00 56.17  ? 181  ASP A CG  1 
ATOM   1375 O OD1 . ASP A 1 181 ? 11.586  -4.360  4.688   1.00 54.56  ? 181  ASP A OD1 1 
ATOM   1376 O OD2 . ASP A 1 181 ? 13.271  -5.360  3.704   1.00 61.42  ? 181  ASP A OD2 1 
ATOM   1377 N N   . VAL A 1 182 ? 10.275  -0.858  1.685   1.00 44.64  ? 182  VAL A N   1 
ATOM   1378 C CA  . VAL A 1 182 ? 10.117  0.252   0.752   1.00 50.93  ? 182  VAL A CA  1 
ATOM   1379 C C   . VAL A 1 182 ? 10.587  1.594   1.257   1.00 52.07  ? 182  VAL A C   1 
ATOM   1380 O O   . VAL A 1 182 ? 10.702  1.834   2.465   1.00 58.96  ? 182  VAL A O   1 
ATOM   1381 C CB  . VAL A 1 182 ? 8.650   0.456   0.336   1.00 48.28  ? 182  VAL A CB  1 
ATOM   1382 C CG1 . VAL A 1 182 ? 8.150   -0.748  -0.424  1.00 44.42  ? 182  VAL A CG1 1 
ATOM   1383 C CG2 . VAL A 1 182 ? 7.785   0.770   1.553   1.00 47.55  ? 182  VAL A CG2 1 
ATOM   1384 N N   . LEU A 1 183 ? 10.819  2.472   0.292   1.00 49.01  ? 183  LEU A N   1 
ATOM   1385 C CA  . LEU A 1 183 ? 11.108  3.863   0.548   1.00 54.64  ? 183  LEU A CA  1 
ATOM   1386 C C   . LEU A 1 183 ? 10.113  4.735   -0.204  1.00 54.75  ? 183  LEU A C   1 
ATOM   1387 O O   . LEU A 1 183 ? 9.428   4.260   -1.111  1.00 56.13  ? 183  LEU A O   1 
ATOM   1388 C CB  . LEU A 1 183 ? 12.535  4.202   0.123   1.00 57.48  ? 183  LEU A CB  1 
ATOM   1389 C CG  . LEU A 1 183 ? 13.610  3.445   0.888   1.00 59.08  ? 183  LEU A CG  1 
ATOM   1390 C CD1 . LEU A 1 183 ? 14.982  3.769   0.313   1.00 52.67  ? 183  LEU A CD1 1 
ATOM   1391 C CD2 . LEU A 1 183 ? 13.511  3.755   2.387   1.00 52.83  ? 183  LEU A CD2 1 
ATOM   1392 N N   . PHE A 1 184 ? 10.057  6.011   0.165   1.00 56.59  ? 184  PHE A N   1 
ATOM   1393 C CA  . PHE A 1 184 ? 9.129   6.958   -0.431  1.00 55.72  ? 184  PHE A CA  1 
ATOM   1394 C C   . PHE A 1 184 ? 9.860   8.116   -1.083  1.00 60.12  ? 184  PHE A C   1 
ATOM   1395 O O   . PHE A 1 184 ? 10.489  8.920   -0.420  1.00 61.18  ? 184  PHE A O   1 
ATOM   1396 C CB  . PHE A 1 184 ? 8.162   7.456   0.637   1.00 57.95  ? 184  PHE A CB  1 
ATOM   1397 C CG  . PHE A 1 184 ? 7.522   6.349   1.412   1.00 53.67  ? 184  PHE A CG  1 
ATOM   1398 C CD1 . PHE A 1 184 ? 6.633   5.482   0.789   1.00 54.02  ? 184  PHE A CD1 1 
ATOM   1399 C CD2 . PHE A 1 184 ? 7.826   6.149   2.730   1.00 51.02  ? 184  PHE A CD2 1 
ATOM   1400 C CE1 . PHE A 1 184 ? 6.045   4.447   1.485   1.00 52.74  ? 184  PHE A CE1 1 
ATOM   1401 C CE2 . PHE A 1 184 ? 7.231   5.113   3.438   1.00 59.92  ? 184  PHE A CE2 1 
ATOM   1402 C CZ  . PHE A 1 184 ? 6.345   4.257   2.812   1.00 51.92  ? 184  PHE A CZ  1 
ATOM   1403 N N   . GLN A 1 185 ? 9.774   8.188   -2.401  1.00 60.82  ? 185  GLN A N   1 
ATOM   1404 C CA  . GLN A 1 185 ? 10.543  9.151   -3.170  1.00 61.89  ? 185  GLN A CA  1 
ATOM   1405 C C   . GLN A 1 185 ? 9.605   10.196  -3.731  1.00 64.14  ? 185  GLN A C   1 
ATOM   1406 O O   . GLN A 1 185 ? 8.841   9.913   -4.656  1.00 65.00  ? 185  GLN A O   1 
ATOM   1407 C CB  . GLN A 1 185 ? 11.306  8.438   -4.283  1.00 62.97  ? 185  GLN A CB  1 
ATOM   1408 C CG  . GLN A 1 185 ? 12.042  9.321   -5.245  1.00 63.57  ? 185  GLN A CG  1 
ATOM   1409 C CD  . GLN A 1 185 ? 12.601  8.527   -6.411  1.00 67.15  ? 185  GLN A CD  1 
ATOM   1410 O OE1 . GLN A 1 185 ? 11.863  8.110   -7.305  1.00 74.65  ? 185  GLN A OE1 1 
ATOM   1411 N NE2 . GLN A 1 185 ? 13.903  8.289   -6.395  1.00 73.22  ? 185  GLN A NE2 1 
ATOM   1412 N N   . GLU A 1 186 ? 9.645   11.389  -3.143  1.00 66.20  ? 186  GLU A N   1 
ATOM   1413 C CA  . GLU A 1 186 ? 8.769   12.485  -3.537  1.00 60.34  ? 186  GLU A CA  1 
ATOM   1414 C C   . GLU A 1 186 ? 8.918   12.831  -5.017  1.00 65.19  ? 186  GLU A C   1 
ATOM   1415 O O   . GLU A 1 186 ? 9.960   12.605  -5.631  1.00 65.34  ? 186  GLU A O   1 
ATOM   1416 C CB  . GLU A 1 186 ? 9.049   13.708  -2.668  1.00 67.22  ? 186  GLU A CB  1 
ATOM   1417 C CG  . GLU A 1 186 ? 8.518   15.025  -3.226  1.00 74.82  ? 186  GLU A CG  1 
ATOM   1418 C CD  . GLU A 1 186 ? 8.742   16.191  -2.284  1.00 78.80  ? 186  GLU A CD  1 
ATOM   1419 O OE1 . GLU A 1 186 ? 8.368   16.068  -1.095  1.00 79.20  ? 186  GLU A OE1 1 
ATOM   1420 O OE2 . GLU A 1 186 ? 9.299   17.221  -2.733  1.00 77.10  ? 186  GLU A OE2 1 
ATOM   1421 N N   . VAL A 1 187 ? 7.856   13.357  -5.600  1.00 63.50  ? 187  VAL A N   1 
ATOM   1422 C CA  . VAL A 1 187 ? 7.887   13.708  -7.000  1.00 69.35  ? 187  VAL A CA  1 
ATOM   1423 C C   . VAL A 1 187 ? 7.611   15.193  -7.196  1.00 68.74  ? 187  VAL A C   1 
ATOM   1424 O O   . VAL A 1 187 ? 8.018   15.768  -8.205  1.00 69.02  ? 187  VAL A O   1 
ATOM   1425 C CB  . VAL A 1 187 ? 6.869   12.880  -7.782  1.00 73.85  ? 187  VAL A CB  1 
ATOM   1426 C CG1 . VAL A 1 187 ? 7.169   11.404  -7.596  1.00 68.55  ? 187  VAL A CG1 1 
ATOM   1427 C CG2 . VAL A 1 187 ? 5.466   13.196  -7.294  1.00 68.83  ? 187  VAL A CG2 1 
HETATM 1428 O O   . HOH B 2 .   ? -3.089  13.217  1.136   1.00 64.67  ? 2001 HOH A O   1 
HETATM 1429 O O   . HOH B 2 .   ? 11.804  0.066   -6.746  1.00 44.68  ? 2002 HOH A O   1 
HETATM 1430 O O   . HOH B 2 .   ? 12.605  -4.336  -1.368  1.00 54.92  ? 2003 HOH A O   1 
HETATM 1431 O O   . HOH B 2 .   ? 4.886   -6.211  -13.697 1.00 52.72  ? 2004 HOH A O   1 
HETATM 1432 O O   . HOH B 2 .   ? -0.455  -0.907  -16.290 1.00 57.39  ? 2005 HOH A O   1 
HETATM 1433 O O   . HOH B 2 .   ? -1.760  -3.671  -16.106 1.00 63.98  ? 2006 HOH A O   1 
HETATM 1434 O O   . HOH B 2 .   ? -7.820  -4.788  -12.968 1.00 62.69  ? 2007 HOH A O   1 
HETATM 1435 O O   . HOH B 2 .   ? -8.048  2.506   -12.103 1.00 58.90  ? 2008 HOH A O   1 
HETATM 1436 O O   . HOH B 2 .   ? 5.587   -7.488  -11.914 1.00 54.62  ? 2009 HOH A O   1 
HETATM 1437 O O   . HOH B 2 .   ? 10.594  -0.497  -14.027 1.00 56.68  ? 2010 HOH A O   1 
HETATM 1438 O O   . HOH B 2 .   ? 19.168  0.625   -7.183  1.00 60.86  ? 2011 HOH A O   1 
HETATM 1439 O O   . HOH B 2 .   ? 1.846   4.911   -13.355 1.00 54.70  ? 2012 HOH A O   1 
HETATM 1440 O O   . HOH B 2 .   ? -0.698  9.624   10.871  1.00 68.37  ? 2013 HOH A O   1 
HETATM 1441 O O   . HOH B 2 .   ? 1.281   4.826   9.692   1.00 59.45  ? 2014 HOH A O   1 
HETATM 1442 O O   . HOH B 2 .   ? -11.161 4.291   4.696   1.00 56.06  ? 2015 HOH A O   1 
HETATM 1443 O O   . HOH B 2 .   ? -6.540  3.632   1.386   1.00 43.31  ? 2016 HOH A O   1 
HETATM 1444 O O   . HOH B 2 .   ? -13.808 -5.909  -2.911  1.00 57.58  ? 2017 HOH A O   1 
HETATM 1445 O O   . HOH B 2 .   ? -11.906 -8.695  -3.508  1.00 53.39  ? 2018 HOH A O   1 
HETATM 1446 O O   . HOH B 2 .   ? -7.785  -10.182 -2.331  1.00 40.77  ? 2019 HOH A O   1 
HETATM 1447 O O   . HOH B 2 .   ? -14.334 -11.650 -4.060  1.00 58.51  ? 2020 HOH A O   1 
HETATM 1448 O O   . HOH B 2 .   ? -4.028  -22.836 -2.211  0.50 52.21  ? 2021 HOH A O   1 
HETATM 1449 O O   . HOH B 2 .   ? -9.043  -1.189  7.137   1.00 54.23  ? 2022 HOH A O   1 
HETATM 1450 O O   . HOH B 2 .   ? -9.786  -5.304  13.898  1.00 56.44  ? 2023 HOH A O   1 
HETATM 1451 O O   . HOH B 2 .   ? -11.540 -2.267  15.968  1.00 57.73  ? 2024 HOH A O   1 
HETATM 1452 O O   . HOH B 2 .   ? -7.854  0.136   15.231  1.00 63.69  ? 2025 HOH A O   1 
HETATM 1453 O O   . HOH B 2 .   ? 1.626   -10.041 8.726   1.00 54.54  ? 2026 HOH A O   1 
HETATM 1454 O O   . HOH B 2 .   ? 7.987   -10.913 8.475   1.00 59.98  ? 2027 HOH A O   1 
HETATM 1455 O O   . HOH B 2 .   ? 6.863   -11.049 0.549   1.00 53.12  ? 2028 HOH A O   1 
HETATM 1456 O O   . HOH B 2 .   ? 2.449   -16.301 -12.412 1.00 59.91  ? 2029 HOH A O   1 
HETATM 1457 O O   . HOH B 2 .   ? 10.102  -12.285 -7.790  1.00 62.29  ? 2030 HOH A O   1 
HETATM 1458 O O   . HOH B 2 .   ? 13.046  -11.801 -8.062  1.00 62.56  ? 2031 HOH A O   1 
HETATM 1459 O O   . HOH B 2 .   ? 10.631  -11.600 7.553   1.00 55.06  ? 2032 HOH A O   1 
HETATM 1460 O O   . HOH B 2 .   ? 11.990  -6.034  0.562   1.00 54.55  ? 2033 HOH A O   1 
# 
loop_
_atom_site_anisotrop.id 
_atom_site_anisotrop.type_symbol 
_atom_site_anisotrop.pdbx_label_atom_id 
_atom_site_anisotrop.pdbx_label_alt_id 
_atom_site_anisotrop.pdbx_label_comp_id 
_atom_site_anisotrop.pdbx_label_asym_id 
_atom_site_anisotrop.pdbx_label_seq_id 
_atom_site_anisotrop.pdbx_PDB_ins_code 
_atom_site_anisotrop.U[1][1] 
_atom_site_anisotrop.U[2][2] 
_atom_site_anisotrop.U[3][3] 
_atom_site_anisotrop.U[1][2] 
_atom_site_anisotrop.U[1][3] 
_atom_site_anisotrop.U[2][3] 
_atom_site_anisotrop.pdbx_auth_seq_id 
_atom_site_anisotrop.pdbx_auth_comp_id 
_atom_site_anisotrop.pdbx_auth_asym_id 
_atom_site_anisotrop.pdbx_auth_atom_id 
653 N N   . THR A 89 ? 0.5038 0.6893 0.9541 -0.1456 0.0955  0.1109  89 THR A N   
654 C CA  . THR A 89 ? 0.8012 0.7465 0.8341 -0.2439 0.1285  0.0780  89 THR A CA  
655 C C   . THR A 89 ? 0.8626 0.8001 0.8697 -0.2346 0.0554  -0.0243 89 THR A C   
656 O O   . THR A 89 ? 0.9817 0.7950 0.9165 -0.3475 0.1113  -0.1514 89 THR A O   
657 C CB  . THR A 89 ? 0.9912 0.7254 0.9385 -0.2048 0.0957  0.2468  89 THR A CB  
658 O OG1 . THR A 89 ? 0.9914 0.7168 1.0816 -0.1966 0.0513  0.3241  89 THR A OG1 
659 C CG2 . THR A 89 ? 0.9959 0.8816 0.7485 -0.1504 0.2276  0.3967  89 THR A CG2 
660 N N   . VAL A 90 ? 0.7676 0.8757 0.8140 -0.2666 -0.1001 0.0852  90 VAL A N   
661 C CA  . VAL A 90 ? 0.9513 0.9100 0.9636 -0.2143 -0.0537 0.2107  90 VAL A CA  
662 C C   . VAL A 90 ? 0.9479 0.8873 1.1728 -0.2353 0.0370  0.3069  90 VAL A C   
663 O O   . VAL A 90 ? 0.9406 0.7851 1.2841 -0.1251 0.0407  0.4688  90 VAL A O   
664 C CB  . VAL A 90 ? 1.0069 0.9678 0.7239 -0.2753 -0.2480 0.2176  90 VAL A CB  
665 C CG1 . VAL A 90 ? 0.9199 1.0817 0.5367 -0.2786 -0.1257 0.2909  90 VAL A CG1 
666 C CG2 . VAL A 90 ? 1.1178 0.9641 0.7156 -0.3326 -0.2014 0.2300  90 VAL A CG2 
667 N N   . LYS A 91 ? 0.9310 1.1118 1.2544 -0.3141 -0.0893 0.3311  91 LYS A N   
668 C CA  . LYS A 91 ? 0.9912 1.1313 1.2453 -0.2161 -0.0723 0.5042  91 LYS A CA  
669 C C   . LYS A 91 ? 1.0169 1.1805 1.3729 -0.0152 -0.1132 0.4412  91 LYS A C   
670 O O   . LYS A 91 ? 0.8041 1.0647 1.4913 0.0781  -0.0075 0.4759  91 LYS A O   
671 C CB  . LYS A 91 ? 1.0978 1.2294 1.2101 -0.2091 -0.0208 0.4483  91 LYS A CB  
672 C CG  . LYS A 91 ? 1.2774 1.1420 1.0193 -0.2839 -0.1365 0.4226  91 LYS A CG  
673 C CD  . LYS A 91 ? 1.3459 1.0507 1.0432 -0.3215 -0.0986 0.4074  91 LYS A CD  
674 C CE  . LYS A 91 ? 1.3064 0.9919 1.1532 -0.1314 -0.2383 0.1692  91 LYS A CE  
675 N NZ  . LYS A 91 ? 1.2601 0.9828 1.2992 -0.0568 -0.2956 0.0969  91 LYS A NZ  
676 N N   . LEU A 92 ? 1.2016 1.0639 1.1833 0.0065  -0.2596 0.3781  92 LEU A N   
677 C CA  . LEU A 92 ? 1.0788 1.0647 1.1959 -0.0454 -0.2018 0.2680  92 LEU A CA  
678 C C   . LEU A 92 ? 0.8568 1.0833 1.3906 0.0156  -0.0949 0.2347  92 LEU A C   
679 O O   . LEU A 92 ? 0.7297 1.1329 1.6250 0.0957  -0.0625 0.3881  92 LEU A O   
680 C CB  . LEU A 92 ? 1.1390 1.1659 1.1274 -0.0608 -0.2933 0.2841  92 LEU A CB  
681 C CG  . LEU A 92 ? 1.0607 1.1279 1.1545 -0.1073 -0.2590 0.2204  92 LEU A CG  
682 C CD1 . LEU A 92 ? 0.6490 1.0241 1.2548 -0.2520 0.0608  0.0719  92 LEU A CD1 
683 C CD2 . LEU A 92 ? 1.3009 1.1484 0.9884 0.0216  -0.4352 0.1512  92 LEU A CD2 
# 
